data_6LHR
#
_entry.id   6LHR
#
_cell.length_a   176.258
_cell.length_b   96.290
_cell.length_c   112.350
_cell.angle_alpha   90.000
_cell.angle_beta   123.133
_cell.angle_gamma   90.000
#
_symmetry.space_group_name_H-M   'C 1 2 1'
#
loop_
_entity.id
_entity.type
_entity.pdbx_description
1 polymer 'Synaptic vesicle membrane protein VAT-1 homolog'
2 non-polymer 'NADP NICOTINAMIDE-ADENINE-DINUCLEOTIDE PHOSPHATE'
3 water water
#
_entity_poly.entity_id   1
_entity_poly.type   'polypeptide(L)'
_entity_poly.pdbx_seq_one_letter_code
;GPASPPLLRCLVLTGFGGYDKVKLQSRPAAPPAPGPGQLTLRLRACGLNFADLMARQGLYDRLPPLPVTPGMEGAGVVIA
VGEGVSDRKAGDRVMVLNRSGMWQEEVTVPSVQTFLIPEAMTFEEAAALLVNYITAYMVLFDFGNLQPGHSVLVHMAAGG
VGMAAVQLCRTVENVTVFGTASASKHEALKENGVTHPIDYHTTDYVDEIKKISPKGVDIVMDPLGGSDTAKGYNLLKPMG
KVVTYGMANLLTGPKRNLMALARTWWNQFSVTALQLLQANRAVCGFHLGYLDGEVELVSGVVARLLALYNQGHIKPHIDS
VWPFEKVADAMKQMQEKKNVGKVLLVPGPEKEN
;
_entity_poly.pdbx_strand_id   A,B,C,D
#
loop_
_chem_comp.id
_chem_comp.type
_chem_comp.name
_chem_comp.formula
NAP non-polymer 'NADP NICOTINAMIDE-ADENINE-DINUCLEOTIDE PHOSPHATE' 'C21 H28 N7 O17 P3'
#
# COMPACT_ATOMS: atom_id res chain seq x y z
N PRO A 6 5.62 -34.60 46.56
CA PRO A 6 6.27 -33.36 46.11
C PRO A 6 5.75 -32.88 44.75
N LEU A 7 4.56 -32.28 44.73
CA LEU A 7 3.95 -31.87 43.47
C LEU A 7 4.42 -30.49 43.05
N LEU A 8 4.30 -30.22 41.74
CA LEU A 8 4.70 -28.96 41.14
C LEU A 8 3.46 -28.28 40.57
N ARG A 9 3.40 -26.96 40.72
CA ARG A 9 2.21 -26.21 40.36
C ARG A 9 2.41 -25.54 39.01
N CYS A 10 1.33 -25.42 38.24
CA CYS A 10 1.43 -24.76 36.94
C CYS A 10 0.10 -24.12 36.57
N LEU A 11 0.19 -23.04 35.79
CA LEU A 11 -0.97 -22.41 35.19
C LEU A 11 -1.01 -22.78 33.73
N VAL A 12 -2.19 -23.14 33.23
CA VAL A 12 -2.33 -23.54 31.84
C VAL A 12 -3.50 -22.79 31.22
N LEU A 13 -3.29 -22.28 30.02
CA LEU A 13 -4.32 -21.62 29.24
C LEU A 13 -4.88 -22.68 28.30
N THR A 14 -6.06 -23.17 28.62
CA THR A 14 -6.71 -24.18 27.80
C THR A 14 -7.48 -23.55 26.64
N GLY A 15 -8.17 -22.41 26.89
CA GLY A 15 -8.93 -21.74 25.85
C GLY A 15 -8.84 -20.23 25.96
N PHE A 16 -9.36 -19.57 24.93
CA PHE A 16 -9.37 -18.11 24.84
C PHE A 16 -10.65 -17.55 25.43
N GLY A 17 -10.52 -16.50 26.25
CA GLY A 17 -11.69 -15.87 26.82
C GLY A 17 -11.35 -15.07 28.06
N GLY A 18 -12.19 -15.17 29.08
CA GLY A 18 -12.02 -14.41 30.29
C GLY A 18 -10.99 -15.01 31.24
N TYR A 19 -11.00 -14.51 32.47
CA TYR A 19 -9.97 -14.86 33.44
C TYR A 19 -10.00 -16.34 33.76
N ASP A 20 -11.19 -16.94 33.80
CA ASP A 20 -11.33 -18.33 34.20
C ASP A 20 -10.67 -19.29 33.22
N LYS A 21 -10.17 -18.82 32.08
CA LYS A 21 -9.57 -19.73 31.12
C LYS A 21 -8.14 -20.10 31.46
N VAL A 22 -7.57 -19.54 32.53
CA VAL A 22 -6.27 -19.96 33.03
C VAL A 22 -6.52 -20.78 34.28
N LYS A 23 -6.10 -22.04 34.26
CA LYS A 23 -6.43 -22.98 35.32
C LYS A 23 -5.17 -23.48 36.02
N LEU A 24 -5.31 -23.76 37.31
CA LEU A 24 -4.22 -24.28 38.13
C LEU A 24 -4.19 -25.80 38.03
N GLN A 25 -2.98 -26.36 37.97
CA GLN A 25 -2.78 -27.78 37.80
C GLN A 25 -1.54 -28.21 38.57
N SER A 26 -1.40 -29.52 38.76
CA SER A 26 -0.26 -30.11 39.44
C SER A 26 0.35 -31.20 38.56
N ARG A 27 1.61 -31.51 38.83
CA ARG A 27 2.34 -32.46 38.02
C ARG A 27 3.36 -33.14 38.93
N PRO A 28 3.65 -34.43 38.71
CA PRO A 28 4.66 -35.10 39.53
C PRO A 28 6.05 -34.52 39.27
N ALA A 29 6.82 -34.35 40.33
CA ALA A 29 8.15 -33.77 40.22
C ALA A 29 9.08 -34.82 39.64
N ALA A 30 9.17 -34.85 38.31
CA ALA A 30 10.14 -35.71 37.65
C ALA A 30 11.56 -35.24 37.94
N PRO A 31 12.55 -36.12 37.89
CA PRO A 31 13.94 -35.70 38.09
C PRO A 31 14.39 -34.73 37.02
N PRO A 32 15.13 -33.67 37.39
CA PRO A 32 15.57 -32.67 36.40
C PRO A 32 16.60 -33.27 35.45
N ALA A 33 16.32 -33.19 34.14
CA ALA A 33 17.19 -33.73 33.10
C ALA A 33 17.40 -32.70 31.99
N PRO A 34 18.37 -31.80 32.13
CA PRO A 34 18.60 -30.80 31.08
C PRO A 34 19.43 -31.34 29.92
N GLY A 35 19.03 -30.95 28.71
CA GLY A 35 19.72 -31.36 27.52
C GLY A 35 21.02 -30.60 27.33
N PRO A 36 21.58 -30.67 26.12
CA PRO A 36 22.82 -29.92 25.85
C PRO A 36 22.55 -28.42 25.78
N GLY A 37 23.40 -27.64 26.44
CA GLY A 37 23.20 -26.20 26.45
C GLY A 37 21.89 -25.74 27.08
N GLN A 38 21.40 -26.47 28.08
CA GLN A 38 20.10 -26.19 28.66
C GLN A 38 20.22 -26.03 30.17
N LEU A 39 19.18 -25.46 30.77
CA LEU A 39 19.10 -25.22 32.21
C LEU A 39 17.70 -25.58 32.66
N THR A 40 17.57 -26.38 33.69
CA THR A 40 16.28 -26.55 34.34
C THR A 40 16.33 -25.87 35.70
N LEU A 41 15.30 -25.08 35.99
CA LEU A 41 15.29 -24.21 37.16
C LEU A 41 13.89 -24.10 37.73
N ARG A 42 13.82 -23.79 39.03
CA ARG A 42 12.57 -23.64 39.76
C ARG A 42 12.29 -22.16 39.95
N LEU A 43 11.07 -21.73 39.64
CA LEU A 43 10.74 -20.32 39.59
C LEU A 43 10.17 -19.85 40.93
N ARG A 44 10.69 -18.72 41.40
CA ARG A 44 10.12 -18.06 42.57
C ARG A 44 9.13 -16.97 42.21
N ALA A 45 9.33 -16.26 41.10
CA ALA A 45 8.41 -15.23 40.70
C ALA A 45 8.35 -15.13 39.19
N CYS A 46 7.18 -14.75 38.69
CA CYS A 46 6.89 -14.64 37.27
C CYS A 46 6.22 -13.31 37.00
N GLY A 47 6.50 -12.75 35.84
CA GLY A 47 5.95 -11.46 35.49
C GLY A 47 4.59 -11.63 34.83
N LEU A 48 3.68 -10.72 35.15
CA LEU A 48 2.44 -10.57 34.41
C LEU A 48 2.66 -9.41 33.43
N ASN A 49 2.49 -9.70 32.15
CA ASN A 49 2.67 -8.73 31.07
C ASN A 49 1.36 -8.52 30.34
N PHE A 50 1.27 -7.36 29.69
CA PHE A 50 0.11 -7.09 28.85
C PHE A 50 -0.02 -8.15 27.77
N ALA A 51 1.11 -8.63 27.25
CA ALA A 51 1.09 -9.67 26.24
C ALA A 51 0.42 -10.95 26.75
N ASP A 52 0.56 -11.25 28.05
CA ASP A 52 -0.11 -12.42 28.60
C ASP A 52 -1.62 -12.26 28.57
N LEU A 53 -2.13 -11.07 28.89
CA LEU A 53 -3.56 -10.79 28.75
C LEU A 53 -4.02 -10.94 27.30
N MET A 54 -3.22 -10.40 26.37
CA MET A 54 -3.56 -10.50 24.97
C MET A 54 -3.61 -11.96 24.52
N ALA A 55 -2.63 -12.76 24.95
CA ALA A 55 -2.61 -14.18 24.61
C ALA A 55 -3.81 -14.90 25.19
N ARG A 56 -4.21 -14.53 26.40
CA ARG A 56 -5.39 -15.13 26.99
C ARG A 56 -6.64 -14.84 26.17
N GLN A 57 -6.70 -13.66 25.54
CA GLN A 57 -7.81 -13.40 24.64
C GLN A 57 -7.58 -13.93 23.23
N GLY A 58 -6.44 -14.56 22.95
CA GLY A 58 -6.16 -15.01 21.60
C GLY A 58 -5.70 -13.93 20.64
N LEU A 59 -5.03 -12.88 21.14
CA LEU A 59 -4.58 -11.77 20.32
C LEU A 59 -3.07 -11.62 20.33
N TYR A 60 -2.35 -12.59 20.84
CA TYR A 60 -0.89 -12.60 20.79
C TYR A 60 -0.55 -13.76 19.87
N ASP A 61 -0.03 -13.42 18.70
CA ASP A 61 0.21 -14.43 17.67
C ASP A 61 1.44 -15.28 17.94
N ARG A 62 2.34 -14.84 18.81
CA ARG A 62 3.53 -15.64 19.10
C ARG A 62 3.25 -16.71 20.14
N LEU A 63 1.99 -16.91 20.49
CA LEU A 63 1.65 -17.91 21.51
C LEU A 63 1.56 -19.27 20.85
N PRO A 64 2.23 -20.29 21.41
CA PRO A 64 2.12 -21.65 20.84
C PRO A 64 0.70 -22.17 20.92
N PRO A 65 0.39 -23.28 20.25
CA PRO A 65 -0.99 -23.79 20.25
C PRO A 65 -1.46 -24.18 21.63
N LEU A 66 -2.79 -24.14 21.81
CA LEU A 66 -3.40 -24.45 23.09
C LEU A 66 -3.51 -25.96 23.28
N PRO A 67 -3.43 -26.44 24.55
CA PRO A 67 -3.22 -25.66 25.77
C PRO A 67 -1.74 -25.40 25.97
N VAL A 68 -1.43 -24.33 26.71
CA VAL A 68 -0.04 -23.92 26.92
C VAL A 68 0.04 -23.13 28.22
N THR A 69 1.20 -23.21 28.88
CA THR A 69 1.46 -22.36 30.04
C THR A 69 1.96 -21.01 29.56
N PRO A 70 1.27 -19.92 29.86
CA PRO A 70 1.72 -18.60 29.40
C PRO A 70 2.90 -18.06 30.21
N GLY A 71 3.22 -16.80 29.99
CA GLY A 71 4.28 -16.14 30.72
C GLY A 71 5.62 -16.17 30.01
N MET A 72 6.28 -15.01 29.95
CA MET A 72 7.48 -14.87 29.14
C MET A 72 8.70 -14.47 29.94
N GLU A 73 8.58 -14.28 31.25
CA GLU A 73 9.74 -13.94 32.06
C GLU A 73 9.54 -14.43 33.48
N GLY A 74 10.64 -14.83 34.09
CA GLY A 74 10.60 -15.30 35.46
C GLY A 74 11.97 -15.18 36.07
N ALA A 75 12.01 -15.48 37.36
CA ALA A 75 13.28 -15.49 38.08
C ALA A 75 13.26 -16.64 39.06
N GLY A 76 14.39 -17.33 39.15
CA GLY A 76 14.47 -18.49 40.01
C GLY A 76 15.90 -18.96 40.17
N VAL A 77 16.03 -20.22 40.52
CA VAL A 77 17.31 -20.84 40.86
C VAL A 77 17.49 -22.08 39.97
N VAL A 78 18.65 -22.18 39.32
CA VAL A 78 18.93 -23.34 38.47
C VAL A 78 19.17 -24.58 39.33
N ILE A 79 18.42 -25.66 39.06
CA ILE A 79 18.56 -26.88 39.83
C ILE A 79 19.37 -27.91 39.05
N ALA A 80 19.39 -27.83 37.72
CA ALA A 80 20.26 -28.74 36.99
C ALA A 80 20.72 -28.10 35.69
N VAL A 81 21.98 -28.35 35.35
CA VAL A 81 22.64 -27.71 34.23
C VAL A 81 23.04 -28.77 33.21
N GLY A 82 22.68 -28.55 31.95
CA GLY A 82 23.08 -29.44 30.89
C GLY A 82 24.51 -29.21 30.43
N GLU A 83 24.94 -30.02 29.47
CA GLU A 83 26.30 -29.99 28.98
C GLU A 83 26.51 -28.84 27.99
N GLY A 84 27.74 -28.34 27.95
CA GLY A 84 28.10 -27.18 27.15
C GLY A 84 27.85 -25.86 27.84
N VAL A 85 27.26 -25.87 29.03
CA VAL A 85 26.99 -24.65 29.78
C VAL A 85 28.17 -24.41 30.71
N SER A 86 28.91 -23.33 30.48
CA SER A 86 30.10 -23.08 31.27
C SER A 86 29.85 -22.16 32.46
N ASP A 87 29.04 -21.12 32.30
CA ASP A 87 28.86 -20.08 33.31
C ASP A 87 27.83 -20.41 34.40
N ARG A 88 27.07 -21.47 34.26
CA ARG A 88 26.01 -21.80 35.22
C ARG A 88 26.37 -22.99 36.07
N LYS A 89 26.14 -22.88 37.38
CA LYS A 89 26.27 -24.02 38.29
C LYS A 89 24.95 -24.16 39.03
N ALA A 90 24.69 -25.36 39.52
CA ALA A 90 23.45 -25.58 40.25
C ALA A 90 23.38 -24.62 41.43
N GLY A 91 22.19 -24.07 41.66
CA GLY A 91 22.00 -23.10 42.72
C GLY A 91 22.13 -21.64 42.30
N ASP A 92 22.59 -21.36 41.08
CA ASP A 92 22.70 -19.96 40.64
C ASP A 92 21.30 -19.36 40.44
N ARG A 93 21.16 -18.09 40.82
CA ARG A 93 19.91 -17.36 40.64
C ARG A 93 19.92 -16.59 39.33
N VAL A 94 18.92 -16.84 38.50
CA VAL A 94 18.87 -16.27 37.15
C VAL A 94 17.47 -15.76 36.85
N MET A 95 17.42 -14.72 36.04
CA MET A 95 16.18 -14.27 35.40
C MET A 95 16.16 -14.80 33.98
N VAL A 96 15.02 -15.35 33.58
CA VAL A 96 14.85 -16.02 32.31
C VAL A 96 13.79 -15.30 31.49
N LEU A 97 14.09 -15.13 30.20
CA LEU A 97 13.19 -14.57 29.20
C LEU A 97 12.94 -15.66 28.17
N ASN A 98 11.66 -15.97 27.92
CA ASN A 98 11.32 -17.04 27.00
C ASN A 98 9.99 -16.74 26.30
N ARG A 99 9.68 -17.56 25.31
CA ARG A 99 8.49 -17.31 24.51
C ARG A 99 7.22 -17.64 25.29
N SER A 100 7.24 -18.69 26.10
CA SER A 100 6.08 -19.07 26.89
C SER A 100 6.53 -20.01 28.00
N GLY A 101 5.58 -20.47 28.80
CA GLY A 101 5.88 -21.50 29.78
C GLY A 101 6.47 -21.03 31.08
N MET A 102 6.34 -19.75 31.42
CA MET A 102 6.97 -19.23 32.62
C MET A 102 6.04 -19.17 33.82
N TRP A 103 4.75 -19.46 33.64
CA TRP A 103 3.80 -19.48 34.77
C TRP A 103 3.66 -20.90 35.32
N GLN A 104 4.79 -21.42 35.78
CA GLN A 104 4.86 -22.77 36.31
C GLN A 104 6.07 -22.82 37.23
N GLU A 105 6.07 -23.81 38.12
CA GLU A 105 7.09 -23.87 39.16
C GLU A 105 8.43 -24.33 38.61
N GLU A 106 8.43 -25.30 37.70
CA GLU A 106 9.65 -25.83 37.09
C GLU A 106 9.64 -25.57 35.59
N VAL A 107 10.76 -25.08 35.06
CA VAL A 107 10.87 -24.85 33.63
C VAL A 107 12.29 -25.15 33.17
N THR A 108 12.42 -25.60 31.92
CA THR A 108 13.70 -25.83 31.29
C THR A 108 13.83 -24.91 30.08
N VAL A 109 14.95 -24.20 30.00
CA VAL A 109 15.16 -23.14 29.01
C VAL A 109 16.61 -23.15 28.55
N PRO A 110 16.88 -22.62 27.36
CA PRO A 110 18.28 -22.46 26.93
C PRO A 110 19.06 -21.60 27.91
N SER A 111 20.30 -22.03 28.19
CA SER A 111 21.14 -21.29 29.13
C SER A 111 21.40 -19.86 28.68
N VAL A 112 21.45 -19.63 27.36
CA VAL A 112 21.78 -18.30 26.84
C VAL A 112 20.62 -17.32 26.97
N GLN A 113 19.43 -17.82 27.31
CA GLN A 113 18.26 -16.99 27.59
C GLN A 113 18.10 -16.67 29.06
N THR A 114 19.11 -16.94 29.89
CA THR A 114 19.09 -16.62 31.31
C THR A 114 20.17 -15.60 31.63
N PHE A 115 19.99 -14.91 32.76
CA PHE A 115 20.91 -13.86 33.16
C PHE A 115 21.12 -13.89 34.67
N LEU A 116 22.37 -13.77 35.08
CA LEU A 116 22.70 -13.86 36.49
C LEU A 116 22.11 -12.68 37.24
N ILE A 117 21.34 -13.00 38.28
CA ILE A 117 20.74 -11.96 39.14
C ILE A 117 21.84 -11.32 39.96
N PRO A 118 21.85 -10.00 40.12
CA PRO A 118 22.79 -9.35 41.02
C PRO A 118 22.55 -9.75 42.45
N GLU A 119 23.53 -9.41 43.28
CA GLU A 119 23.61 -9.76 44.69
C GLU A 119 22.36 -9.35 45.46
N ALA A 120 22.21 -8.05 45.68
CA ALA A 120 21.14 -7.43 46.44
C ALA A 120 19.81 -7.40 45.70
N MET A 121 19.70 -7.99 44.51
CA MET A 121 18.43 -7.97 43.78
C MET A 121 17.57 -9.16 44.20
N THR A 122 16.33 -8.86 44.58
CA THR A 122 15.35 -9.84 45.01
C THR A 122 14.75 -10.58 43.81
N PHE A 123 14.06 -11.69 44.10
CA PHE A 123 13.39 -12.41 43.03
C PHE A 123 12.35 -11.54 42.35
N GLU A 124 11.65 -10.72 43.14
CA GLU A 124 10.61 -9.87 42.57
C GLU A 124 11.20 -8.85 41.62
N GLU A 125 12.27 -8.18 42.04
CA GLU A 125 12.92 -7.21 41.17
C GLU A 125 13.45 -7.86 39.90
N ALA A 126 14.05 -9.05 40.02
CA ALA A 126 14.58 -9.73 38.85
C ALA A 126 13.47 -10.09 37.87
N ALA A 127 12.35 -10.62 38.40
CA ALA A 127 11.23 -10.96 37.54
C ALA A 127 10.60 -9.72 36.91
N ALA A 128 10.75 -8.55 37.55
CA ALA A 128 10.19 -7.33 36.98
C ALA A 128 11.12 -6.64 36.01
N LEU A 129 12.41 -6.98 36.00
CA LEU A 129 13.38 -6.18 35.23
C LEU A 129 13.24 -6.38 33.73
N LEU A 130 13.31 -7.63 33.27
CA LEU A 130 13.66 -7.96 31.89
C LEU A 130 12.73 -7.37 30.83
N VAL A 131 11.50 -7.86 30.75
CA VAL A 131 10.61 -7.44 29.66
C VAL A 131 10.44 -5.93 29.63
N ASN A 132 10.02 -5.35 30.75
CA ASN A 132 9.73 -3.91 30.78
C ASN A 132 10.98 -3.08 30.46
N TYR A 133 12.12 -3.40 31.10
CA TYR A 133 13.29 -2.53 30.95
C TYR A 133 14.02 -2.75 29.65
N ILE A 134 14.03 -3.97 29.11
CA ILE A 134 14.54 -4.17 27.77
C ILE A 134 13.73 -3.38 26.77
N THR A 135 12.39 -3.53 26.81
CA THR A 135 11.54 -2.81 25.88
C THR A 135 11.75 -1.31 26.00
N ALA A 136 11.76 -0.77 27.23
CA ALA A 136 11.94 0.66 27.40
C ALA A 136 13.31 1.11 26.92
N TYR A 137 14.36 0.34 27.22
CA TYR A 137 15.70 0.74 26.80
C TYR A 137 15.80 0.79 25.28
N MET A 138 15.26 -0.22 24.61
CA MET A 138 15.37 -0.29 23.16
C MET A 138 14.43 0.69 22.46
N VAL A 139 13.30 1.02 23.08
CA VAL A 139 12.45 2.03 22.47
C VAL A 139 13.10 3.40 22.58
N LEU A 140 13.65 3.74 23.76
CA LEU A 140 14.14 5.08 23.99
C LEU A 140 15.52 5.32 23.39
N PHE A 141 16.38 4.30 23.33
CA PHE A 141 17.78 4.52 22.96
C PHE A 141 18.12 3.93 21.59
N ASP A 142 17.89 2.64 21.38
CA ASP A 142 18.21 2.05 20.09
C ASP A 142 17.39 2.66 18.96
N PHE A 143 16.09 2.84 19.18
CA PHE A 143 15.23 3.51 18.22
C PHE A 143 15.10 5.01 18.51
N GLY A 144 14.78 5.37 19.74
CA GLY A 144 14.49 6.77 20.05
C GLY A 144 15.70 7.69 20.05
N ASN A 145 16.89 7.16 20.34
CA ASN A 145 18.11 7.96 20.39
C ASN A 145 17.96 9.14 21.34
N LEU A 146 17.53 8.83 22.56
CA LEU A 146 17.28 9.86 23.57
C LEU A 146 18.54 10.65 23.86
N GLN A 147 18.40 11.96 23.91
CA GLN A 147 19.50 12.91 24.06
C GLN A 147 19.14 13.95 25.10
N PRO A 148 20.16 14.59 25.70
CA PRO A 148 19.88 15.69 26.62
C PRO A 148 19.05 16.75 25.94
N GLY A 149 18.04 17.24 26.66
CA GLY A 149 17.17 18.28 26.16
C GLY A 149 15.93 17.81 25.41
N HIS A 150 15.79 16.52 25.19
CA HIS A 150 14.66 16.02 24.42
C HIS A 150 13.39 16.02 25.27
N SER A 151 12.25 15.87 24.59
CA SER A 151 10.97 15.67 25.23
C SER A 151 10.44 14.29 24.82
N VAL A 152 9.92 13.55 25.79
CA VAL A 152 9.45 12.20 25.56
C VAL A 152 8.01 12.13 26.05
N LEU A 153 7.13 11.56 25.22
CA LEU A 153 5.79 11.20 25.63
C LEU A 153 5.80 9.71 25.93
N VAL A 154 5.59 9.37 27.21
CA VAL A 154 5.54 7.99 27.70
C VAL A 154 4.07 7.70 27.97
N HIS A 155 3.41 7.00 27.05
CA HIS A 155 2.05 6.53 27.30
C HIS A 155 2.06 5.40 28.32
N MET A 156 0.95 5.26 29.04
CA MET A 156 0.81 4.24 30.09
C MET A 156 1.96 4.33 31.09
N ALA A 157 2.25 5.56 31.52
CA ALA A 157 3.46 5.84 32.30
C ALA A 157 3.45 5.20 33.68
N ALA A 158 2.29 4.76 34.18
CA ALA A 158 2.22 4.07 35.45
C ALA A 158 2.26 2.56 35.28
N GLY A 159 2.48 2.07 34.06
CA GLY A 159 2.62 0.66 33.80
C GLY A 159 4.06 0.21 33.96
N GLY A 160 4.29 -1.07 33.64
CA GLY A 160 5.61 -1.66 33.77
C GLY A 160 6.63 -1.01 32.85
N VAL A 161 6.35 -1.13 31.54
CA VAL A 161 7.17 -0.43 30.55
C VAL A 161 7.23 1.06 30.88
N GLY A 162 6.08 1.64 31.27
CA GLY A 162 6.03 3.08 31.48
C GLY A 162 6.95 3.55 32.58
N MET A 163 6.88 2.91 33.76
CA MET A 163 7.75 3.32 34.86
C MET A 163 9.20 3.05 34.52
N ALA A 164 9.49 1.93 33.84
CA ALA A 164 10.86 1.69 33.42
C ALA A 164 11.36 2.82 32.51
N ALA A 165 10.53 3.24 31.55
CA ALA A 165 10.93 4.27 30.59
C ALA A 165 11.10 5.61 31.28
N VAL A 166 10.29 5.90 32.29
CA VAL A 166 10.48 7.16 33.01
C VAL A 166 11.81 7.14 33.75
N GLN A 167 12.14 6.02 34.39
CA GLN A 167 13.42 5.94 35.09
C GLN A 167 14.59 6.09 34.11
N LEU A 168 14.52 5.39 32.98
CA LEU A 168 15.58 5.52 31.98
C LEU A 168 15.68 6.94 31.45
N CYS A 169 14.54 7.64 31.31
CA CYS A 169 14.58 9.05 30.92
C CYS A 169 15.34 9.88 31.95
N ARG A 170 15.13 9.60 33.23
CA ARG A 170 15.88 10.31 34.25
C ARG A 170 17.37 10.04 34.13
N THR A 171 17.75 8.86 33.60
CA THR A 171 19.20 8.67 33.43
C THR A 171 19.79 9.54 32.33
N VAL A 172 19.01 10.35 31.64
CA VAL A 172 19.53 11.23 30.60
C VAL A 172 19.32 12.66 31.05
N GLU A 173 20.35 13.48 30.85
CA GLU A 173 20.35 14.81 31.44
C GLU A 173 19.26 15.66 30.83
N ASN A 174 18.46 16.29 31.68
CA ASN A 174 17.47 17.29 31.27
C ASN A 174 16.54 16.76 30.19
N VAL A 175 15.70 15.80 30.58
CA VAL A 175 14.72 15.20 29.70
C VAL A 175 13.33 15.49 30.24
N THR A 176 12.49 16.15 29.44
CA THR A 176 11.12 16.42 29.84
C THR A 176 10.22 15.25 29.47
N VAL A 177 9.48 14.74 30.46
CA VAL A 177 8.67 13.54 30.29
C VAL A 177 7.20 13.89 30.46
N PHE A 178 6.45 13.69 29.39
CA PHE A 178 4.99 13.73 29.44
C PHE A 178 4.50 12.31 29.69
N GLY A 179 3.78 12.10 30.79
CA GLY A 179 3.30 10.76 31.11
C GLY A 179 1.79 10.66 31.23
N THR A 180 1.18 9.69 30.56
CA THR A 180 -0.27 9.55 30.59
C THR A 180 -0.69 8.37 31.46
N ALA A 181 -1.59 8.63 32.38
CA ALA A 181 -2.14 7.62 33.29
C ALA A 181 -3.31 8.24 34.01
N SER A 182 -4.09 7.38 34.69
CA SER A 182 -5.25 7.84 35.41
C SER A 182 -4.84 8.81 36.49
N ALA A 183 -5.74 9.75 36.80
CA ALA A 183 -5.40 10.87 37.68
C ALA A 183 -4.88 10.38 39.05
N SER A 184 -5.48 9.33 39.61
CA SER A 184 -4.99 8.80 40.88
C SER A 184 -3.50 8.52 40.84
N LYS A 185 -3.05 7.78 39.82
CA LYS A 185 -1.62 7.47 39.65
C LYS A 185 -0.73 8.70 39.45
N HIS A 186 -1.31 9.88 39.15
CA HIS A 186 -0.50 11.05 38.83
C HIS A 186 0.53 11.36 39.89
N GLU A 187 0.15 11.29 41.17
CA GLU A 187 1.14 11.54 42.22
C GLU A 187 2.29 10.56 42.13
N ALA A 188 1.99 9.27 42.01
CA ALA A 188 3.05 8.28 41.80
C ALA A 188 3.91 8.66 40.60
N LEU A 189 3.28 9.09 39.50
CA LEU A 189 4.04 9.52 38.32
C LEU A 189 5.06 10.59 38.69
N LYS A 190 4.64 11.63 39.43
CA LYS A 190 5.61 12.66 39.76
C LYS A 190 6.75 12.12 40.63
N GLU A 191 6.49 11.11 41.47
CA GLU A 191 7.58 10.54 42.25
C GLU A 191 8.56 9.79 41.36
N ASN A 192 8.09 9.20 40.27
CA ASN A 192 8.95 8.40 39.42
C ASN A 192 9.68 9.23 38.37
N GLY A 193 9.23 10.46 38.11
CA GLY A 193 9.98 11.31 37.20
C GLY A 193 9.17 11.89 36.06
N VAL A 194 7.86 11.70 36.08
CA VAL A 194 7.00 12.30 35.07
C VAL A 194 6.91 13.80 35.32
N THR A 195 7.30 14.58 34.32
CA THR A 195 7.28 16.03 34.44
C THR A 195 5.87 16.59 34.22
N HIS A 196 5.07 15.95 33.36
CA HIS A 196 3.74 16.44 33.02
C HIS A 196 2.73 15.31 32.99
N PRO A 197 2.10 14.99 34.12
CA PRO A 197 1.07 13.95 34.12
C PRO A 197 -0.17 14.39 33.37
N ILE A 198 -0.75 13.47 32.61
CA ILE A 198 -1.95 13.75 31.82
C ILE A 198 -2.88 12.56 31.94
N ASP A 199 -4.15 12.82 32.27
CA ASP A 199 -5.15 11.76 32.36
C ASP A 199 -5.85 11.70 31.01
N TYR A 200 -5.37 10.80 30.14
CA TYR A 200 -5.97 10.64 28.82
C TYR A 200 -7.33 9.95 28.86
N HIS A 201 -7.79 9.50 30.04
CA HIS A 201 -9.14 8.96 30.17
C HIS A 201 -10.19 10.06 30.28
N THR A 202 -9.80 11.25 30.73
CA THR A 202 -10.71 12.37 30.92
C THR A 202 -10.38 13.58 30.07
N THR A 203 -9.24 13.61 29.39
CA THR A 203 -8.85 14.74 28.56
C THR A 203 -8.18 14.25 27.28
N ASP A 204 -7.96 15.18 26.34
CA ASP A 204 -7.23 14.88 25.11
C ASP A 204 -5.76 15.18 25.34
N TYR A 205 -4.92 14.13 25.32
CA TYR A 205 -3.51 14.30 25.65
C TYR A 205 -2.76 15.09 24.59
N VAL A 206 -3.20 14.99 23.32
CA VAL A 206 -2.59 15.83 22.28
C VAL A 206 -2.70 17.30 22.66
N ASP A 207 -3.91 17.70 23.08
CA ASP A 207 -4.14 19.10 23.41
C ASP A 207 -3.34 19.53 24.63
N GLU A 208 -3.33 18.71 25.68
CA GLU A 208 -2.59 19.07 26.90
C GLU A 208 -1.11 19.23 26.60
N ILE A 209 -0.54 18.28 25.86
CA ILE A 209 0.85 18.40 25.48
C ILE A 209 1.08 19.69 24.71
N LYS A 210 0.27 19.96 23.68
CA LYS A 210 0.52 21.13 22.85
C LYS A 210 0.26 22.44 23.60
N LYS A 211 -0.52 22.40 24.67
CA LYS A 211 -0.65 23.57 25.52
C LYS A 211 0.64 23.80 26.31
N ILE A 212 1.30 22.72 26.71
CA ILE A 212 2.57 22.89 27.41
C ILE A 212 3.70 23.15 26.41
N SER A 213 3.83 22.29 25.40
CA SER A 213 4.87 22.41 24.39
C SER A 213 4.22 22.41 23.01
N PRO A 214 4.04 23.58 22.39
CA PRO A 214 3.30 23.63 21.12
C PRO A 214 3.99 22.92 19.98
N LYS A 215 5.32 22.90 19.95
CA LYS A 215 5.99 22.21 18.86
C LYS A 215 5.94 20.70 18.99
N GLY A 216 5.48 20.16 20.10
CA GLY A 216 5.38 18.72 20.24
C GLY A 216 6.51 18.15 21.07
N VAL A 217 6.84 16.87 20.83
CA VAL A 217 7.87 16.19 21.60
C VAL A 217 8.84 15.52 20.64
N ASP A 218 9.96 15.04 21.20
CA ASP A 218 11.02 14.45 20.40
C ASP A 218 10.83 12.95 20.21
N ILE A 219 10.32 12.24 21.21
CA ILE A 219 10.07 10.80 21.10
C ILE A 219 8.66 10.54 21.60
N VAL A 220 7.91 9.73 20.88
CA VAL A 220 6.60 9.27 21.34
C VAL A 220 6.61 7.76 21.42
N MET A 221 6.42 7.23 22.63
CA MET A 221 6.24 5.80 22.83
C MET A 221 4.77 5.44 22.65
N ASP A 222 4.48 4.56 21.67
CA ASP A 222 3.12 4.23 21.25
C ASP A 222 2.81 2.76 21.57
N PRO A 223 2.32 2.44 22.76
CA PRO A 223 1.76 1.12 23.00
C PRO A 223 0.28 1.02 22.67
N LEU A 224 -0.38 2.16 22.44
CA LEU A 224 -1.82 2.15 22.22
C LEU A 224 -2.18 1.61 20.85
N GLY A 225 -1.43 1.99 19.81
CA GLY A 225 -1.73 1.53 18.47
C GLY A 225 -3.00 2.16 17.92
N GLY A 226 -3.41 1.66 16.74
CA GLY A 226 -4.62 2.18 16.12
C GLY A 226 -4.47 3.67 15.84
N SER A 227 -5.59 4.39 15.95
CA SER A 227 -5.60 5.83 15.68
C SER A 227 -4.55 6.57 16.48
N ASP A 228 -4.31 6.14 17.73
CA ASP A 228 -3.33 6.82 18.58
C ASP A 228 -1.96 6.90 17.92
N THR A 229 -1.58 5.91 17.12
CA THR A 229 -0.30 5.99 16.41
C THR A 229 -0.20 7.31 15.62
N ALA A 230 -1.24 7.63 14.83
CA ALA A 230 -1.24 8.88 14.07
C ALA A 230 -1.06 10.09 14.99
N LYS A 231 -1.75 10.10 16.13
CA LYS A 231 -1.56 11.22 17.06
C LYS A 231 -0.10 11.34 17.46
N GLY A 232 0.52 10.21 17.81
CA GLY A 232 1.94 10.25 18.11
C GLY A 232 2.74 10.78 16.94
N TYR A 233 2.44 10.31 15.74
CA TYR A 233 3.21 10.80 14.60
C TYR A 233 3.07 12.30 14.45
N ASN A 234 1.90 12.85 14.75
CA ASN A 234 1.74 14.28 14.54
C ASN A 234 2.17 15.10 15.75
N LEU A 235 2.62 14.45 16.83
CA LEU A 235 3.18 15.19 17.95
C LEU A 235 4.68 15.36 17.83
N LEU A 236 5.28 14.88 16.76
CA LEU A 236 6.72 14.82 16.67
C LEU A 236 7.29 16.16 16.23
N LYS A 237 8.30 16.63 16.95
CA LYS A 237 9.10 17.75 16.53
C LYS A 237 9.99 17.30 15.36
N PRO A 238 10.65 18.23 14.67
CA PRO A 238 11.59 17.81 13.61
C PRO A 238 12.63 16.84 14.16
N MET A 239 13.02 15.87 13.34
CA MET A 239 13.93 14.78 13.74
C MET A 239 13.34 13.90 14.83
N GLY A 240 12.03 13.96 15.04
CA GLY A 240 11.43 13.16 16.08
C GLY A 240 11.17 11.74 15.63
N LYS A 241 10.95 10.86 16.62
CA LYS A 241 10.68 9.45 16.34
C LYS A 241 9.46 9.01 17.13
N VAL A 242 8.52 8.35 16.45
CA VAL A 242 7.42 7.67 17.12
C VAL A 242 7.71 6.17 17.03
N VAL A 243 7.83 5.52 18.19
CA VAL A 243 8.16 4.09 18.27
C VAL A 243 6.91 3.37 18.69
N THR A 244 6.30 2.62 17.76
CA THR A 244 5.10 1.86 18.04
C THR A 244 5.47 0.45 18.45
N TYR A 245 4.90 -0.01 19.58
CA TYR A 245 5.30 -1.30 20.14
C TYR A 245 4.15 -2.00 20.87
N GLY A 246 2.90 -1.65 20.58
CA GLY A 246 1.78 -2.30 21.22
C GLY A 246 0.49 -2.00 20.50
N MET A 247 -0.57 -2.69 20.92
CA MET A 247 -1.92 -2.45 20.42
C MET A 247 -2.88 -2.50 21.60
N ALA A 248 -2.55 -1.74 22.65
CA ALA A 248 -3.31 -1.84 23.91
C ALA A 248 -4.75 -1.35 23.77
N ASN A 249 -5.08 -0.63 22.69
CA ASN A 249 -6.46 -0.23 22.45
C ASN A 249 -7.37 -1.42 22.15
N LEU A 250 -6.80 -2.60 21.88
CA LEU A 250 -7.60 -3.81 21.66
C LEU A 250 -8.18 -4.39 22.95
N LEU A 251 -7.59 -4.10 24.11
CA LEU A 251 -7.98 -4.64 25.41
C LEU A 251 -8.97 -3.71 26.10
N THR A 252 -10.24 -4.10 26.08
CA THR A 252 -11.30 -3.38 26.78
C THR A 252 -11.94 -4.17 27.92
N GLY A 253 -11.85 -5.49 27.91
CA GLY A 253 -12.52 -6.29 28.89
C GLY A 253 -11.94 -7.68 29.02
N PRO A 254 -12.59 -8.54 29.82
CA PRO A 254 -12.06 -9.91 29.97
C PRO A 254 -12.15 -10.74 28.71
N LYS A 255 -13.14 -10.51 27.85
CA LYS A 255 -13.30 -11.25 26.61
C LYS A 255 -12.96 -10.35 25.41
N ARG A 256 -12.47 -10.98 24.35
CA ARG A 256 -12.17 -10.24 23.13
C ARG A 256 -13.45 -9.60 22.60
N ASN A 257 -13.34 -8.35 22.15
CA ASN A 257 -14.51 -7.68 21.59
C ASN A 257 -14.20 -7.25 20.17
N LEU A 258 -15.02 -7.75 19.23
CA LEU A 258 -14.74 -7.60 17.81
C LEU A 258 -14.87 -6.14 17.36
N MET A 259 -15.51 -5.29 18.15
CA MET A 259 -15.62 -3.88 17.75
C MET A 259 -14.26 -3.18 17.79
N ALA A 260 -13.52 -3.33 18.89
CA ALA A 260 -12.19 -2.71 18.93
C ALA A 260 -11.22 -3.40 17.98
N LEU A 261 -11.46 -4.68 17.67
CA LEU A 261 -10.62 -5.38 16.70
C LEU A 261 -10.84 -4.82 15.31
N ALA A 262 -12.09 -4.55 14.95
CA ALA A 262 -12.37 -4.07 13.62
C ALA A 262 -12.03 -2.58 13.50
N ARG A 263 -12.17 -1.84 14.60
CA ARG A 263 -11.81 -0.43 14.56
C ARG A 263 -10.31 -0.25 14.41
N THR A 264 -9.49 -1.07 15.09
CA THR A 264 -8.07 -0.99 14.81
C THR A 264 -7.72 -1.61 13.47
N TRP A 265 -8.49 -2.62 13.01
CA TRP A 265 -8.20 -3.21 11.71
C TRP A 265 -8.43 -2.22 10.57
N TRP A 266 -9.38 -1.30 10.74
CA TRP A 266 -9.68 -0.31 9.71
C TRP A 266 -8.79 0.92 9.85
N ASN A 267 -8.50 1.30 11.08
CA ASN A 267 -7.70 2.49 11.38
C ASN A 267 -6.22 2.12 11.55
N GLN A 268 -5.66 1.34 10.62
CA GLN A 268 -4.25 1.04 10.78
C GLN A 268 -3.42 2.18 10.26
N PHE A 269 -2.30 2.39 10.93
CA PHE A 269 -1.40 3.47 10.60
C PHE A 269 -0.48 2.99 9.51
N SER A 270 -0.36 3.78 8.45
CA SER A 270 0.55 3.51 7.36
C SER A 270 1.16 4.84 6.95
N VAL A 271 2.39 4.79 6.48
CA VAL A 271 3.11 6.00 6.11
C VAL A 271 3.87 5.73 4.82
N THR A 272 4.03 6.76 4.00
CA THR A 272 4.72 6.65 2.73
C THR A 272 6.05 7.41 2.77
N ALA A 273 6.91 7.09 1.81
CA ALA A 273 8.26 7.68 1.79
C ALA A 273 8.21 9.20 1.61
N LEU A 274 7.28 9.71 0.78
CA LEU A 274 7.19 11.17 0.65
C LEU A 274 6.66 11.80 1.93
N GLN A 275 5.70 11.13 2.58
CA GLN A 275 5.18 11.63 3.84
C GLN A 275 6.30 11.82 4.85
N LEU A 276 7.11 10.78 5.04
CA LEU A 276 8.22 10.89 5.97
C LEU A 276 9.23 11.93 5.51
N LEU A 277 9.50 11.99 4.20
CA LEU A 277 10.56 12.87 3.73
C LEU A 277 10.21 14.35 3.92
N GLN A 278 8.97 14.75 3.57
CA GLN A 278 8.66 16.17 3.73
C GLN A 278 8.55 16.54 5.20
N ALA A 279 8.17 15.60 6.06
CA ALA A 279 8.34 15.84 7.48
C ALA A 279 9.77 15.47 7.82
N ASN A 280 10.16 15.67 9.07
CA ASN A 280 11.47 15.21 9.51
C ASN A 280 11.23 14.33 10.72
N ARG A 281 10.51 13.22 10.45
CA ARG A 281 10.01 12.32 11.46
C ARG A 281 10.44 10.88 11.15
N ALA A 282 10.33 10.02 12.14
CA ALA A 282 10.67 8.62 11.98
C ALA A 282 9.59 7.77 12.64
N VAL A 283 9.27 6.65 12.00
CA VAL A 283 8.35 5.67 12.54
C VAL A 283 9.13 4.38 12.75
N CYS A 284 9.04 3.83 13.96
CA CYS A 284 9.82 2.68 14.37
C CYS A 284 8.87 1.66 14.98
N GLY A 285 9.20 0.40 14.80
CA GLY A 285 8.42 -0.68 15.40
C GLY A 285 9.32 -1.61 16.19
N PHE A 286 8.82 -2.06 17.34
CA PHE A 286 9.62 -2.89 18.22
C PHE A 286 8.77 -4.06 18.72
N HIS A 287 9.30 -5.28 18.57
CA HIS A 287 8.64 -6.46 19.11
C HIS A 287 9.71 -7.35 19.70
N LEU A 288 9.74 -7.45 21.05
CA LEU A 288 10.75 -8.26 21.71
C LEU A 288 10.59 -9.73 21.35
N GLY A 289 9.35 -10.19 21.14
CA GLY A 289 9.13 -11.56 20.75
C GLY A 289 9.85 -11.93 19.47
N TYR A 290 9.99 -10.98 18.57
CA TYR A 290 10.69 -11.22 17.32
C TYR A 290 12.18 -10.99 17.41
N LEU A 291 12.71 -10.86 18.60
CA LEU A 291 14.14 -10.69 18.77
C LEU A 291 14.81 -11.96 19.28
N ASP A 292 14.05 -13.02 19.54
CA ASP A 292 14.67 -14.28 19.93
C ASP A 292 15.57 -14.77 18.80
N GLY A 293 16.68 -15.40 19.17
CA GLY A 293 17.72 -15.65 18.20
C GLY A 293 18.62 -14.46 17.92
N GLU A 294 18.33 -13.30 18.50
CA GLU A 294 19.27 -12.19 18.46
C GLU A 294 19.83 -12.02 19.86
N VAL A 295 20.49 -13.06 20.37
CA VAL A 295 20.81 -13.11 21.79
C VAL A 295 21.94 -12.15 22.13
N GLU A 296 22.82 -11.86 21.16
CA GLU A 296 23.90 -10.91 21.45
C GLU A 296 23.35 -9.53 21.73
N LEU A 297 22.37 -9.10 20.92
CA LEU A 297 21.78 -7.78 21.07
C LEU A 297 21.05 -7.63 22.39
N VAL A 298 20.12 -8.55 22.67
CA VAL A 298 19.37 -8.50 23.91
C VAL A 298 20.31 -8.65 25.10
N SER A 299 21.39 -9.41 24.95
CA SER A 299 22.31 -9.61 26.06
C SER A 299 23.08 -8.33 26.36
N GLY A 300 23.50 -7.61 25.32
CA GLY A 300 24.12 -6.31 25.56
C GLY A 300 23.18 -5.35 26.26
N VAL A 301 21.90 -5.38 25.88
CA VAL A 301 20.92 -4.56 26.58
C VAL A 301 20.80 -4.96 28.04
N VAL A 302 20.75 -6.28 28.32
CA VAL A 302 20.62 -6.75 29.70
C VAL A 302 21.84 -6.34 30.51
N ALA A 303 23.02 -6.35 29.89
CA ALA A 303 24.23 -5.89 30.57
C ALA A 303 24.15 -4.40 30.91
N ARG A 304 23.68 -3.59 29.96
CA ARG A 304 23.51 -2.17 30.26
C ARG A 304 22.54 -1.97 31.40
N LEU A 305 21.45 -2.76 31.42
CA LEU A 305 20.44 -2.64 32.46
C LEU A 305 20.98 -3.05 33.82
N LEU A 306 21.76 -4.14 33.87
CA LEU A 306 22.35 -4.55 35.14
C LEU A 306 23.35 -3.50 35.63
N ALA A 307 24.09 -2.89 34.71
CA ALA A 307 24.97 -1.80 35.09
C ALA A 307 24.18 -0.66 35.71
N LEU A 308 23.08 -0.26 35.06
CA LEU A 308 22.27 0.82 35.59
C LEU A 308 21.65 0.46 36.95
N TYR A 309 21.29 -0.80 37.14
CA TYR A 309 20.69 -1.18 38.42
C TYR A 309 21.72 -1.12 39.55
N ASN A 310 22.90 -1.70 39.31
CA ASN A 310 23.96 -1.70 40.32
C ASN A 310 24.38 -0.28 40.69
N GLN A 311 24.37 0.64 39.73
CA GLN A 311 24.66 2.03 40.01
C GLN A 311 23.50 2.76 40.66
N GLY A 312 22.38 2.09 40.89
CA GLY A 312 21.23 2.72 41.52
C GLY A 312 20.47 3.69 40.65
N HIS A 313 20.53 3.53 39.33
CA HIS A 313 19.81 4.41 38.43
C HIS A 313 18.45 3.87 38.00
N ILE A 314 18.19 2.58 38.20
CA ILE A 314 16.88 2.00 37.94
C ILE A 314 16.51 1.02 39.04
N LYS A 315 15.24 1.00 39.40
CA LYS A 315 14.76 0.01 40.34
C LYS A 315 13.30 -0.29 40.01
N PRO A 316 13.04 -1.51 39.54
CA PRO A 316 11.67 -1.89 39.17
C PRO A 316 10.71 -1.71 40.34
N HIS A 317 9.53 -1.15 40.04
CA HIS A 317 8.50 -0.93 41.03
C HIS A 317 7.48 -2.04 40.97
N ILE A 318 7.34 -2.78 42.09
CA ILE A 318 6.40 -3.89 42.20
C ILE A 318 5.07 -3.36 42.72
N ASP A 319 4.02 -3.52 41.92
CA ASP A 319 2.69 -3.12 42.37
C ASP A 319 2.09 -4.13 43.34
N SER A 320 2.14 -5.42 42.98
CA SER A 320 1.49 -6.44 43.78
C SER A 320 2.02 -7.81 43.39
N VAL A 321 1.99 -8.76 44.33
CA VAL A 321 2.41 -10.13 44.09
C VAL A 321 1.27 -11.06 44.44
N TRP A 322 1.01 -12.04 43.57
CA TRP A 322 -0.14 -12.91 43.72
C TRP A 322 0.28 -14.37 43.60
N PRO A 323 -0.36 -15.26 44.36
CA PRO A 323 -0.14 -16.70 44.16
C PRO A 323 -0.83 -17.18 42.88
N PHE A 324 -0.44 -18.37 42.43
CA PHE A 324 -1.06 -18.95 41.24
C PHE A 324 -2.56 -19.07 41.42
N GLU A 325 -3.02 -19.43 42.63
CA GLU A 325 -4.44 -19.62 42.89
C GLU A 325 -5.25 -18.36 42.64
N LYS A 326 -4.62 -17.20 42.68
CA LYS A 326 -5.29 -15.93 42.46
C LYS A 326 -4.90 -15.31 41.12
N VAL A 327 -4.43 -16.12 40.17
CA VAL A 327 -3.95 -15.57 38.89
C VAL A 327 -5.00 -14.67 38.27
N ALA A 328 -6.28 -15.10 38.33
CA ALA A 328 -7.36 -14.29 37.77
C ALA A 328 -7.36 -12.88 38.34
N ASP A 329 -7.37 -12.76 39.67
CA ASP A 329 -7.31 -11.43 40.29
C ASP A 329 -6.10 -10.65 39.81
N ALA A 330 -4.94 -11.30 39.70
CA ALA A 330 -3.76 -10.62 39.20
C ALA A 330 -4.04 -10.00 37.83
N MET A 331 -4.64 -10.79 36.93
CA MET A 331 -4.94 -10.27 35.61
C MET A 331 -5.91 -9.09 35.70
N LYS A 332 -6.91 -9.20 36.57
CA LYS A 332 -7.81 -8.08 36.78
C LYS A 332 -7.04 -6.83 37.18
N GLN A 333 -6.05 -7.00 38.07
CA GLN A 333 -5.26 -5.87 38.54
C GLN A 333 -4.64 -5.10 37.37
N MET A 334 -4.35 -5.78 36.28
CA MET A 334 -3.80 -5.08 35.13
C MET A 334 -4.92 -4.64 34.19
N GLN A 335 -5.94 -5.48 34.00
CA GLN A 335 -6.97 -5.15 33.02
C GLN A 335 -7.92 -4.09 33.54
N GLU A 336 -8.14 -4.02 34.86
CA GLU A 336 -8.97 -2.97 35.42
C GLU A 336 -8.15 -1.73 35.77
N LYS A 337 -6.94 -1.62 35.21
CA LYS A 337 -6.17 -0.39 35.26
C LYS A 337 -5.91 0.06 36.69
N LYS A 338 -5.75 -0.90 37.60
CA LYS A 338 -5.51 -0.62 39.01
C LYS A 338 -4.03 -0.58 39.36
N ASN A 339 -3.19 -1.28 38.58
CA ASN A 339 -1.78 -1.43 38.90
C ASN A 339 -0.99 -0.17 38.62
N VAL A 340 0.03 0.04 39.45
CA VAL A 340 1.07 1.05 39.24
C VAL A 340 2.39 0.30 39.36
N GLY A 341 2.97 -0.09 38.23
CA GLY A 341 4.16 -0.90 38.22
C GLY A 341 3.89 -2.34 37.85
N LYS A 342 4.84 -3.21 38.19
CA LYS A 342 4.82 -4.59 37.72
C LYS A 342 3.95 -5.49 38.61
N VAL A 343 3.15 -6.33 37.98
CA VAL A 343 2.36 -7.32 38.69
C VAL A 343 3.07 -8.66 38.58
N LEU A 344 3.15 -9.38 39.70
CA LEU A 344 3.91 -10.62 39.78
C LEU A 344 3.04 -11.76 40.26
N LEU A 345 3.42 -12.96 39.84
CA LEU A 345 2.81 -14.21 40.25
C LEU A 345 3.87 -15.04 40.96
N VAL A 346 3.48 -15.71 42.04
CA VAL A 346 4.34 -16.66 42.76
C VAL A 346 3.61 -18.00 42.78
N PRO A 347 4.33 -19.13 42.69
CA PRO A 347 3.67 -20.43 42.77
C PRO A 347 3.11 -20.78 44.15
N GLY A 348 2.11 -20.03 44.61
CA GLY A 348 1.41 -20.27 45.86
C GLY A 348 2.16 -20.87 47.05
N PRO B 6 32.27 48.45 -12.51
CA PRO B 6 32.60 47.36 -11.60
C PRO B 6 31.37 46.53 -11.24
N LEU B 7 30.86 45.74 -12.17
CA LEU B 7 29.62 44.98 -11.96
C LEU B 7 29.88 43.60 -11.34
N LEU B 8 28.81 43.01 -10.82
CA LEU B 8 28.81 41.72 -10.15
C LEU B 8 28.01 40.70 -10.95
N ARG B 9 28.47 39.46 -10.90
CA ARG B 9 28.03 38.35 -11.73
C ARG B 9 27.03 37.47 -10.98
N CYS B 10 26.09 36.90 -11.71
CA CYS B 10 25.11 35.99 -11.13
C CYS B 10 24.62 35.02 -12.20
N LEU B 11 24.21 33.84 -11.75
CA LEU B 11 23.54 32.87 -12.63
C LEU B 11 22.05 32.88 -12.36
N VAL B 12 21.26 32.77 -13.42
CA VAL B 12 19.81 32.81 -13.31
C VAL B 12 19.20 31.62 -14.05
N LEU B 13 18.21 31.00 -13.41
CA LEU B 13 17.44 29.91 -13.99
C LEU B 13 16.19 30.49 -14.63
N THR B 14 16.20 30.57 -15.96
CA THR B 14 15.12 31.16 -16.74
C THR B 14 13.99 30.17 -17.00
N GLY B 15 14.33 28.92 -17.29
CA GLY B 15 13.33 27.91 -17.54
C GLY B 15 13.75 26.56 -16.98
N PHE B 16 12.81 25.64 -17.01
CA PHE B 16 13.08 24.26 -16.62
C PHE B 16 13.54 23.48 -17.85
N GLY B 17 14.64 22.76 -17.71
CA GLY B 17 15.13 21.96 -18.80
C GLY B 17 16.60 21.60 -18.70
N GLY B 18 17.31 21.63 -19.82
CA GLY B 18 18.68 21.20 -19.88
C GLY B 18 19.65 22.24 -19.38
N TYR B 19 20.93 21.99 -19.66
CA TYR B 19 22.00 22.80 -19.10
C TYR B 19 21.91 24.25 -19.56
N ASP B 20 21.44 24.48 -20.78
CA ASP B 20 21.41 25.84 -21.30
C ASP B 20 20.41 26.74 -20.56
N LYS B 21 19.59 26.20 -19.66
CA LYS B 21 18.56 26.99 -19.01
C LYS B 21 19.10 27.86 -17.86
N VAL B 22 20.39 27.74 -17.53
CA VAL B 22 21.04 28.60 -16.55
C VAL B 22 21.95 29.56 -17.31
N LYS B 23 21.68 30.86 -17.19
CA LYS B 23 22.42 31.85 -17.96
C LYS B 23 23.17 32.80 -17.03
N LEU B 24 24.29 33.31 -17.52
CA LEU B 24 25.11 34.26 -16.78
C LEU B 24 24.60 35.67 -17.04
N GLN B 25 24.65 36.51 -16.00
CA GLN B 25 24.23 37.90 -16.09
C GLN B 25 25.10 38.74 -15.18
N SER B 26 25.09 40.05 -15.41
CA SER B 26 25.81 41.01 -14.58
C SER B 26 24.90 42.17 -14.20
N ARG B 27 25.26 42.85 -13.12
CA ARG B 27 24.49 43.98 -12.64
C ARG B 27 25.45 44.94 -11.96
N PRO B 28 25.19 46.24 -12.02
CA PRO B 28 26.09 47.20 -11.38
C PRO B 28 26.16 46.98 -9.87
N ALA B 29 27.36 47.12 -9.32
CA ALA B 29 27.61 46.91 -7.88
C ALA B 29 27.14 48.12 -7.09
N ALA B 30 25.88 48.08 -6.63
CA ALA B 30 25.38 49.06 -5.69
C ALA B 30 26.04 48.88 -4.33
N PRO B 31 26.07 49.92 -3.50
CA PRO B 31 26.62 49.79 -2.13
C PRO B 31 25.79 48.82 -1.30
N PRO B 32 26.43 47.93 -0.55
CA PRO B 32 25.67 46.93 0.22
C PRO B 32 24.83 47.59 1.31
N ALA B 33 23.54 47.28 1.31
CA ALA B 33 22.59 47.81 2.29
C ALA B 33 21.75 46.67 2.85
N PRO B 34 22.27 45.96 3.87
CA PRO B 34 21.51 44.83 4.43
C PRO B 34 20.46 45.30 5.41
N GLY B 35 19.33 44.60 5.42
CA GLY B 35 18.27 44.96 6.34
C GLY B 35 18.58 44.48 7.74
N PRO B 36 17.60 44.56 8.64
CA PRO B 36 17.86 44.17 10.04
C PRO B 36 18.07 42.67 10.17
N GLY B 37 19.07 42.31 10.96
CA GLY B 37 19.46 40.93 11.15
C GLY B 37 19.94 40.23 9.90
N GLN B 38 20.56 40.97 8.99
CA GLN B 38 20.96 40.43 7.70
C GLN B 38 22.45 40.69 7.49
N LEU B 39 23.02 39.98 6.53
CA LEU B 39 24.42 40.10 6.19
C LEU B 39 24.47 40.13 4.68
N THR B 40 25.22 41.07 4.13
CA THR B 40 25.55 41.02 2.72
C THR B 40 27.02 40.67 2.61
N LEU B 41 27.33 39.69 1.75
CA LEU B 41 28.68 39.14 1.69
C LEU B 41 29.00 38.78 0.25
N ARG B 42 30.30 38.75 -0.04
CA ARG B 42 30.83 38.40 -1.35
C ARG B 42 31.32 36.97 -1.34
N LEU B 43 30.85 36.17 -2.30
CA LEU B 43 31.09 34.74 -2.31
C LEU B 43 32.35 34.42 -3.10
N ARG B 44 33.21 33.59 -2.50
CA ARG B 44 34.40 33.09 -3.20
C ARG B 44 34.14 31.76 -3.90
N ALA B 45 33.30 30.90 -3.33
CA ALA B 45 32.97 29.61 -3.94
C ALA B 45 31.53 29.26 -3.58
N CYS B 46 30.90 28.47 -4.45
CA CYS B 46 29.52 28.04 -4.33
C CYS B 46 29.43 26.55 -4.64
N GLY B 47 28.52 25.87 -3.94
CA GLY B 47 28.39 24.43 -4.08
C GLY B 47 27.40 24.02 -5.16
N LEU B 48 27.74 22.95 -5.87
CA LEU B 48 26.82 22.33 -6.79
C LEU B 48 26.24 21.11 -6.11
N ASN B 49 24.92 21.10 -5.94
CA ASN B 49 24.20 20.01 -5.30
C ASN B 49 23.22 19.40 -6.29
N PHE B 50 22.88 18.13 -6.02
CA PHE B 50 21.89 17.42 -6.83
C PHE B 50 20.58 18.17 -6.89
N ALA B 51 20.21 18.85 -5.80
CA ALA B 51 18.98 19.62 -5.79
C ALA B 51 19.01 20.70 -6.87
N ASP B 52 20.18 21.24 -7.17
CA ASP B 52 20.24 22.25 -8.22
C ASP B 52 19.89 21.64 -9.57
N LEU B 53 20.39 20.43 -9.86
CA LEU B 53 20.02 19.73 -11.09
C LEU B 53 18.52 19.42 -11.13
N MET B 54 17.97 18.93 -10.02
CA MET B 54 16.55 18.63 -9.99
C MET B 54 15.70 19.89 -10.18
N ALA B 55 16.11 20.99 -9.53
CA ALA B 55 15.39 22.25 -9.70
C ALA B 55 15.50 22.76 -11.13
N ARG B 56 16.65 22.59 -11.77
CA ARG B 56 16.77 22.97 -13.16
C ARG B 56 15.86 22.14 -14.04
N GLN B 57 15.65 20.86 -13.70
CA GLN B 57 14.75 20.04 -14.48
C GLN B 57 13.28 20.22 -14.07
N GLY B 58 13.00 21.07 -13.10
CA GLY B 58 11.65 21.24 -12.60
C GLY B 58 11.19 20.17 -11.62
N LEU B 59 12.11 19.56 -10.88
CA LEU B 59 11.77 18.47 -9.98
C LEU B 59 12.03 18.80 -8.51
N TYR B 60 12.29 20.06 -8.17
CA TYR B 60 12.54 20.47 -6.79
C TYR B 60 11.37 21.33 -6.32
N ASP B 61 10.66 20.83 -5.30
CA ASP B 61 9.43 21.46 -4.82
C ASP B 61 9.69 22.71 -4.01
N ARG B 62 10.89 22.86 -3.45
CA ARG B 62 11.26 24.02 -2.64
C ARG B 62 11.86 25.17 -3.44
N LEU B 63 11.78 25.11 -4.76
CA LEU B 63 12.40 26.15 -5.57
C LEU B 63 11.47 27.37 -5.66
N PRO B 64 12.00 28.58 -5.46
CA PRO B 64 11.18 29.79 -5.69
C PRO B 64 10.77 29.91 -7.14
N PRO B 65 9.79 30.75 -7.46
CA PRO B 65 9.36 30.88 -8.86
C PRO B 65 10.45 31.48 -9.74
N LEU B 66 10.37 31.15 -11.02
CA LEU B 66 11.34 31.60 -12.01
C LEU B 66 11.03 33.02 -12.47
N PRO B 67 12.06 33.80 -12.84
CA PRO B 67 13.47 33.40 -12.78
C PRO B 67 14.03 33.57 -11.37
N VAL B 68 15.10 32.82 -11.08
CA VAL B 68 15.70 32.83 -9.74
C VAL B 68 17.15 32.39 -9.86
N THR B 69 17.99 32.90 -8.97
CA THR B 69 19.37 32.44 -8.88
C THR B 69 19.40 31.15 -8.07
N PRO B 70 19.85 30.03 -8.65
CA PRO B 70 19.88 28.77 -7.89
C PRO B 70 21.01 28.72 -6.88
N GLY B 71 21.24 27.56 -6.27
CA GLY B 71 22.33 27.42 -5.33
C GLY B 71 21.92 27.63 -3.88
N MET B 72 22.37 26.73 -3.01
CA MET B 72 21.92 26.70 -1.62
C MET B 72 23.04 26.82 -0.60
N GLU B 73 24.30 26.92 -1.02
CA GLU B 73 25.40 27.00 -0.07
C GLU B 73 26.55 27.77 -0.68
N GLY B 74 27.28 28.47 0.19
CA GLY B 74 28.44 29.22 -0.27
C GLY B 74 29.40 29.56 0.85
N ALA B 75 30.53 30.15 0.46
CA ALA B 75 31.53 30.62 1.40
C ALA B 75 32.08 31.94 0.88
N GLY B 76 32.27 32.90 1.78
CA GLY B 76 32.74 34.19 1.37
C GLY B 76 33.12 35.08 2.52
N VAL B 77 33.11 36.38 2.24
CA VAL B 77 33.59 37.42 3.16
C VAL B 77 32.44 38.38 3.42
N VAL B 78 32.14 38.61 4.70
CA VAL B 78 31.08 39.56 5.05
C VAL B 78 31.54 40.95 4.69
N ILE B 79 30.76 41.65 3.86
CA ILE B 79 31.10 43.01 3.50
C ILE B 79 30.24 44.03 4.22
N ALA B 80 29.02 43.69 4.61
CA ALA B 80 28.22 44.63 5.39
C ALA B 80 27.26 43.88 6.29
N VAL B 81 27.05 44.43 7.48
CA VAL B 81 26.29 43.80 8.54
C VAL B 81 25.06 44.64 8.84
N GLY B 82 23.89 44.00 8.88
CA GLY B 82 22.67 44.70 9.20
C GLY B 82 22.55 44.98 10.68
N GLU B 83 21.47 45.67 11.04
CA GLU B 83 21.30 46.11 12.41
C GLU B 83 20.80 44.94 13.25
N GLY B 84 21.22 44.92 14.53
CA GLY B 84 20.89 43.82 15.42
C GLY B 84 21.80 42.62 15.37
N VAL B 85 22.81 42.59 14.49
CA VAL B 85 23.72 41.46 14.36
C VAL B 85 24.96 41.70 15.22
N SER B 86 25.13 40.88 16.26
CA SER B 86 26.22 41.05 17.21
C SER B 86 27.45 40.20 16.90
N ASP B 87 27.27 38.96 16.42
CA ASP B 87 28.39 38.04 16.22
C ASP B 87 29.14 38.23 14.91
N ARG B 88 28.61 38.99 13.95
CA ARG B 88 29.23 39.14 12.64
C ARG B 88 29.79 40.54 12.49
N LYS B 89 31.01 40.63 11.97
CA LYS B 89 31.59 41.91 11.61
C LYS B 89 32.10 41.84 10.18
N ALA B 90 32.25 43.01 9.58
CA ALA B 90 32.76 43.08 8.21
C ALA B 90 34.15 42.45 8.13
N GLY B 91 34.37 41.68 7.07
CA GLY B 91 35.61 40.97 6.86
C GLY B 91 35.63 39.53 7.34
N ASP B 92 34.58 39.10 8.06
CA ASP B 92 34.54 37.73 8.59
C ASP B 92 34.36 36.70 7.46
N ARG B 93 35.03 35.57 7.60
CA ARG B 93 34.92 34.48 6.63
C ARG B 93 33.79 33.57 7.08
N VAL B 94 32.79 33.39 6.22
CA VAL B 94 31.56 32.72 6.62
C VAL B 94 31.11 31.72 5.58
N MET B 95 30.50 30.63 6.06
CA MET B 95 29.73 29.70 5.27
C MET B 95 28.25 30.07 5.40
N VAL B 96 27.55 30.08 4.28
CA VAL B 96 26.15 30.47 4.24
C VAL B 96 25.34 29.31 3.68
N LEU B 97 24.21 29.05 4.32
CA LEU B 97 23.22 28.07 3.88
C LEU B 97 21.91 28.82 3.62
N ASN B 98 21.34 28.66 2.43
CA ASN B 98 20.09 29.34 2.13
C ASN B 98 19.29 28.51 1.12
N ARG B 99 18.03 28.90 0.91
CA ARG B 99 17.16 28.11 0.06
C ARG B 99 17.48 28.31 -1.42
N SER B 100 17.94 29.50 -1.81
CA SER B 100 18.33 29.77 -3.19
C SER B 100 19.18 31.04 -3.19
N GLY B 101 19.61 31.45 -4.38
CA GLY B 101 20.32 32.70 -4.57
C GLY B 101 21.80 32.68 -4.30
N MET B 102 22.44 31.51 -4.26
CA MET B 102 23.85 31.42 -3.89
C MET B 102 24.81 31.37 -5.08
N TRP B 103 24.32 31.28 -6.31
CA TRP B 103 25.20 31.27 -7.48
C TRP B 103 25.39 32.70 -8.01
N GLN B 104 26.02 33.54 -7.19
CA GLN B 104 26.26 34.94 -7.52
C GLN B 104 27.38 35.49 -6.62
N GLU B 105 27.97 36.61 -7.05
CA GLU B 105 29.13 37.14 -6.33
C GLU B 105 28.71 37.76 -4.99
N GLU B 106 27.63 38.53 -4.98
CA GLU B 106 27.17 39.22 -3.78
C GLU B 106 25.79 38.71 -3.42
N VAL B 107 25.58 38.44 -2.12
CA VAL B 107 24.31 37.90 -1.66
C VAL B 107 24.01 38.43 -0.26
N THR B 108 22.73 38.59 0.04
CA THR B 108 22.26 38.98 1.37
C THR B 108 21.40 37.88 1.96
N VAL B 109 21.72 37.51 3.20
CA VAL B 109 21.08 36.37 3.88
C VAL B 109 20.88 36.72 5.34
N PRO B 110 19.94 36.05 6.00
CA PRO B 110 19.83 36.21 7.45
C PRO B 110 21.14 35.84 8.11
N SER B 111 21.58 36.67 9.06
CA SER B 111 22.85 36.40 9.72
C SER B 111 22.84 35.06 10.43
N VAL B 112 21.67 34.58 10.84
CA VAL B 112 21.59 33.32 11.56
C VAL B 112 21.81 32.12 10.67
N GLN B 113 21.84 32.31 9.36
CA GLN B 113 22.13 31.24 8.42
C GLN B 113 23.59 31.18 8.01
N THR B 114 24.47 31.90 8.72
CA THR B 114 25.90 31.90 8.43
C THR B 114 26.67 31.32 9.60
N PHE B 115 27.87 30.85 9.29
CA PHE B 115 28.72 30.19 10.25
C PHE B 115 30.16 30.62 10.03
N LEU B 116 30.85 31.02 11.10
CA LEU B 116 32.21 31.49 10.96
C LEU B 116 33.10 30.34 10.49
N ILE B 117 33.82 30.55 9.40
CA ILE B 117 34.75 29.53 8.89
C ILE B 117 35.98 29.47 9.80
N PRO B 118 36.44 28.30 10.20
CA PRO B 118 37.73 28.23 10.89
C PRO B 118 38.87 28.52 9.96
N GLU B 119 39.96 29.02 10.54
CA GLU B 119 41.17 29.17 9.75
C GLU B 119 41.72 27.79 9.41
N ALA B 120 42.65 27.78 8.47
CA ALA B 120 43.22 26.54 7.92
C ALA B 120 42.20 25.77 7.10
N MET B 121 40.94 26.20 7.10
CA MET B 121 39.95 25.69 6.17
C MET B 121 39.88 26.66 5.00
N THR B 122 40.05 26.15 3.78
CA THR B 122 39.97 27.07 2.65
C THR B 122 38.50 27.38 2.36
N PHE B 123 38.28 28.40 1.52
CA PHE B 123 36.92 28.74 1.13
C PHE B 123 36.27 27.59 0.35
N GLU B 124 37.06 26.86 -0.43
CA GLU B 124 36.49 25.76 -1.21
C GLU B 124 35.99 24.64 -0.31
N GLU B 125 36.79 24.27 0.67
CA GLU B 125 36.33 23.30 1.64
C GLU B 125 35.11 23.81 2.39
N ALA B 126 35.08 25.11 2.70
CA ALA B 126 33.94 25.66 3.42
C ALA B 126 32.66 25.53 2.59
N ALA B 127 32.74 25.91 1.31
CA ALA B 127 31.60 25.80 0.42
C ALA B 127 31.18 24.36 0.21
N ALA B 128 32.11 23.41 0.39
CA ALA B 128 31.80 22.00 0.29
C ALA B 128 31.27 21.38 1.59
N LEU B 129 31.44 22.07 2.72
CA LEU B 129 31.16 21.44 4.01
C LEU B 129 29.67 21.27 4.27
N LEU B 130 28.92 22.36 4.25
CA LEU B 130 27.62 22.44 4.93
C LEU B 130 26.59 21.41 4.46
N VAL B 131 26.09 21.52 3.24
CA VAL B 131 24.96 20.69 2.83
C VAL B 131 25.30 19.20 2.98
N ASN B 132 26.42 18.78 2.42
CA ASN B 132 26.79 17.36 2.41
C ASN B 132 27.00 16.83 3.82
N TYR B 133 27.77 17.55 4.64
CA TYR B 133 28.12 17.00 5.94
C TYR B 133 26.98 17.11 6.93
N ILE B 134 26.17 18.17 6.85
CA ILE B 134 24.96 18.26 7.67
C ILE B 134 24.02 17.11 7.32
N THR B 135 23.77 16.91 6.04
CA THR B 135 22.88 15.81 5.65
C THR B 135 23.42 14.47 6.10
N ALA B 136 24.71 14.20 5.86
CA ALA B 136 25.30 12.93 6.24
C ALA B 136 25.27 12.75 7.76
N TYR B 137 25.56 13.82 8.51
CA TYR B 137 25.60 13.73 9.96
C TYR B 137 24.21 13.41 10.51
N MET B 138 23.19 14.14 10.04
CA MET B 138 21.86 13.93 10.57
C MET B 138 21.23 12.63 10.05
N VAL B 139 21.66 12.12 8.91
CA VAL B 139 21.17 10.81 8.49
C VAL B 139 21.79 9.71 9.35
N LEU B 140 23.12 9.77 9.58
CA LEU B 140 23.81 8.67 10.25
C LEU B 140 23.61 8.68 11.78
N PHE B 141 23.52 9.85 12.39
CA PHE B 141 23.53 9.92 13.84
C PHE B 141 22.16 10.29 14.41
N ASP B 142 21.57 11.40 13.97
CA ASP B 142 20.29 11.81 14.54
C ASP B 142 19.22 10.77 14.27
N PHE B 143 19.11 10.30 13.04
CA PHE B 143 18.16 9.26 12.68
C PHE B 143 18.79 7.88 12.78
N GLY B 144 19.94 7.68 12.16
CA GLY B 144 20.52 6.35 12.08
C GLY B 144 21.07 5.85 13.41
N ASN B 145 21.52 6.75 14.27
CA ASN B 145 22.06 6.40 15.59
C ASN B 145 23.23 5.42 15.43
N LEU B 146 24.17 5.78 14.56
CA LEU B 146 25.31 4.94 14.25
C LEU B 146 26.11 4.64 15.51
N GLN B 147 26.46 3.36 15.69
CA GLN B 147 27.14 2.84 16.86
C GLN B 147 28.25 1.91 16.40
N PRO B 148 29.28 1.68 17.25
CA PRO B 148 30.36 0.77 16.86
C PRO B 148 29.83 -0.62 16.54
N GLY B 149 30.39 -1.22 15.48
CA GLY B 149 29.99 -2.54 15.08
C GLY B 149 28.86 -2.60 14.07
N HIS B 150 28.27 -1.46 13.71
CA HIS B 150 27.14 -1.46 12.79
C HIS B 150 27.62 -1.55 11.34
N SER B 151 26.69 -1.87 10.45
CA SER B 151 26.94 -1.84 9.02
C SER B 151 26.04 -0.81 8.35
N VAL B 152 26.64 -0.02 7.45
CA VAL B 152 25.97 1.10 6.79
C VAL B 152 26.06 0.91 5.29
N LEU B 153 24.92 1.04 4.61
CA LEU B 153 24.87 1.10 3.15
C LEU B 153 24.80 2.57 2.77
N VAL B 154 25.85 3.05 2.11
CA VAL B 154 25.98 4.43 1.68
C VAL B 154 25.82 4.44 0.17
N HIS B 155 24.61 4.77 -0.32
CA HIS B 155 24.40 4.94 -1.76
C HIS B 155 25.06 6.21 -2.25
N MET B 156 25.49 6.19 -3.51
CA MET B 156 26.19 7.31 -4.12
C MET B 156 27.40 7.70 -3.26
N ALA B 157 28.16 6.67 -2.86
CA ALA B 157 29.27 6.85 -1.93
C ALA B 157 30.41 7.68 -2.50
N ALA B 158 30.45 7.90 -3.80
CA ALA B 158 31.47 8.73 -4.42
C ALA B 158 31.02 10.16 -4.64
N GLY B 159 29.82 10.53 -4.21
CA GLY B 159 29.35 11.90 -4.28
C GLY B 159 29.65 12.71 -3.03
N GLY B 160 29.07 13.90 -2.97
CA GLY B 160 29.28 14.78 -1.83
C GLY B 160 28.78 14.19 -0.52
N VAL B 161 27.46 13.99 -0.45
CA VAL B 161 26.88 13.36 0.73
C VAL B 161 27.54 12.00 0.95
N GLY B 162 27.83 11.28 -0.13
CA GLY B 162 28.40 9.94 0.01
C GLY B 162 29.74 9.94 0.71
N MET B 163 30.67 10.76 0.23
CA MET B 163 32.01 10.81 0.83
C MET B 163 31.95 11.39 2.24
N ALA B 164 31.11 12.41 2.46
CA ALA B 164 30.94 12.94 3.79
C ALA B 164 30.49 11.85 4.75
N ALA B 165 29.54 11.02 4.32
CA ALA B 165 29.01 9.95 5.15
C ALA B 165 30.05 8.86 5.39
N VAL B 166 30.89 8.59 4.39
CA VAL B 166 31.93 7.58 4.62
C VAL B 166 32.92 8.09 5.67
N GLN B 167 33.28 9.37 5.60
CA GLN B 167 34.19 9.91 6.61
C GLN B 167 33.58 9.87 8.00
N LEU B 168 32.32 10.28 8.12
CA LEU B 168 31.66 10.24 9.41
C LEU B 168 31.54 8.81 9.92
N CYS B 169 31.35 7.85 9.02
CA CYS B 169 31.37 6.45 9.44
C CYS B 169 32.72 6.07 10.04
N ARG B 170 33.81 6.53 9.40
CA ARG B 170 35.13 6.26 9.96
C ARG B 170 35.32 6.90 11.34
N THR B 171 34.57 7.97 11.65
CA THR B 171 34.72 8.48 13.02
C THR B 171 34.10 7.57 14.08
N VAL B 172 33.50 6.44 13.71
CA VAL B 172 32.93 5.48 14.66
C VAL B 172 33.67 4.16 14.53
N GLU B 173 33.96 3.54 15.67
CA GLU B 173 34.82 2.38 15.68
C GLU B 173 34.16 1.19 15.01
N ASN B 174 34.92 0.54 14.12
CA ASN B 174 34.52 -0.75 13.55
C ASN B 174 33.14 -0.67 12.88
N VAL B 175 33.05 0.13 11.83
CA VAL B 175 31.81 0.30 11.09
C VAL B 175 32.01 -0.20 9.67
N THR B 176 31.24 -1.21 9.28
CA THR B 176 31.33 -1.77 7.94
C THR B 176 30.53 -0.90 6.97
N VAL B 177 31.18 -0.42 5.92
CA VAL B 177 30.56 0.52 5.00
C VAL B 177 30.40 -0.16 3.65
N PHE B 178 29.16 -0.38 3.23
CA PHE B 178 28.84 -0.75 1.86
C PHE B 178 28.59 0.52 1.07
N GLY B 179 29.40 0.74 0.03
CA GLY B 179 29.25 1.94 -0.79
C GLY B 179 28.99 1.65 -2.25
N THR B 180 27.99 2.31 -2.84
CA THR B 180 27.65 2.09 -4.24
C THR B 180 28.09 3.30 -5.06
N ALA B 181 28.80 3.03 -6.16
CA ALA B 181 29.29 4.03 -7.11
C ALA B 181 29.88 3.27 -8.31
N SER B 182 30.22 4.02 -9.36
CA SER B 182 30.79 3.43 -10.57
C SER B 182 32.11 2.72 -10.25
N ALA B 183 32.40 1.65 -11.01
CA ALA B 183 33.52 0.77 -10.67
C ALA B 183 34.84 1.54 -10.59
N SER B 184 35.07 2.48 -11.51
CA SER B 184 36.28 3.30 -11.45
C SER B 184 36.44 3.96 -10.07
N LYS B 185 35.46 4.77 -9.69
CA LYS B 185 35.49 5.44 -8.40
C LYS B 185 35.67 4.45 -7.25
N HIS B 186 35.52 3.15 -7.51
CA HIS B 186 35.66 2.14 -6.48
C HIS B 186 36.99 2.32 -5.76
N GLU B 187 38.07 2.57 -6.51
CA GLU B 187 39.35 2.80 -5.84
C GLU B 187 39.27 4.01 -4.90
N ALA B 188 38.78 5.14 -5.40
CA ALA B 188 38.56 6.29 -4.53
C ALA B 188 37.72 5.92 -3.31
N LEU B 189 36.66 5.13 -3.52
CA LEU B 189 35.84 4.70 -2.39
C LEU B 189 36.69 4.06 -1.31
N LYS B 190 37.52 3.10 -1.70
CA LYS B 190 38.34 2.42 -0.69
C LYS B 190 39.30 3.39 -0.04
N GLU B 191 39.75 4.41 -0.78
CA GLU B 191 40.66 5.36 -0.18
C GLU B 191 39.95 6.25 0.83
N ASN B 192 38.63 6.44 0.68
CA ASN B 192 37.84 7.27 1.59
C ASN B 192 37.31 6.50 2.79
N GLY B 193 37.29 5.17 2.74
CA GLY B 193 36.91 4.34 3.87
C GLY B 193 35.82 3.32 3.57
N VAL B 194 35.44 3.17 2.30
CA VAL B 194 34.42 2.20 1.92
C VAL B 194 35.00 0.79 2.04
N THR B 195 34.33 -0.07 2.78
CA THR B 195 34.80 -1.44 2.96
C THR B 195 34.44 -2.34 1.79
N HIS B 196 33.28 -2.15 1.16
CA HIS B 196 32.82 -3.02 0.09
C HIS B 196 32.22 -2.19 -1.04
N PRO B 197 33.05 -1.75 -2.00
CA PRO B 197 32.50 -0.99 -3.14
C PRO B 197 31.62 -1.89 -3.99
N ILE B 198 30.51 -1.32 -4.48
CA ILE B 198 29.53 -2.06 -5.27
C ILE B 198 29.11 -1.18 -6.45
N ASP B 199 29.13 -1.74 -7.65
CA ASP B 199 28.70 -1.00 -8.84
C ASP B 199 27.25 -1.38 -9.10
N TYR B 200 26.32 -0.55 -8.62
CA TYR B 200 24.90 -0.75 -8.88
C TYR B 200 24.51 -0.45 -10.33
N HIS B 201 25.44 0.02 -11.16
CA HIS B 201 25.14 0.16 -12.58
C HIS B 201 25.21 -1.17 -13.32
N THR B 202 26.02 -2.12 -12.83
CA THR B 202 26.23 -3.38 -13.52
C THR B 202 25.81 -4.60 -12.72
N THR B 203 25.49 -4.46 -11.43
CA THR B 203 25.08 -5.57 -10.58
C THR B 203 23.91 -5.14 -9.70
N ASP B 204 23.29 -6.12 -9.05
CA ASP B 204 22.18 -5.89 -8.11
C ASP B 204 22.77 -5.70 -6.72
N TYR B 205 22.72 -4.47 -6.20
CA TYR B 205 23.41 -4.15 -4.95
C TYR B 205 22.80 -4.90 -3.77
N VAL B 206 21.50 -5.22 -3.84
CA VAL B 206 20.89 -6.05 -2.81
C VAL B 206 21.56 -7.42 -2.78
N ASP B 207 21.73 -8.04 -3.95
CA ASP B 207 22.38 -9.34 -3.99
C ASP B 207 23.81 -9.27 -3.48
N GLU B 208 24.56 -8.25 -3.91
CA GLU B 208 25.95 -8.14 -3.49
C GLU B 208 26.06 -7.98 -1.99
N ILE B 209 25.25 -7.09 -1.41
CA ILE B 209 25.27 -6.91 0.03
C ILE B 209 24.91 -8.21 0.74
N LYS B 210 23.81 -8.85 0.34
CA LYS B 210 23.36 -10.04 1.04
C LYS B 210 24.30 -11.23 0.82
N LYS B 211 25.12 -11.21 -0.24
CA LYS B 211 26.18 -12.20 -0.40
C LYS B 211 27.32 -11.95 0.57
N ILE B 212 27.63 -10.68 0.83
CA ILE B 212 28.66 -10.37 1.81
C ILE B 212 28.12 -10.51 3.23
N SER B 213 26.96 -9.92 3.50
CA SER B 213 26.31 -9.98 4.80
C SER B 213 24.88 -10.49 4.59
N PRO B 214 24.62 -11.77 4.85
CA PRO B 214 23.29 -12.31 4.51
C PRO B 214 22.16 -11.68 5.30
N LYS B 215 22.39 -11.28 6.56
CA LYS B 215 21.33 -10.65 7.33
C LYS B 215 21.07 -9.20 6.96
N GLY B 216 21.92 -8.58 6.13
CA GLY B 216 21.72 -7.20 5.73
C GLY B 216 22.61 -6.20 6.42
N VAL B 217 22.13 -4.95 6.55
CA VAL B 217 22.88 -3.88 7.20
C VAL B 217 21.98 -3.22 8.24
N ASP B 218 22.59 -2.38 9.07
CA ASP B 218 21.93 -1.69 10.17
C ASP B 218 21.34 -0.35 9.77
N ILE B 219 22.02 0.37 8.88
CA ILE B 219 21.55 1.66 8.39
C ILE B 219 21.63 1.66 6.88
N VAL B 220 20.57 2.12 6.22
CA VAL B 220 20.57 2.26 4.76
C VAL B 220 20.30 3.72 4.45
N MET B 221 21.26 4.37 3.78
CA MET B 221 21.07 5.71 3.29
C MET B 221 20.43 5.65 1.90
N ASP B 222 19.23 6.20 1.78
CA ASP B 222 18.41 6.11 0.57
C ASP B 222 18.25 7.50 -0.05
N PRO B 223 19.15 7.89 -0.96
CA PRO B 223 18.88 9.06 -1.80
C PRO B 223 18.15 8.70 -3.08
N LEU B 224 18.04 7.40 -3.39
CA LEU B 224 17.48 6.95 -4.65
C LEU B 224 15.96 7.09 -4.69
N GLY B 225 15.29 6.71 -3.61
CA GLY B 225 13.84 6.79 -3.58
C GLY B 225 13.18 5.73 -4.46
N GLY B 226 11.86 5.86 -4.58
CA GLY B 226 11.13 4.93 -5.42
C GLY B 226 11.26 3.50 -4.95
N SER B 227 11.31 2.59 -5.92
CA SER B 227 11.41 1.16 -5.62
C SER B 227 12.57 0.84 -4.70
N ASP B 228 13.70 1.54 -4.88
CA ASP B 228 14.88 1.29 -4.08
C ASP B 228 14.62 1.43 -2.59
N THR B 229 13.73 2.35 -2.19
CA THR B 229 13.40 2.46 -0.77
C THR B 229 12.99 1.11 -0.21
N ALA B 230 12.06 0.42 -0.89
CA ALA B 230 11.66 -0.92 -0.42
C ALA B 230 12.87 -1.83 -0.30
N LYS B 231 13.75 -1.84 -1.30
CA LYS B 231 14.96 -2.64 -1.23
C LYS B 231 15.74 -2.30 0.03
N GLY B 232 15.94 -1.00 0.28
CA GLY B 232 16.62 -0.60 1.51
C GLY B 232 15.91 -1.11 2.75
N TYR B 233 14.58 -0.98 2.77
CA TYR B 233 13.85 -1.44 3.94
C TYR B 233 14.05 -2.94 4.16
N ASN B 234 14.19 -3.71 3.09
CA ASN B 234 14.34 -5.15 3.24
C ASN B 234 15.78 -5.56 3.37
N LEU B 235 16.70 -4.61 3.35
CA LEU B 235 18.09 -4.90 3.64
C LEU B 235 18.44 -4.69 5.12
N LEU B 236 17.46 -4.32 5.94
CA LEU B 236 17.73 -3.91 7.32
C LEU B 236 17.78 -5.11 8.26
N LYS B 237 18.82 -5.16 9.09
CA LYS B 237 18.86 -6.10 10.21
C LYS B 237 17.87 -5.65 11.28
N PRO B 238 17.55 -6.48 12.26
CA PRO B 238 16.67 -6.02 13.35
C PRO B 238 17.24 -4.78 14.02
N MET B 239 16.34 -3.86 14.40
CA MET B 239 16.66 -2.51 14.88
C MET B 239 17.27 -1.63 13.80
N GLY B 240 17.16 -2.01 12.52
CA GLY B 240 17.76 -1.22 11.47
C GLY B 240 16.94 -0.01 11.09
N LYS B 241 17.59 0.93 10.41
CA LYS B 241 16.95 2.17 9.97
C LYS B 241 17.27 2.42 8.51
N VAL B 242 16.24 2.70 7.71
CA VAL B 242 16.42 3.24 6.36
C VAL B 242 16.02 4.71 6.36
N VAL B 243 16.97 5.59 6.07
CA VAL B 243 16.75 7.03 6.08
C VAL B 243 16.71 7.48 4.63
N THR B 244 15.51 7.80 4.13
CA THR B 244 15.33 8.23 2.76
C THR B 244 15.41 9.75 2.73
N TYR B 245 16.21 10.30 1.80
CA TYR B 245 16.41 11.74 1.78
C TYR B 245 16.56 12.28 0.37
N GLY B 246 16.07 11.58 -0.64
CA GLY B 246 16.14 12.05 -2.01
C GLY B 246 15.22 11.24 -2.87
N MET B 247 15.09 11.69 -4.11
CA MET B 247 14.32 11.01 -5.15
C MET B 247 15.17 10.94 -6.41
N ALA B 248 16.39 10.44 -6.26
CA ALA B 248 17.32 10.51 -7.38
C ALA B 248 16.92 9.62 -8.55
N ASN B 249 16.03 8.64 -8.33
CA ASN B 249 15.49 7.85 -9.43
C ASN B 249 14.54 8.64 -10.31
N LEU B 250 14.05 9.79 -9.86
CA LEU B 250 13.27 10.63 -10.76
C LEU B 250 14.13 11.33 -11.79
N LEU B 251 15.42 11.50 -11.53
CA LEU B 251 16.31 12.09 -12.53
C LEU B 251 17.01 10.97 -13.29
N THR B 252 16.20 10.12 -13.91
CA THR B 252 16.74 8.97 -14.67
C THR B 252 17.59 9.43 -15.86
N GLY B 253 17.06 10.34 -16.67
CA GLY B 253 17.79 10.84 -17.82
C GLY B 253 17.88 9.82 -18.94
N ALA B 260 16.37 3.27 -20.99
CA ALA B 260 14.99 2.81 -21.11
C ALA B 260 14.18 3.25 -19.88
N LEU B 261 13.21 2.44 -19.47
CA LEU B 261 12.46 2.70 -18.24
C LEU B 261 11.74 1.44 -17.80
N ALA B 262 12.05 0.98 -16.60
CA ALA B 262 11.56 -0.28 -16.07
C ALA B 262 10.17 -0.14 -15.46
N ARG B 263 9.54 -1.31 -15.26
CA ARG B 263 8.24 -1.41 -14.62
C ARG B 263 8.33 -1.12 -13.12
N THR B 264 9.45 -1.48 -12.48
CA THR B 264 9.66 -1.21 -11.05
C THR B 264 9.76 0.28 -10.74
N TRP B 265 10.17 1.09 -11.72
CA TRP B 265 10.33 2.52 -11.51
C TRP B 265 9.08 3.17 -10.92
N TRP B 266 7.90 2.59 -11.15
CA TRP B 266 6.65 3.14 -10.66
C TRP B 266 6.30 2.68 -9.24
N ASN B 267 7.22 2.00 -8.54
CA ASN B 267 6.93 1.46 -7.21
C ASN B 267 7.21 2.49 -6.13
N GLN B 268 6.15 2.93 -5.47
CA GLN B 268 6.21 3.81 -4.31
C GLN B 268 6.35 2.98 -3.04
N PHE B 269 7.02 3.55 -2.04
CA PHE B 269 7.18 2.87 -0.76
C PHE B 269 6.07 3.23 0.21
N SER B 270 5.45 2.20 0.78
CA SER B 270 4.45 2.41 1.83
C SER B 270 4.59 1.29 2.85
N VAL B 271 4.41 1.63 4.13
CA VAL B 271 4.58 0.65 5.21
C VAL B 271 3.59 0.92 6.33
N THR B 272 3.18 -0.14 7.02
CA THR B 272 2.21 -0.01 8.10
C THR B 272 2.85 -0.22 9.46
N ALA B 273 2.14 0.22 10.49
CA ALA B 273 2.66 0.20 11.85
C ALA B 273 2.98 -1.23 12.29
N LEU B 274 2.11 -2.17 11.93
CA LEU B 274 2.35 -3.55 12.35
C LEU B 274 3.53 -4.16 11.62
N GLN B 275 3.71 -3.82 10.34
CA GLN B 275 4.88 -4.29 9.61
C GLN B 275 6.17 -3.84 10.27
N LEU B 276 6.25 -2.54 10.60
CA LEU B 276 7.43 -2.06 11.29
C LEU B 276 7.60 -2.76 12.62
N LEU B 277 6.49 -2.96 13.30
CA LEU B 277 6.54 -3.59 14.58
C LEU B 277 7.03 -5.00 14.52
N GLN B 278 6.54 -5.76 13.56
CA GLN B 278 6.92 -7.15 13.39
C GLN B 278 8.35 -7.38 12.94
N ALA B 279 8.83 -6.50 12.09
CA ALA B 279 10.17 -6.57 11.53
C ALA B 279 11.24 -5.90 12.41
N ASN B 280 10.84 -5.19 13.46
CA ASN B 280 11.77 -4.43 14.30
C ASN B 280 12.66 -3.49 13.47
N ARG B 281 12.02 -2.64 12.65
CA ARG B 281 12.70 -1.73 11.71
C ARG B 281 12.16 -0.30 11.84
N ALA B 282 12.92 0.65 11.28
CA ALA B 282 12.53 2.05 11.27
C ALA B 282 12.73 2.68 9.88
N VAL B 283 11.76 3.50 9.48
CA VAL B 283 11.82 4.26 8.24
C VAL B 283 11.80 5.74 8.60
N CYS B 284 12.77 6.49 8.07
CA CYS B 284 12.93 7.89 8.44
C CYS B 284 13.06 8.72 7.17
N GLY B 285 12.58 9.96 7.25
CA GLY B 285 12.70 10.91 6.17
C GLY B 285 13.40 12.15 6.65
N PHE B 286 14.32 12.65 5.83
CA PHE B 286 15.11 13.81 6.15
C PHE B 286 15.12 14.75 4.96
N HIS B 287 14.75 16.00 5.18
CA HIS B 287 14.81 17.02 4.14
C HIS B 287 15.31 18.29 4.81
N LEU B 288 16.57 18.65 4.51
CA LEU B 288 17.20 19.80 5.13
C LEU B 288 16.47 21.10 4.82
N GLY B 289 15.87 21.21 3.63
CA GLY B 289 15.16 22.41 3.26
C GLY B 289 14.04 22.74 4.22
N TYR B 290 13.38 21.73 4.77
CA TYR B 290 12.29 21.94 5.70
C TYR B 290 12.78 22.18 7.12
N LEU B 291 14.07 22.45 7.28
CA LEU B 291 14.65 22.76 8.58
C LEU B 291 14.99 24.24 8.75
N ASP B 292 14.72 25.08 7.76
CA ASP B 292 14.88 26.50 7.97
C ASP B 292 13.96 26.93 9.11
N GLY B 293 14.43 27.90 9.90
CA GLY B 293 13.73 28.22 11.13
C GLY B 293 14.04 27.29 12.29
N GLU B 294 14.83 26.24 12.08
CA GLU B 294 15.31 25.42 13.16
C GLU B 294 16.80 25.64 13.32
N VAL B 295 17.19 26.89 13.63
CA VAL B 295 18.60 27.25 13.54
C VAL B 295 19.41 26.64 14.69
N GLU B 296 18.78 26.40 15.84
CA GLU B 296 19.52 25.80 16.95
C GLU B 296 19.96 24.38 16.61
N LEU B 297 19.08 23.59 15.99
CA LEU B 297 19.39 22.21 15.63
C LEU B 297 20.50 22.14 14.59
N VAL B 298 20.32 22.83 13.46
CA VAL B 298 21.35 22.86 12.42
C VAL B 298 22.65 23.45 12.95
N SER B 299 22.56 24.42 13.86
CA SER B 299 23.78 25.03 14.39
C SER B 299 24.56 24.08 15.27
N GLY B 300 23.88 23.30 16.10
CA GLY B 300 24.57 22.25 16.84
C GLY B 300 25.22 21.23 15.92
N VAL B 301 24.54 20.90 14.81
CA VAL B 301 25.14 19.99 13.84
C VAL B 301 26.39 20.62 13.22
N VAL B 302 26.33 21.91 12.89
CA VAL B 302 27.50 22.56 12.30
C VAL B 302 28.63 22.60 13.30
N ALA B 303 28.31 22.83 14.57
CA ALA B 303 29.35 22.88 15.59
C ALA B 303 30.04 21.54 15.74
N ARG B 304 29.27 20.44 15.79
CA ARG B 304 29.90 19.13 15.87
C ARG B 304 30.75 18.86 14.63
N LEU B 305 30.29 19.29 13.45
CA LEU B 305 31.06 19.08 12.23
C LEU B 305 32.36 19.86 12.27
N LEU B 306 32.32 21.12 12.71
CA LEU B 306 33.53 21.90 12.83
C LEU B 306 34.49 21.30 13.83
N ALA B 307 33.94 20.72 14.91
CA ALA B 307 34.78 20.00 15.87
C ALA B 307 35.49 18.83 15.20
N LEU B 308 34.73 18.02 14.46
CA LEU B 308 35.33 16.88 13.76
C LEU B 308 36.37 17.33 12.75
N TYR B 309 36.16 18.49 12.12
CA TYR B 309 37.15 19.00 11.17
C TYR B 309 38.41 19.44 11.90
N ASN B 310 38.25 20.13 13.03
CA ASN B 310 39.42 20.57 13.78
C ASN B 310 40.26 19.38 14.25
N GLN B 311 39.61 18.28 14.61
CA GLN B 311 40.34 17.07 14.99
C GLN B 311 40.90 16.32 13.79
N GLY B 312 40.65 16.79 12.57
CA GLY B 312 41.19 16.15 11.40
C GLY B 312 40.51 14.85 11.04
N HIS B 313 39.24 14.67 11.43
CA HIS B 313 38.50 13.46 11.12
C HIS B 313 37.66 13.58 9.86
N ILE B 314 37.43 14.79 9.36
CA ILE B 314 36.71 15.00 8.12
C ILE B 314 37.44 16.06 7.31
N LYS B 315 37.43 15.90 6.00
CA LYS B 315 38.03 16.89 5.12
C LYS B 315 37.30 16.80 3.79
N PRO B 316 36.56 17.85 3.40
CA PRO B 316 35.80 17.79 2.15
C PRO B 316 36.70 17.52 0.96
N HIS B 317 36.28 16.60 0.10
CA HIS B 317 37.01 16.24 -1.09
C HIS B 317 36.45 17.00 -2.29
N ILE B 318 37.27 17.88 -2.88
CA ILE B 318 36.84 18.70 -4.01
C ILE B 318 37.15 17.95 -5.29
N ASP B 319 36.12 17.67 -6.08
CA ASP B 319 36.30 17.01 -7.38
C ASP B 319 36.79 17.98 -8.45
N SER B 320 36.16 19.14 -8.54
CA SER B 320 36.48 20.10 -9.58
C SER B 320 35.92 21.46 -9.21
N VAL B 321 36.56 22.52 -9.69
CA VAL B 321 36.10 23.89 -9.49
C VAL B 321 35.94 24.53 -10.88
N TRP B 322 34.81 25.21 -11.09
CA TRP B 322 34.50 25.75 -12.41
C TRP B 322 34.09 27.21 -12.30
N PRO B 323 34.46 28.03 -13.29
CA PRO B 323 33.95 29.41 -13.31
C PRO B 323 32.46 29.42 -13.67
N PHE B 324 31.82 30.55 -13.39
CA PHE B 324 30.39 30.66 -13.69
C PHE B 324 30.13 30.42 -15.15
N GLU B 325 30.99 30.95 -16.04
CA GLU B 325 30.79 30.83 -17.47
C GLU B 325 30.85 29.38 -17.94
N LYS B 326 31.44 28.49 -17.15
CA LYS B 326 31.51 27.07 -17.48
C LYS B 326 30.51 26.26 -16.64
N VAL B 327 29.47 26.93 -16.11
CA VAL B 327 28.53 26.27 -15.22
C VAL B 327 27.95 25.02 -15.87
N ALA B 328 27.64 25.09 -17.17
CA ALA B 328 27.10 23.94 -17.86
C ALA B 328 28.00 22.73 -17.66
N ASP B 329 29.29 22.90 -17.97
CA ASP B 329 30.24 21.81 -17.79
C ASP B 329 30.23 21.30 -16.36
N ALA B 330 30.19 22.22 -15.39
CA ALA B 330 30.08 21.82 -13.99
C ALA B 330 28.89 20.91 -13.77
N MET B 331 27.70 21.31 -14.25
CA MET B 331 26.52 20.46 -14.09
C MET B 331 26.72 19.11 -14.79
N LYS B 332 27.34 19.11 -15.98
CA LYS B 332 27.64 17.84 -16.64
C LYS B 332 28.47 16.96 -15.73
N GLN B 333 29.48 17.54 -15.08
CA GLN B 333 30.36 16.78 -14.20
C GLN B 333 29.56 15.98 -13.18
N MET B 334 28.41 16.51 -12.75
CA MET B 334 27.56 15.80 -11.82
C MET B 334 26.50 14.97 -12.52
N GLN B 335 25.93 15.48 -13.61
CA GLN B 335 24.81 14.78 -14.23
C GLN B 335 25.26 13.56 -15.02
N GLU B 336 26.47 13.61 -15.59
CA GLU B 336 27.02 12.49 -16.31
C GLU B 336 27.88 11.59 -15.42
N LYS B 337 27.74 11.71 -14.11
CA LYS B 337 28.30 10.76 -13.14
C LYS B 337 29.83 10.71 -13.17
N LYS B 338 30.46 11.85 -13.45
CA LYS B 338 31.91 11.92 -13.49
C LYS B 338 32.52 12.32 -12.16
N ASN B 339 31.79 13.02 -11.31
CA ASN B 339 32.38 13.62 -10.12
C ASN B 339 32.68 12.58 -9.05
N VAL B 340 33.73 12.85 -8.29
CA VAL B 340 34.05 12.15 -7.05
C VAL B 340 34.31 13.25 -6.02
N GLY B 341 33.33 13.54 -5.19
CA GLY B 341 33.42 14.63 -4.27
C GLY B 341 32.57 15.81 -4.69
N LYS B 342 32.92 16.97 -4.17
CA LYS B 342 32.13 18.17 -4.32
C LYS B 342 32.46 18.89 -5.62
N VAL B 343 31.43 19.37 -6.30
CA VAL B 343 31.64 20.23 -7.46
C VAL B 343 31.42 21.67 -7.02
N LEU B 344 32.33 22.57 -7.39
CA LEU B 344 32.26 23.94 -6.93
C LEU B 344 32.30 24.91 -8.09
N LEU B 345 31.66 26.05 -7.86
CA LEU B 345 31.61 27.17 -8.79
C LEU B 345 32.25 28.38 -8.16
N VAL B 346 33.07 29.08 -8.93
CA VAL B 346 33.70 30.31 -8.48
C VAL B 346 33.32 31.40 -9.46
N PRO B 347 33.24 32.66 -9.03
CA PRO B 347 32.98 33.74 -10.00
C PRO B 347 34.12 33.90 -10.99
N GLY B 348 35.36 34.08 -10.52
CA GLY B 348 36.52 34.15 -11.38
C GLY B 348 36.48 35.26 -12.41
N PRO B 349 37.27 35.13 -13.49
CA PRO B 349 37.42 36.15 -14.53
C PRO B 349 36.13 36.44 -15.29
N PRO C 6 17.67 -5.88 -55.50
CA PRO C 6 16.38 -6.08 -54.82
C PRO C 6 16.47 -5.87 -53.30
N LEU C 7 16.54 -4.61 -52.87
CA LEU C 7 16.70 -4.29 -51.46
C LEU C 7 15.34 -4.16 -50.77
N LEU C 8 15.35 -4.37 -49.44
CA LEU C 8 14.17 -4.27 -48.59
C LEU C 8 14.39 -3.21 -47.53
N ARG C 9 13.33 -2.56 -47.14
CA ARG C 9 13.37 -1.43 -46.24
C ARG C 9 12.97 -1.81 -44.85
N CYS C 10 13.45 -1.07 -43.88
CA CYS C 10 13.06 -1.24 -42.49
C CYS C 10 13.28 0.07 -41.75
N LEU C 11 12.49 0.30 -40.71
CA LEU C 11 12.70 1.40 -39.79
C LEU C 11 13.29 0.86 -38.51
N VAL C 12 14.29 1.56 -37.97
CA VAL C 12 14.99 1.11 -36.78
C VAL C 12 15.07 2.26 -35.79
N LEU C 13 14.82 1.95 -34.52
CA LEU C 13 14.95 2.90 -33.43
C LEU C 13 16.34 2.75 -32.82
N THR C 14 17.22 3.72 -33.08
CA THR C 14 18.58 3.67 -32.57
C THR C 14 18.68 4.19 -31.14
N GLY C 15 17.95 5.26 -30.82
CA GLY C 15 17.97 5.81 -29.49
C GLY C 15 16.60 6.32 -29.10
N PHE C 16 16.46 6.64 -27.83
CA PHE C 16 15.23 7.20 -27.31
C PHE C 16 15.29 8.72 -27.43
N GLY C 17 14.21 9.33 -27.91
CA GLY C 17 14.17 10.78 -28.03
C GLY C 17 13.12 11.31 -28.98
N GLY C 18 13.49 12.31 -29.78
CA GLY C 18 12.56 12.95 -30.68
C GLY C 18 12.34 12.15 -31.95
N TYR C 19 11.73 12.83 -32.94
CA TYR C 19 11.32 12.14 -34.16
C TYR C 19 12.52 11.57 -34.92
N ASP C 20 13.64 12.30 -34.93
CA ASP C 20 14.80 11.89 -35.71
C ASP C 20 15.46 10.63 -35.20
N LYS C 21 15.02 10.10 -34.07
CA LYS C 21 15.69 8.94 -33.49
C LYS C 21 15.28 7.62 -34.12
N VAL C 22 14.37 7.66 -35.06
CA VAL C 22 13.97 6.47 -35.78
C VAL C 22 14.37 6.68 -37.22
N LYS C 23 15.08 5.72 -37.77
CA LYS C 23 15.70 5.94 -39.05
C LYS C 23 15.55 4.83 -40.06
N LEU C 24 15.65 5.23 -41.32
CA LEU C 24 15.41 4.35 -42.44
C LEU C 24 16.60 3.58 -42.91
N GLN C 25 16.42 2.28 -43.09
CA GLN C 25 17.53 1.44 -43.46
C GLN C 25 17.07 0.41 -44.42
N SER C 26 17.99 -0.20 -45.16
CA SER C 26 17.68 -1.25 -46.11
C SER C 26 18.69 -2.36 -46.02
N ARG C 27 18.37 -3.48 -46.64
CA ARG C 27 19.11 -4.73 -46.51
C ARG C 27 18.77 -5.63 -47.69
N PRO C 28 19.72 -6.45 -48.14
CA PRO C 28 19.45 -7.34 -49.30
C PRO C 28 18.36 -8.36 -48.97
N ALA C 29 17.50 -8.62 -49.97
CA ALA C 29 16.37 -9.54 -49.82
C ALA C 29 16.86 -10.98 -49.87
N ALA C 30 17.21 -11.52 -48.71
CA ALA C 30 17.58 -12.92 -48.62
C ALA C 30 16.36 -13.80 -48.88
N PRO C 31 16.56 -15.02 -49.39
CA PRO C 31 15.43 -15.94 -49.58
C PRO C 31 14.77 -16.26 -48.25
N PRO C 32 13.43 -16.28 -48.22
CA PRO C 32 12.71 -16.50 -46.96
C PRO C 32 12.90 -17.91 -46.40
N ALA C 33 13.30 -17.99 -45.13
CA ALA C 33 13.52 -19.26 -44.43
C ALA C 33 12.78 -19.24 -43.09
N PRO C 34 11.48 -19.57 -43.09
CA PRO C 34 10.73 -19.56 -41.84
C PRO C 34 10.91 -20.84 -41.05
N GLY C 35 10.99 -20.71 -39.73
CA GLY C 35 11.18 -21.86 -38.88
C GLY C 35 9.94 -22.71 -38.75
N PRO C 36 9.95 -23.65 -37.80
CA PRO C 36 8.76 -24.50 -37.59
C PRO C 36 7.65 -23.66 -36.99
N GLY C 37 6.48 -23.82 -37.56
CA GLY C 37 5.34 -23.02 -37.17
C GLY C 37 5.54 -21.54 -37.27
N GLN C 38 6.21 -21.09 -38.30
CA GLN C 38 6.34 -19.69 -38.52
C GLN C 38 6.12 -19.31 -39.96
N LEU C 39 5.76 -18.05 -40.14
CA LEU C 39 5.38 -17.48 -41.41
C LEU C 39 6.30 -16.39 -41.65
N THR C 40 6.66 -16.23 -42.89
CA THR C 40 7.42 -15.08 -43.27
C THR C 40 6.59 -14.39 -44.29
N LEU C 41 6.46 -13.10 -44.18
CA LEU C 41 5.55 -12.37 -45.01
C LEU C 41 5.98 -11.00 -45.36
N ARG C 42 5.44 -10.50 -46.45
CA ARG C 42 5.78 -9.16 -46.91
C ARG C 42 4.64 -8.21 -46.56
N LEU C 43 4.97 -7.07 -45.96
CA LEU C 43 3.95 -6.19 -45.40
C LEU C 43 3.49 -5.14 -46.41
N ARG C 44 2.17 -4.98 -46.51
CA ARG C 44 1.59 -3.92 -47.34
C ARG C 44 1.29 -2.65 -46.55
N ALA C 45 0.86 -2.76 -45.29
CA ALA C 45 0.63 -1.61 -44.45
C ALA C 45 0.94 -2.01 -43.01
N CYS C 46 1.32 -1.01 -42.22
CA CYS C 46 1.72 -1.17 -40.83
C CYS C 46 1.01 -0.09 -40.02
N GLY C 47 0.59 -0.41 -38.79
CA GLY C 47 -0.13 0.55 -37.98
C GLY C 47 0.82 1.39 -37.14
N LEU C 48 0.52 2.68 -37.00
CA LEU C 48 1.25 3.52 -36.07
C LEU C 48 0.35 3.70 -34.84
N ASN C 49 0.87 3.29 -33.68
CA ASN C 49 0.09 3.34 -32.45
C ASN C 49 0.75 4.28 -31.45
N PHE C 50 -0.06 4.73 -30.48
CA PHE C 50 0.48 5.54 -29.41
C PHE C 50 1.60 4.80 -28.70
N ALA C 51 1.50 3.47 -28.64
CA ALA C 51 2.57 2.68 -28.03
C ALA C 51 3.88 2.85 -28.77
N ASP C 52 3.83 3.06 -30.09
CA ASP C 52 5.06 3.29 -30.84
C ASP C 52 5.71 4.62 -30.46
N LEU C 53 4.90 5.68 -30.31
CA LEU C 53 5.44 6.95 -29.83
C LEU C 53 6.05 6.82 -28.45
N MET C 54 5.34 6.13 -27.56
CA MET C 54 5.87 5.95 -26.21
C MET C 54 7.19 5.18 -26.23
N ALA C 55 7.27 4.15 -27.07
CA ALA C 55 8.51 3.39 -27.16
C ALA C 55 9.64 4.25 -27.72
N ARG C 56 9.32 5.16 -28.65
CA ARG C 56 10.34 6.07 -29.15
C ARG C 56 10.85 6.97 -28.03
N GLN C 57 9.99 7.33 -27.09
CA GLN C 57 10.48 8.12 -25.95
C GLN C 57 11.11 7.27 -24.86
N GLY C 58 11.16 5.95 -25.02
CA GLY C 58 11.69 5.08 -23.99
C GLY C 58 10.73 4.82 -22.84
N LEU C 59 9.43 4.86 -23.12
CA LEU C 59 8.40 4.71 -22.09
C LEU C 59 7.51 3.49 -22.33
N TYR C 60 7.90 2.57 -23.20
CA TYR C 60 7.15 1.34 -23.42
C TYR C 60 7.99 0.18 -22.90
N ASP C 61 7.50 -0.47 -21.85
CA ASP C 61 8.29 -1.46 -21.11
C ASP C 61 8.47 -2.77 -21.85
N ARG C 62 7.61 -3.10 -22.80
CA ARG C 62 7.74 -4.34 -23.56
C ARG C 62 8.60 -4.19 -24.80
N LEU C 63 9.32 -3.06 -24.94
CA LEU C 63 10.14 -2.86 -26.12
C LEU C 63 11.46 -3.61 -25.93
N PRO C 64 11.88 -4.42 -26.89
CA PRO C 64 13.17 -5.10 -26.76
C PRO C 64 14.30 -4.09 -26.75
N PRO C 65 15.51 -4.51 -26.40
CA PRO C 65 16.63 -3.56 -26.34
C PRO C 65 16.93 -2.96 -27.71
N LEU C 66 17.55 -1.78 -27.69
CA LEU C 66 17.89 -1.06 -28.92
C LEU C 66 19.21 -1.58 -29.52
N PRO C 67 19.36 -1.53 -30.85
CA PRO C 67 18.36 -1.04 -31.82
C PRO C 67 17.38 -2.15 -32.19
N VAL C 68 16.16 -1.75 -32.59
CA VAL C 68 15.10 -2.70 -32.93
C VAL C 68 14.13 -1.99 -33.85
N THR C 69 13.47 -2.76 -34.71
CA THR C 69 12.42 -2.21 -35.55
C THR C 69 11.12 -2.13 -34.76
N PRO C 70 10.55 -0.94 -34.57
CA PRO C 70 9.31 -0.81 -33.80
C PRO C 70 8.08 -1.31 -34.53
N GLY C 71 6.90 -1.00 -33.99
CA GLY C 71 5.68 -1.37 -34.67
C GLY C 71 5.13 -2.69 -34.20
N MET C 72 3.82 -2.75 -33.94
CA MET C 72 3.25 -3.94 -33.35
C MET C 72 2.16 -4.59 -34.18
N GLU C 73 1.78 -4.01 -35.33
CA GLU C 73 0.75 -4.59 -36.17
C GLU C 73 0.95 -4.23 -37.64
N GLY C 74 0.61 -5.18 -38.50
CA GLY C 74 0.69 -4.93 -39.93
C GLY C 74 -0.21 -5.89 -40.66
N ALA C 75 -0.34 -5.68 -41.97
CA ALA C 75 -1.12 -6.58 -42.82
C ALA C 75 -0.35 -6.79 -44.12
N GLY C 76 -0.34 -8.02 -44.60
CA GLY C 76 0.48 -8.35 -45.75
C GLY C 76 0.16 -9.70 -46.34
N VAL C 77 1.15 -10.25 -47.05
CA VAL C 77 0.98 -11.43 -47.88
C VAL C 77 1.97 -12.48 -47.41
N VAL C 78 1.47 -13.69 -47.16
CA VAL C 78 2.38 -14.76 -46.75
C VAL C 78 3.26 -15.12 -47.94
N ILE C 79 4.58 -15.05 -47.74
CA ILE C 79 5.47 -15.38 -48.84
C ILE C 79 6.08 -16.76 -48.64
N ALA C 80 6.24 -17.19 -47.37
CA ALA C 80 6.73 -18.55 -47.13
C ALA C 80 6.25 -19.06 -45.78
N VAL C 81 5.89 -20.34 -45.76
CA VAL C 81 5.26 -20.99 -44.62
C VAL C 81 6.16 -22.10 -44.09
N GLY C 82 6.39 -22.11 -42.78
CA GLY C 82 7.19 -23.13 -42.13
C GLY C 82 6.46 -24.45 -41.97
N GLU C 83 7.16 -25.41 -41.37
CA GLU C 83 6.60 -26.76 -41.29
C GLU C 83 5.58 -26.87 -40.16
N GLY C 84 4.61 -27.76 -40.36
CA GLY C 84 3.54 -27.97 -39.42
C GLY C 84 2.38 -27.00 -39.54
N VAL C 85 2.52 -25.96 -40.36
CA VAL C 85 1.48 -24.96 -40.53
C VAL C 85 0.60 -25.39 -41.69
N SER C 86 -0.64 -25.76 -41.38
CA SER C 86 -1.59 -26.21 -42.39
C SER C 86 -2.52 -25.10 -42.84
N ASP C 87 -2.94 -24.24 -41.92
CA ASP C 87 -3.97 -23.24 -42.16
C ASP C 87 -3.46 -22.02 -42.93
N ARG C 88 -2.14 -21.86 -43.07
CA ARG C 88 -1.54 -20.76 -43.81
C ARG C 88 -0.89 -21.27 -45.08
N LYS C 89 -1.16 -20.62 -46.20
CA LYS C 89 -0.52 -20.93 -47.47
C LYS C 89 0.06 -19.65 -48.09
N ALA C 90 1.07 -19.83 -48.95
CA ALA C 90 1.72 -18.70 -49.59
C ALA C 90 0.72 -17.89 -50.41
N GLY C 91 0.85 -16.56 -50.33
CA GLY C 91 -0.05 -15.67 -51.03
C GLY C 91 -1.26 -15.25 -50.24
N ASP C 92 -1.51 -15.85 -49.08
CA ASP C 92 -2.64 -15.50 -48.24
C ASP C 92 -2.48 -14.09 -47.67
N ARG C 93 -3.60 -13.42 -47.50
CA ARG C 93 -3.63 -12.08 -46.91
C ARG C 93 -3.84 -12.22 -45.40
N VAL C 94 -2.91 -11.71 -44.60
CA VAL C 94 -2.97 -11.90 -43.15
C VAL C 94 -2.65 -10.58 -42.45
N MET C 95 -3.31 -10.37 -41.32
CA MET C 95 -2.93 -9.33 -40.38
C MET C 95 -2.14 -9.97 -39.24
N VAL C 96 -1.04 -9.32 -38.87
CA VAL C 96 -0.10 -9.83 -37.90
C VAL C 96 -0.07 -8.88 -36.72
N LEU C 97 -0.11 -9.47 -35.53
CA LEU C 97 0.01 -8.76 -34.27
C LEU C 97 1.27 -9.31 -33.63
N ASN C 98 2.20 -8.42 -33.28
CA ASN C 98 3.44 -8.88 -32.69
C ASN C 98 3.99 -7.81 -31.77
N ARG C 99 5.02 -8.20 -31.02
CA ARG C 99 5.58 -7.31 -30.00
C ARG C 99 6.42 -6.21 -30.62
N SER C 100 7.12 -6.49 -31.71
CA SER C 100 7.94 -5.49 -32.38
C SER C 100 8.24 -5.97 -33.79
N GLY C 101 8.97 -5.15 -34.54
CA GLY C 101 9.45 -5.56 -35.84
C GLY C 101 8.49 -5.39 -37.00
N MET C 102 7.44 -4.58 -36.84
CA MET C 102 6.43 -4.48 -37.88
C MET C 102 6.63 -3.30 -38.81
N TRP C 103 7.57 -2.40 -38.54
CA TRP C 103 7.79 -1.26 -39.43
C TRP C 103 8.85 -1.57 -40.48
N GLN C 104 8.59 -2.62 -41.25
CA GLN C 104 9.51 -3.09 -42.28
C GLN C 104 8.74 -3.91 -43.29
N GLU C 105 9.37 -4.14 -44.45
CA GLU C 105 8.69 -4.81 -45.56
C GLU C 105 8.55 -6.31 -45.32
N GLU C 106 9.58 -6.97 -44.79
CA GLU C 106 9.54 -8.40 -44.60
C GLU C 106 9.65 -8.73 -43.11
N VAL C 107 8.81 -9.66 -42.62
CA VAL C 107 8.82 -10.03 -41.21
C VAL C 107 8.53 -11.52 -41.09
N THR C 108 9.10 -12.12 -40.04
CA THR C 108 8.82 -13.51 -39.71
C THR C 108 8.18 -13.57 -38.33
N VAL C 109 7.04 -14.25 -38.26
CA VAL C 109 6.21 -14.26 -37.04
C VAL C 109 5.59 -15.64 -36.90
N PRO C 110 5.20 -16.00 -35.68
CA PRO C 110 4.44 -17.23 -35.50
C PRO C 110 3.15 -17.21 -36.30
N SER C 111 2.85 -18.34 -36.93
CA SER C 111 1.59 -18.47 -37.67
C SER C 111 0.40 -18.22 -36.76
N VAL C 112 0.53 -18.53 -35.46
CA VAL C 112 -0.61 -18.38 -34.55
C VAL C 112 -0.88 -16.93 -34.20
N GLN C 113 0.05 -16.01 -34.49
CA GLN C 113 -0.19 -14.59 -34.29
C GLN C 113 -0.66 -13.87 -35.55
N THR C 114 -1.02 -14.61 -36.60
CA THR C 114 -1.55 -14.00 -37.81
C THR C 114 -2.98 -14.47 -38.01
N PHE C 115 -3.75 -13.65 -38.73
CA PHE C 115 -5.18 -13.90 -38.94
C PHE C 115 -5.54 -13.59 -40.38
N LEU C 116 -6.34 -14.48 -40.99
CA LEU C 116 -6.70 -14.33 -42.39
C LEU C 116 -7.54 -13.07 -42.59
N ILE C 117 -7.10 -12.20 -43.49
CA ILE C 117 -7.85 -10.98 -43.77
C ILE C 117 -9.13 -11.34 -44.53
N PRO C 118 -10.28 -10.73 -44.21
CA PRO C 118 -11.48 -10.97 -44.99
C PRO C 118 -11.28 -10.52 -46.43
N GLU C 119 -12.06 -11.10 -47.32
CA GLU C 119 -11.86 -10.84 -48.74
C GLU C 119 -12.20 -9.39 -49.11
N ALA C 120 -13.24 -8.83 -48.51
CA ALA C 120 -13.67 -7.48 -48.81
C ALA C 120 -12.91 -6.42 -48.03
N MET C 121 -11.98 -6.82 -47.16
CA MET C 121 -11.22 -5.87 -46.36
C MET C 121 -9.92 -5.50 -47.06
N THR C 122 -9.65 -4.20 -47.12
CA THR C 122 -8.40 -3.72 -47.70
C THR C 122 -7.26 -3.91 -46.70
N PHE C 123 -6.03 -3.83 -47.23
CA PHE C 123 -4.85 -3.93 -46.37
C PHE C 123 -4.81 -2.78 -45.37
N GLU C 124 -5.25 -1.59 -45.77
CA GLU C 124 -5.26 -0.48 -44.83
C GLU C 124 -6.23 -0.76 -43.69
N GLU C 125 -7.43 -1.24 -44.01
CA GLU C 125 -8.36 -1.60 -42.95
C GLU C 125 -7.81 -2.71 -42.07
N ALA C 126 -7.17 -3.72 -42.67
CA ALA C 126 -6.60 -4.83 -41.91
C ALA C 126 -5.50 -4.39 -40.96
N ALA C 127 -4.58 -3.55 -41.45
CA ALA C 127 -3.54 -3.01 -40.60
C ALA C 127 -4.08 -2.08 -39.53
N ALA C 128 -5.25 -1.48 -39.74
CA ALA C 128 -5.85 -0.64 -38.73
C ALA C 128 -6.73 -1.39 -37.74
N LEU C 129 -7.10 -2.64 -38.03
CA LEU C 129 -8.11 -3.32 -37.21
C LEU C 129 -7.57 -3.75 -35.83
N LEU C 130 -6.48 -4.52 -35.81
CA LEU C 130 -6.15 -5.38 -34.67
C LEU C 130 -6.00 -4.64 -33.33
N VAL C 131 -4.94 -3.84 -33.17
CA VAL C 131 -4.66 -3.22 -31.88
C VAL C 131 -5.87 -2.42 -31.40
N ASN C 132 -6.35 -1.49 -32.24
CA ASN C 132 -7.41 -0.58 -31.82
C ASN C 132 -8.68 -1.33 -31.45
N TYR C 133 -9.13 -2.25 -32.31
CA TYR C 133 -10.43 -2.88 -32.06
C TYR C 133 -10.37 -3.99 -31.02
N ILE C 134 -9.27 -4.74 -30.92
CA ILE C 134 -9.11 -5.69 -29.83
C ILE C 134 -9.12 -4.95 -28.50
N THR C 135 -8.35 -3.85 -28.42
CA THR C 135 -8.33 -3.09 -27.19
C THR C 135 -9.73 -2.57 -26.85
N ALA C 136 -10.43 -1.98 -27.82
CA ALA C 136 -11.75 -1.43 -27.53
C ALA C 136 -12.74 -2.53 -27.15
N TYR C 137 -12.69 -3.66 -27.85
CA TYR C 137 -13.61 -4.75 -27.56
C TYR C 137 -13.39 -5.26 -26.15
N MET C 138 -12.12 -5.48 -25.78
CA MET C 138 -11.84 -6.06 -24.48
C MET C 138 -12.05 -5.06 -23.36
N VAL C 139 -11.89 -3.77 -23.65
CA VAL C 139 -12.17 -2.78 -22.63
C VAL C 139 -13.67 -2.65 -22.41
N LEU C 140 -14.46 -2.61 -23.49
CA LEU C 140 -15.90 -2.35 -23.34
C LEU C 140 -16.68 -3.57 -22.92
N PHE C 141 -16.29 -4.76 -23.36
CA PHE C 141 -17.10 -5.95 -23.15
C PHE C 141 -16.50 -6.92 -22.16
N ASP C 142 -15.24 -7.34 -22.35
CA ASP C 142 -14.65 -8.30 -21.41
C ASP C 142 -14.55 -7.69 -20.01
N PHE C 143 -14.10 -6.43 -19.91
CA PHE C 143 -14.05 -5.75 -18.62
C PHE C 143 -15.31 -4.93 -18.35
N GLY C 144 -15.69 -4.06 -19.28
CA GLY C 144 -16.77 -3.12 -19.01
C GLY C 144 -18.15 -3.74 -18.97
N ASN C 145 -18.34 -4.86 -19.65
CA ASN C 145 -19.62 -5.56 -19.67
C ASN C 145 -20.74 -4.64 -20.13
N LEU C 146 -20.49 -3.97 -21.27
CA LEU C 146 -21.42 -3.00 -21.83
C LEU C 146 -22.78 -3.66 -22.07
N GLN C 147 -23.83 -2.98 -21.65
CA GLN C 147 -25.19 -3.48 -21.67
C GLN C 147 -26.10 -2.42 -22.24
N PRO C 148 -27.25 -2.81 -22.80
CA PRO C 148 -28.18 -1.80 -23.31
C PRO C 148 -28.57 -0.80 -22.23
N GLY C 149 -28.57 0.49 -22.61
CA GLY C 149 -28.95 1.56 -21.70
C GLY C 149 -27.82 2.18 -20.92
N HIS C 150 -26.60 1.67 -21.03
CA HIS C 150 -25.48 2.18 -20.26
C HIS C 150 -24.93 3.47 -20.87
N SER C 151 -24.11 4.18 -20.10
CA SER C 151 -23.39 5.35 -20.57
C SER C 151 -21.90 5.08 -20.53
N VAL C 152 -21.21 5.42 -21.61
CA VAL C 152 -19.77 5.15 -21.77
C VAL C 152 -19.06 6.46 -22.06
N LEU C 153 -18.00 6.74 -21.29
CA LEU C 153 -17.12 7.88 -21.54
C LEU C 153 -15.89 7.35 -22.26
N VAL C 154 -15.75 7.73 -23.53
CA VAL C 154 -14.66 7.30 -24.39
C VAL C 154 -13.71 8.48 -24.51
N HIS C 155 -12.64 8.46 -23.72
CA HIS C 155 -11.61 9.48 -23.88
C HIS C 155 -10.87 9.25 -25.20
N MET C 156 -10.35 10.35 -25.76
CA MET C 156 -9.64 10.31 -27.04
C MET C 156 -10.50 9.60 -28.09
N ALA C 157 -11.77 10.01 -28.14
CA ALA C 157 -12.76 9.37 -28.98
C ALA C 157 -12.53 9.59 -30.46
N ALA C 158 -11.65 10.52 -30.82
CA ALA C 158 -11.29 10.72 -32.22
C ALA C 158 -10.02 9.97 -32.60
N GLY C 159 -9.45 9.18 -31.71
CA GLY C 159 -8.29 8.38 -32.03
C GLY C 159 -8.69 7.02 -32.60
N GLY C 160 -7.69 6.18 -32.80
CA GLY C 160 -7.94 4.82 -33.30
C GLY C 160 -8.78 4.01 -32.34
N VAL C 161 -8.26 3.81 -31.12
CA VAL C 161 -9.02 3.11 -30.09
C VAL C 161 -10.36 3.80 -29.87
N GLY C 162 -10.36 5.13 -29.85
CA GLY C 162 -11.60 5.85 -29.56
C GLY C 162 -12.67 5.59 -30.59
N MET C 163 -12.32 5.73 -31.88
CA MET C 163 -13.31 5.51 -32.91
C MET C 163 -13.78 4.06 -32.93
N ALA C 164 -12.85 3.12 -32.75
CA ALA C 164 -13.26 1.72 -32.65
C ALA C 164 -14.26 1.53 -31.50
N ALA C 165 -14.00 2.15 -30.35
CA ALA C 165 -14.90 1.96 -29.22
C ALA C 165 -16.26 2.60 -29.48
N VAL C 166 -16.28 3.73 -30.17
CA VAL C 166 -17.57 4.37 -30.47
C VAL C 166 -18.39 3.48 -31.41
N GLN C 167 -17.74 2.86 -32.39
CA GLN C 167 -18.47 1.93 -33.26
C GLN C 167 -18.97 0.72 -32.49
N LEU C 168 -18.11 0.12 -31.66
CA LEU C 168 -18.53 -1.02 -30.88
C LEU C 168 -19.67 -0.66 -29.94
N CYS C 169 -19.67 0.56 -29.39
CA CYS C 169 -20.82 1.00 -28.61
C CYS C 169 -22.08 1.03 -29.45
N ARG C 170 -21.98 1.53 -30.69
CA ARG C 170 -23.14 1.56 -31.58
C ARG C 170 -23.68 0.16 -31.86
N THR C 171 -22.83 -0.86 -31.79
CA THR C 171 -23.38 -2.21 -31.93
C THR C 171 -24.21 -2.64 -30.72
N VAL C 172 -24.38 -1.81 -29.70
CA VAL C 172 -25.20 -2.15 -28.54
C VAL C 172 -26.36 -1.18 -28.47
N GLU C 173 -27.52 -1.71 -28.10
CA GLU C 173 -28.78 -0.97 -28.19
C GLU C 173 -28.82 0.15 -27.17
N ASN C 174 -29.13 1.37 -27.63
CA ASN C 174 -29.41 2.51 -26.76
C ASN C 174 -28.27 2.75 -25.77
N VAL C 175 -27.11 3.11 -26.31
CA VAL C 175 -25.90 3.36 -25.51
C VAL C 175 -25.51 4.81 -25.66
N THR C 176 -25.49 5.55 -24.55
CA THR C 176 -25.07 6.94 -24.58
C THR C 176 -23.55 7.04 -24.51
N VAL C 177 -22.95 7.70 -25.50
CA VAL C 177 -21.50 7.77 -25.64
C VAL C 177 -21.05 9.20 -25.42
N PHE C 178 -20.29 9.42 -24.35
CA PHE C 178 -19.59 10.67 -24.10
C PHE C 178 -18.19 10.57 -24.70
N GLY C 179 -17.88 11.44 -25.65
CA GLY C 179 -16.57 11.40 -26.27
C GLY C 179 -15.77 12.68 -26.15
N THR C 180 -14.52 12.59 -25.72
CA THR C 180 -13.68 13.76 -25.53
C THR C 180 -12.63 13.80 -26.62
N ALA C 181 -12.55 14.94 -27.31
CA ALA C 181 -11.61 15.21 -28.39
C ALA C 181 -11.72 16.69 -28.73
N SER C 182 -10.82 17.15 -29.59
CA SER C 182 -10.81 18.56 -30.00
C SER C 182 -12.13 18.94 -30.68
N ALA C 183 -12.50 20.21 -30.53
CA ALA C 183 -13.81 20.67 -30.95
C ALA C 183 -14.08 20.39 -32.43
N SER C 184 -13.10 20.62 -33.30
CA SER C 184 -13.25 20.33 -34.73
C SER C 184 -13.70 18.90 -34.97
N LYS C 185 -12.90 17.94 -34.47
CA LYS C 185 -13.19 16.52 -34.65
C LYS C 185 -14.58 16.20 -34.12
N HIS C 186 -15.15 17.14 -33.36
CA HIS C 186 -16.48 16.93 -32.79
C HIS C 186 -17.48 16.50 -33.85
N GLU C 187 -17.46 17.16 -35.01
CA GLU C 187 -18.38 16.74 -36.06
C GLU C 187 -18.11 15.30 -36.48
N ALA C 188 -16.86 14.98 -36.77
CA ALA C 188 -16.50 13.57 -37.02
C ALA C 188 -16.97 12.69 -35.87
N LEU C 189 -16.78 13.13 -34.62
CA LEU C 189 -17.26 12.36 -33.49
C LEU C 189 -18.77 12.11 -33.62
N LYS C 190 -19.53 13.17 -33.89
CA LYS C 190 -20.96 12.98 -33.98
C LYS C 190 -21.29 12.08 -35.17
N GLU C 191 -20.45 12.14 -36.22
CA GLU C 191 -20.65 11.26 -37.37
C GLU C 191 -20.37 9.81 -37.02
N ASN C 192 -19.47 9.55 -36.08
CA ASN C 192 -19.10 8.19 -35.75
C ASN C 192 -19.98 7.58 -34.67
N GLY C 193 -20.71 8.39 -33.91
CA GLY C 193 -21.62 7.87 -32.90
C GLY C 193 -21.50 8.46 -31.51
N VAL C 194 -20.70 9.52 -31.37
CA VAL C 194 -20.58 10.20 -30.09
C VAL C 194 -21.85 11.00 -29.83
N THR C 195 -22.52 10.72 -28.71
CA THR C 195 -23.75 11.44 -28.38
C THR C 195 -23.47 12.82 -27.77
N HIS C 196 -22.38 12.96 -27.01
CA HIS C 196 -22.08 14.21 -26.32
C HIS C 196 -20.60 14.51 -26.44
N PRO C 197 -20.19 15.21 -27.49
CA PRO C 197 -18.77 15.60 -27.60
C PRO C 197 -18.40 16.61 -26.52
N ILE C 198 -17.18 16.46 -26.01
CA ILE C 198 -16.65 17.33 -24.96
C ILE C 198 -15.21 17.63 -25.33
N ASP C 199 -14.86 18.92 -25.33
CA ASP C 199 -13.50 19.35 -25.62
C ASP C 199 -12.81 19.56 -24.28
N TYR C 200 -12.07 18.54 -23.84
CA TYR C 200 -11.38 18.62 -22.56
C TYR C 200 -10.18 19.56 -22.59
N HIS C 201 -9.84 20.13 -23.74
CA HIS C 201 -8.79 21.14 -23.79
C HIS C 201 -9.29 22.50 -23.34
N THR C 202 -10.59 22.74 -23.48
CA THR C 202 -11.17 24.03 -23.16
C THR C 202 -12.22 23.97 -22.06
N THR C 203 -12.66 22.77 -21.66
CA THR C 203 -13.67 22.63 -20.62
C THR C 203 -13.26 21.51 -19.68
N ASP C 204 -13.97 21.44 -18.55
CA ASP C 204 -13.79 20.38 -17.56
C ASP C 204 -14.76 19.25 -17.92
N TYR C 205 -14.22 18.11 -18.36
CA TYR C 205 -15.12 17.06 -18.83
C TYR C 205 -15.96 16.48 -17.70
N VAL C 206 -15.45 16.48 -16.46
CA VAL C 206 -16.26 16.04 -15.33
C VAL C 206 -17.51 16.92 -15.23
N ASP C 207 -17.32 18.23 -15.27
CA ASP C 207 -18.45 19.15 -15.15
C ASP C 207 -19.41 19.00 -16.32
N GLU C 208 -18.88 18.85 -17.54
CA GLU C 208 -19.77 18.69 -18.69
C GLU C 208 -20.62 17.44 -18.54
N ILE C 209 -19.99 16.32 -18.20
CA ILE C 209 -20.71 15.06 -18.01
C ILE C 209 -21.73 15.19 -16.88
N LYS C 210 -21.33 15.76 -15.75
CA LYS C 210 -22.25 15.84 -14.64
C LYS C 210 -23.39 16.82 -14.90
N LYS C 211 -23.20 17.81 -15.79
CA LYS C 211 -24.33 18.63 -16.22
C LYS C 211 -25.26 17.87 -17.15
N ILE C 212 -24.69 17.02 -18.00
CA ILE C 212 -25.55 16.18 -18.84
C ILE C 212 -26.11 15.01 -18.06
N SER C 213 -25.24 14.26 -17.37
CA SER C 213 -25.69 13.12 -16.57
C SER C 213 -25.20 13.28 -15.14
N PRO C 214 -26.07 13.74 -14.23
CA PRO C 214 -25.60 14.00 -12.86
C PRO C 214 -25.20 12.72 -12.14
N LYS C 215 -25.80 11.59 -12.49
CA LYS C 215 -25.48 10.31 -11.85
C LYS C 215 -24.10 9.78 -12.24
N GLY C 216 -23.49 10.30 -13.30
CA GLY C 216 -22.21 9.82 -13.78
C GLY C 216 -22.40 8.89 -14.95
N VAL C 217 -21.47 7.98 -15.23
CA VAL C 217 -21.58 7.05 -16.33
C VAL C 217 -21.29 5.64 -15.82
N ASP C 218 -21.60 4.66 -16.68
CA ASP C 218 -21.47 3.24 -16.34
C ASP C 218 -20.09 2.68 -16.67
N ILE C 219 -19.49 3.12 -17.77
CA ILE C 219 -18.14 2.69 -18.16
C ILE C 219 -17.32 3.93 -18.48
N VAL C 220 -16.09 3.99 -17.96
CA VAL C 220 -15.14 5.04 -18.26
C VAL C 220 -13.90 4.38 -18.84
N MET C 221 -13.58 4.72 -20.09
CA MET C 221 -12.34 4.29 -20.72
C MET C 221 -11.26 5.33 -20.39
N ASP C 222 -10.19 4.89 -19.71
CA ASP C 222 -9.16 5.78 -19.20
C ASP C 222 -7.83 5.49 -19.88
N PRO C 223 -7.56 6.11 -21.02
CA PRO C 223 -6.20 6.10 -21.56
C PRO C 223 -5.33 7.23 -21.04
N LEU C 224 -5.91 8.22 -20.35
CA LEU C 224 -5.12 9.37 -19.93
C LEU C 224 -4.19 9.02 -18.79
N GLY C 225 -4.68 8.25 -17.80
CA GLY C 225 -3.89 7.88 -16.64
C GLY C 225 -3.66 9.06 -15.71
N GLY C 226 -2.82 8.82 -14.71
CA GLY C 226 -2.56 9.86 -13.73
C GLY C 226 -3.82 10.26 -13.00
N SER C 227 -3.91 11.55 -12.67
CA SER C 227 -5.06 12.10 -11.94
C SER C 227 -6.38 11.78 -12.64
N ASP C 228 -6.37 11.75 -13.97
CA ASP C 228 -7.60 11.48 -14.70
C ASP C 228 -8.24 10.16 -14.27
N THR C 229 -7.41 9.15 -13.95
CA THR C 229 -7.97 7.90 -13.47
C THR C 229 -8.92 8.13 -12.31
N ALA C 230 -8.49 8.89 -11.28
CA ALA C 230 -9.37 9.18 -10.16
C ALA C 230 -10.64 9.89 -10.63
N LYS C 231 -10.50 10.85 -11.55
CA LYS C 231 -11.67 11.50 -12.12
C LYS C 231 -12.61 10.48 -12.73
N GLY C 232 -12.07 9.57 -13.55
CA GLY C 232 -12.90 8.52 -14.11
C GLY C 232 -13.58 7.71 -13.02
N TYR C 233 -12.83 7.35 -11.97
CA TYR C 233 -13.42 6.54 -10.92
C TYR C 233 -14.59 7.26 -10.29
N ASN C 234 -14.51 8.58 -10.15
CA ASN C 234 -15.60 9.27 -9.47
C ASN C 234 -16.72 9.64 -10.40
N LEU C 235 -16.63 9.30 -11.68
CA LEU C 235 -17.75 9.48 -12.59
C LEU C 235 -18.63 8.25 -12.70
N LEU C 236 -18.33 7.19 -11.96
CA LEU C 236 -19.00 5.91 -12.14
C LEU C 236 -20.32 5.89 -11.38
N LYS C 237 -21.38 5.46 -12.06
CA LYS C 237 -22.62 5.14 -11.39
C LYS C 237 -22.41 3.83 -10.63
N PRO C 238 -23.33 3.46 -9.73
CA PRO C 238 -23.24 2.15 -9.07
C PRO C 238 -23.13 1.03 -10.09
N MET C 239 -22.31 0.02 -9.75
CA MET C 239 -21.91 -1.09 -10.62
C MET C 239 -21.05 -0.63 -11.81
N GLY C 240 -20.51 0.59 -11.74
CA GLY C 240 -19.74 1.11 -12.85
C GLY C 240 -18.32 0.59 -12.86
N LYS C 241 -17.68 0.71 -14.02
CA LYS C 241 -16.31 0.25 -14.22
C LYS C 241 -15.49 1.33 -14.90
N VAL C 242 -14.31 1.62 -14.35
CA VAL C 242 -13.31 2.44 -15.01
C VAL C 242 -12.19 1.50 -15.45
N VAL C 243 -11.93 1.48 -16.75
CA VAL C 243 -10.91 0.62 -17.33
C VAL C 243 -9.73 1.49 -17.75
N THR C 244 -8.65 1.45 -16.97
CA THR C 244 -7.45 2.23 -17.27
C THR C 244 -6.51 1.37 -18.12
N TYR C 245 -6.05 1.94 -19.25
CA TYR C 245 -5.23 1.19 -20.19
C TYR C 245 -4.18 2.06 -20.90
N GLY C 246 -3.85 3.23 -20.37
CA GLY C 246 -2.81 4.04 -20.97
C GLY C 246 -2.44 5.16 -20.02
N MET C 247 -1.36 5.86 -20.36
CA MET C 247 -0.93 7.03 -19.63
C MET C 247 -0.51 8.12 -20.62
N ALA C 248 -1.44 8.48 -21.48
CA ALA C 248 -1.14 9.43 -22.54
C ALA C 248 -0.82 10.83 -22.01
N ASN C 249 -1.12 11.14 -20.74
CA ASN C 249 -0.72 12.42 -20.16
C ASN C 249 0.79 12.55 -20.03
N LEU C 250 1.54 11.45 -20.18
CA LEU C 250 2.99 11.49 -20.16
C LEU C 250 3.62 12.10 -21.42
N LEU C 251 2.90 12.13 -22.55
CA LEU C 251 3.45 12.64 -23.81
C LEU C 251 3.08 14.11 -23.97
N THR C 252 4.00 15.01 -23.61
CA THR C 252 3.79 16.43 -23.74
C THR C 252 4.68 17.07 -24.78
N GLY C 253 5.19 16.28 -25.73
CA GLY C 253 6.08 16.82 -26.72
C GLY C 253 6.98 15.77 -27.34
N PRO C 254 7.88 16.21 -28.21
CA PRO C 254 8.71 15.26 -28.97
C PRO C 254 9.68 14.45 -28.12
N LYS C 255 10.05 14.93 -26.94
CA LYS C 255 10.97 14.24 -26.05
C LYS C 255 10.33 14.01 -24.69
N ARG C 256 10.93 13.13 -23.89
CA ARG C 256 10.37 12.78 -22.59
C ARG C 256 10.44 13.97 -21.63
N ASN C 257 9.30 14.34 -21.07
CA ASN C 257 9.23 15.42 -20.10
C ASN C 257 9.40 14.86 -18.68
N LEU C 258 10.48 15.26 -18.00
CA LEU C 258 10.74 14.71 -16.67
C LEU C 258 9.71 15.20 -15.64
N MET C 259 9.24 16.44 -15.75
CA MET C 259 8.23 16.93 -14.82
C MET C 259 6.94 16.12 -14.95
N ALA C 260 6.55 15.78 -16.18
CA ALA C 260 5.37 14.95 -16.37
C ALA C 260 5.56 13.57 -15.76
N LEU C 261 6.67 12.90 -16.12
CA LEU C 261 6.97 11.60 -15.52
C LEU C 261 6.91 11.67 -13.99
N ALA C 262 7.44 12.74 -13.41
CA ALA C 262 7.57 12.77 -11.95
C ALA C 262 6.23 13.09 -11.29
N ARG C 263 5.48 14.06 -11.81
CA ARG C 263 4.21 14.33 -11.16
C ARG C 263 3.22 13.18 -11.40
N THR C 264 3.32 12.48 -12.54
CA THR C 264 2.51 11.28 -12.67
C THR C 264 3.00 10.19 -11.71
N TRP C 265 4.30 10.17 -11.41
CA TRP C 265 4.80 9.21 -10.43
C TRP C 265 4.24 9.49 -9.04
N TRP C 266 3.93 10.76 -8.73
CA TRP C 266 3.41 11.10 -7.40
C TRP C 266 1.92 10.81 -7.28
N ASN C 267 1.10 11.41 -8.15
CA ASN C 267 -0.34 11.18 -8.05
C ASN C 267 -0.69 9.98 -8.93
N GLN C 268 -0.38 8.80 -8.41
CA GLN C 268 -0.83 7.56 -9.01
C GLN C 268 -2.15 7.16 -8.38
N PHE C 269 -2.97 6.48 -9.16
CA PHE C 269 -4.27 6.04 -8.69
C PHE C 269 -4.09 4.71 -7.96
N SER C 270 -4.63 4.66 -6.75
CA SER C 270 -4.63 3.44 -5.96
C SER C 270 -5.94 3.37 -5.22
N VAL C 271 -6.45 2.16 -5.04
CA VAL C 271 -7.73 1.97 -4.39
C VAL C 271 -7.61 0.75 -3.47
N THR C 272 -8.39 0.77 -2.40
CA THR C 272 -8.38 -0.30 -1.41
C THR C 272 -9.66 -1.10 -1.52
N ALA C 273 -9.66 -2.29 -0.91
CA ALA C 273 -10.81 -3.16 -1.02
C ALA C 273 -12.05 -2.53 -0.36
N LEU C 274 -11.88 -1.88 0.80
CA LEU C 274 -13.03 -1.27 1.47
C LEU C 274 -13.55 -0.05 0.71
N GLN C 275 -12.64 0.71 0.10
CA GLN C 275 -13.03 1.82 -0.76
C GLN C 275 -13.94 1.34 -1.87
N LEU C 276 -13.55 0.26 -2.55
CA LEU C 276 -14.39 -0.31 -3.60
C LEU C 276 -15.69 -0.83 -3.03
N LEU C 277 -15.63 -1.45 -1.85
CA LEU C 277 -16.79 -2.12 -1.27
C LEU C 277 -17.89 -1.12 -0.90
N GLN C 278 -17.53 0.00 -0.23
CA GLN C 278 -18.55 0.94 0.18
C GLN C 278 -19.14 1.67 -1.02
N ALA C 279 -18.34 1.86 -2.07
CA ALA C 279 -18.88 2.25 -3.36
C ALA C 279 -19.35 0.97 -4.04
N ASN C 280 -19.90 1.08 -5.23
CA ASN C 280 -20.27 -0.10 -5.99
C ASN C 280 -19.59 0.05 -7.35
N ARG C 281 -18.27 0.08 -7.29
CA ARG C 281 -17.43 0.37 -8.44
C ARG C 281 -16.39 -0.72 -8.63
N ALA C 282 -15.79 -0.72 -9.82
CA ALA C 282 -14.75 -1.67 -10.20
C ALA C 282 -13.66 -0.89 -10.91
N VAL C 283 -12.40 -1.27 -10.68
CA VAL C 283 -11.26 -0.71 -11.39
C VAL C 283 -10.58 -1.85 -12.14
N CYS C 284 -10.30 -1.62 -13.43
CA CYS C 284 -9.76 -2.62 -14.32
C CYS C 284 -8.55 -2.05 -15.04
N GLY C 285 -7.60 -2.93 -15.35
CA GLY C 285 -6.43 -2.56 -16.12
C GLY C 285 -6.24 -3.44 -17.33
N PHE C 286 -5.85 -2.84 -18.44
CA PHE C 286 -5.72 -3.62 -19.67
C PHE C 286 -4.42 -3.28 -20.37
N HIS C 287 -3.65 -4.31 -20.71
CA HIS C 287 -2.44 -4.16 -21.51
C HIS C 287 -2.37 -5.34 -22.47
N LEU C 288 -2.61 -5.08 -23.76
CA LEU C 288 -2.61 -6.14 -24.77
C LEU C 288 -1.22 -6.74 -24.94
N GLY C 289 -0.17 -5.93 -24.74
CA GLY C 289 1.18 -6.44 -24.87
C GLY C 289 1.46 -7.59 -23.92
N TYR C 290 0.87 -7.56 -22.72
CA TYR C 290 1.05 -8.64 -21.76
C TYR C 290 0.11 -9.81 -22.00
N LEU C 291 -0.54 -9.86 -23.16
CA LEU C 291 -1.42 -10.96 -23.50
C LEU C 291 -0.81 -11.92 -24.50
N ASP C 292 0.42 -11.70 -24.96
CA ASP C 292 1.07 -12.70 -25.80
C ASP C 292 1.19 -14.01 -25.04
N GLY C 293 1.09 -15.12 -25.76
CA GLY C 293 0.91 -16.39 -25.11
C GLY C 293 -0.50 -16.66 -24.67
N GLU C 294 -1.41 -15.71 -24.84
CA GLU C 294 -2.82 -15.98 -24.63
C GLU C 294 -3.51 -15.97 -25.99
N VAL C 295 -3.13 -16.89 -26.87
CA VAL C 295 -3.57 -16.78 -28.25
C VAL C 295 -5.04 -17.19 -28.37
N GLU C 296 -5.53 -18.05 -27.48
CA GLU C 296 -6.93 -18.46 -27.55
C GLU C 296 -7.85 -17.29 -27.28
N LEU C 297 -7.55 -16.51 -26.25
CA LEU C 297 -8.37 -15.37 -25.85
C LEU C 297 -8.39 -14.30 -26.93
N VAL C 298 -7.19 -13.85 -27.34
CA VAL C 298 -7.09 -12.82 -28.36
C VAL C 298 -7.69 -13.31 -29.69
N SER C 299 -7.54 -14.59 -30.00
CA SER C 299 -8.08 -15.09 -31.26
C SER C 299 -9.61 -15.12 -31.26
N GLY C 300 -10.22 -15.48 -30.14
CA GLY C 300 -11.66 -15.38 -30.06
C GLY C 300 -12.15 -13.95 -30.20
N VAL C 301 -11.41 -13.01 -29.59
CA VAL C 301 -11.78 -11.61 -29.76
C VAL C 301 -11.71 -11.22 -31.23
N VAL C 302 -10.64 -11.64 -31.91
CA VAL C 302 -10.47 -11.32 -33.32
C VAL C 302 -11.58 -11.94 -34.14
N ALA C 303 -11.97 -13.18 -33.82
CA ALA C 303 -13.04 -13.83 -34.57
C ALA C 303 -14.34 -13.08 -34.43
N ARG C 304 -14.68 -12.67 -33.20
CA ARG C 304 -15.87 -11.85 -33.03
C ARG C 304 -15.76 -10.52 -33.79
N LEU C 305 -14.56 -9.92 -33.82
CA LEU C 305 -14.40 -8.65 -34.51
C LEU C 305 -14.59 -8.80 -36.02
N LEU C 306 -14.02 -9.84 -36.60
CA LEU C 306 -14.19 -10.07 -38.03
C LEU C 306 -15.64 -10.40 -38.35
N ALA C 307 -16.33 -11.10 -37.44
CA ALA C 307 -17.76 -11.35 -37.63
C ALA C 307 -18.52 -10.03 -37.68
N LEU C 308 -18.22 -9.11 -36.75
CA LEU C 308 -18.88 -7.81 -36.76
C LEU C 308 -18.53 -7.05 -38.05
N TYR C 309 -17.32 -7.25 -38.56
CA TYR C 309 -16.92 -6.59 -39.80
C TYR C 309 -17.68 -7.13 -41.01
N ASN C 310 -17.84 -8.45 -41.09
CA ASN C 310 -18.57 -9.02 -42.22
C ASN C 310 -20.02 -8.57 -42.23
N GLN C 311 -20.63 -8.41 -41.07
CA GLN C 311 -21.99 -7.88 -40.97
C GLN C 311 -22.06 -6.36 -41.13
N GLY C 312 -20.92 -5.69 -41.36
CA GLY C 312 -20.89 -4.26 -41.61
C GLY C 312 -21.11 -3.37 -40.41
N HIS C 313 -20.79 -3.85 -39.21
CA HIS C 313 -20.98 -3.06 -38.00
C HIS C 313 -19.76 -2.28 -37.55
N ILE C 314 -18.58 -2.59 -38.08
CA ILE C 314 -17.36 -1.84 -37.77
C ILE C 314 -16.59 -1.63 -39.08
N LYS C 315 -15.96 -0.47 -39.19
CA LYS C 315 -15.11 -0.13 -40.32
C LYS C 315 -14.00 0.81 -39.87
N PRO C 316 -12.75 0.36 -39.88
CA PRO C 316 -11.66 1.22 -39.41
C PRO C 316 -11.60 2.49 -40.24
N HIS C 317 -11.45 3.63 -39.58
CA HIS C 317 -11.33 4.92 -40.25
C HIS C 317 -9.86 5.28 -40.39
N ILE C 318 -9.39 5.40 -41.64
CA ILE C 318 -8.01 5.72 -41.94
C ILE C 318 -7.87 7.23 -42.08
N ASP C 319 -7.08 7.83 -41.19
CA ASP C 319 -6.83 9.26 -41.22
C ASP C 319 -5.85 9.64 -42.32
N SER C 320 -4.73 8.93 -42.39
CA SER C 320 -3.69 9.26 -43.36
C SER C 320 -2.75 8.06 -43.50
N VAL C 321 -2.13 7.97 -44.67
CA VAL C 321 -1.16 6.91 -44.97
C VAL C 321 0.14 7.57 -45.36
N TRP C 322 1.26 7.06 -44.85
CA TRP C 322 2.55 7.68 -45.08
C TRP C 322 3.59 6.65 -45.49
N PRO C 323 4.50 7.01 -46.39
CA PRO C 323 5.63 6.13 -46.70
C PRO C 323 6.60 6.09 -45.53
N PHE C 324 7.49 5.09 -45.54
CA PHE C 324 8.45 4.97 -44.46
C PHE C 324 9.32 6.22 -44.34
N GLU C 325 9.73 6.79 -45.47
CA GLU C 325 10.65 7.92 -45.43
C GLU C 325 10.06 9.14 -44.72
N LYS C 326 8.73 9.21 -44.62
CA LYS C 326 8.08 10.31 -43.92
C LYS C 326 7.47 9.87 -42.58
N VAL C 327 7.99 8.78 -42.01
CA VAL C 327 7.44 8.24 -40.75
C VAL C 327 7.39 9.34 -39.69
N ALA C 328 8.40 10.20 -39.64
CA ALA C 328 8.40 11.30 -38.69
C ALA C 328 7.13 12.12 -38.81
N ASP C 329 6.82 12.57 -40.03
CA ASP C 329 5.58 13.33 -40.24
C ASP C 329 4.37 12.54 -39.75
N ALA C 330 4.34 11.23 -40.05
CA ALA C 330 3.25 10.40 -39.54
C ALA C 330 3.15 10.52 -38.03
N MET C 331 4.28 10.36 -37.34
CA MET C 331 4.26 10.47 -35.88
C MET C 331 3.80 11.86 -35.46
N LYS C 332 4.26 12.89 -36.16
CA LYS C 332 3.79 14.24 -35.88
C LYS C 332 2.29 14.32 -36.02
N GLN C 333 1.74 13.70 -37.07
CA GLN C 333 0.30 13.70 -37.30
C GLN C 333 -0.44 13.20 -36.08
N MET C 334 0.16 12.28 -35.32
CA MET C 334 -0.45 11.79 -34.10
C MET C 334 -0.02 12.61 -32.88
N GLN C 335 1.23 13.06 -32.82
CA GLN C 335 1.67 13.72 -31.59
C GLN C 335 1.10 15.12 -31.49
N GLU C 336 0.89 15.77 -32.62
CA GLU C 336 0.34 17.12 -32.66
C GLU C 336 -1.18 17.10 -32.72
N LYS C 337 -1.80 15.96 -32.39
CA LYS C 337 -3.25 15.88 -32.19
C LYS C 337 -4.02 16.22 -33.46
N LYS C 338 -3.47 15.87 -34.63
CA LYS C 338 -4.13 16.16 -35.90
C LYS C 338 -4.97 15.01 -36.43
N ASN C 339 -4.66 13.78 -36.05
CA ASN C 339 -5.31 12.62 -36.65
C ASN C 339 -6.73 12.45 -36.12
N VAL C 340 -7.60 11.90 -36.97
CA VAL C 340 -8.92 11.42 -36.58
C VAL C 340 -9.03 10.01 -37.16
N GLY C 341 -8.76 9.01 -36.32
CA GLY C 341 -8.70 7.63 -36.74
C GLY C 341 -7.27 7.15 -36.85
N LYS C 342 -7.11 6.03 -37.56
CA LYS C 342 -5.83 5.32 -37.57
C LYS C 342 -4.85 5.97 -38.53
N VAL C 343 -3.59 6.06 -38.09
CA VAL C 343 -2.48 6.47 -38.94
C VAL C 343 -1.72 5.22 -39.36
N LEU C 344 -1.39 5.15 -40.65
CA LEU C 344 -0.77 3.98 -41.23
C LEU C 344 0.53 4.36 -41.91
N LEU C 345 1.43 3.39 -41.96
CA LEU C 345 2.71 3.49 -42.64
C LEU C 345 2.71 2.47 -43.75
N VAL C 346 3.20 2.86 -44.92
CA VAL C 346 3.35 1.90 -46.02
C VAL C 346 4.79 1.93 -46.50
N PRO C 347 5.37 0.81 -46.92
CA PRO C 347 6.70 0.85 -47.54
C PRO C 347 6.60 1.52 -48.90
N GLY C 348 7.29 2.65 -49.06
CA GLY C 348 7.30 3.32 -50.34
C GLY C 348 8.03 2.49 -51.37
N PRO C 349 7.74 2.71 -52.67
CA PRO C 349 8.38 1.94 -53.75
C PRO C 349 9.63 2.63 -54.29
N PRO D 6 -54.67 -10.44 20.91
CA PRO D 6 -53.89 -10.46 19.67
C PRO D 6 -52.56 -9.70 19.75
N LEU D 7 -51.56 -10.28 20.41
CA LEU D 7 -50.27 -9.62 20.58
C LEU D 7 -49.33 -9.92 19.42
N LEU D 8 -48.33 -9.06 19.29
CA LEU D 8 -47.37 -9.06 18.22
C LEU D 8 -46.02 -9.32 18.80
N ARG D 9 -45.27 -10.16 18.10
CA ARG D 9 -44.00 -10.68 18.52
C ARG D 9 -42.90 -10.07 17.70
N CYS D 10 -41.83 -9.60 18.31
CA CYS D 10 -40.69 -9.11 17.56
C CYS D 10 -39.36 -9.35 18.22
N LEU D 11 -38.28 -9.40 17.47
CA LEU D 11 -36.97 -9.59 18.03
C LEU D 11 -36.27 -8.28 18.14
N VAL D 12 -35.53 -8.05 19.21
CA VAL D 12 -34.92 -6.74 19.38
C VAL D 12 -33.49 -6.92 19.84
N LEU D 13 -32.60 -6.14 19.24
CA LEU D 13 -31.17 -6.11 19.59
C LEU D 13 -31.00 -5.03 20.64
N THR D 14 -30.83 -5.46 21.89
CA THR D 14 -30.69 -4.55 23.02
C THR D 14 -29.26 -4.02 23.16
N GLY D 15 -28.27 -4.87 22.92
CA GLY D 15 -26.89 -4.47 23.00
C GLY D 15 -26.08 -5.19 21.94
N PHE D 16 -24.83 -4.78 21.81
CA PHE D 16 -23.91 -5.45 20.90
C PHE D 16 -23.18 -6.57 21.62
N GLY D 17 -23.13 -7.74 21.01
CA GLY D 17 -22.40 -8.85 21.60
C GLY D 17 -22.81 -10.22 21.09
N GLY D 18 -22.93 -11.17 22.02
CA GLY D 18 -23.22 -12.54 21.68
C GLY D 18 -24.70 -12.80 21.44
N TYR D 19 -25.03 -14.10 21.43
CA TYR D 19 -26.38 -14.52 21.06
C TYR D 19 -27.43 -13.95 22.01
N ASP D 20 -27.09 -13.83 23.29
CA ASP D 20 -28.08 -13.37 24.26
C ASP D 20 -28.49 -11.92 24.05
N LYS D 21 -27.82 -11.18 23.16
CA LYS D 21 -28.17 -9.78 22.98
C LYS D 21 -29.39 -9.59 22.09
N VAL D 22 -29.96 -10.66 21.53
CA VAL D 22 -31.20 -10.59 20.78
C VAL D 22 -32.30 -11.18 21.66
N LYS D 23 -33.28 -10.36 22.01
CA LYS D 23 -34.32 -10.70 22.99
C LYS D 23 -35.74 -10.66 22.46
N LEU D 24 -36.55 -11.62 22.86
CA LEU D 24 -37.89 -11.78 22.36
C LEU D 24 -38.81 -10.83 23.02
N GLN D 25 -39.79 -10.30 22.31
CA GLN D 25 -40.65 -9.31 22.89
C GLN D 25 -42.03 -9.31 22.30
N SER D 26 -43.00 -8.68 22.98
CA SER D 26 -44.36 -8.59 22.47
C SER D 26 -44.84 -7.16 22.62
N ARG D 27 -45.82 -6.80 21.79
CA ARG D 27 -46.38 -5.46 21.76
C ARG D 27 -47.80 -5.57 21.22
N PRO D 28 -48.72 -4.73 21.71
CA PRO D 28 -50.11 -4.82 21.26
C PRO D 28 -50.25 -4.51 19.77
N ALA D 29 -51.12 -5.26 19.10
CA ALA D 29 -51.33 -5.13 17.67
C ALA D 29 -52.19 -3.89 17.40
N ALA D 30 -51.53 -2.75 17.19
CA ALA D 30 -52.24 -1.54 16.80
C ALA D 30 -52.83 -1.72 15.40
N PRO D 31 -53.90 -1.00 15.08
CA PRO D 31 -54.48 -1.10 13.73
C PRO D 31 -53.47 -0.65 12.69
N PRO D 32 -53.33 -1.39 11.59
CA PRO D 32 -52.32 -1.04 10.58
C PRO D 32 -52.61 0.31 9.95
N ALA D 33 -51.62 1.20 10.01
CA ALA D 33 -51.71 2.56 9.47
C ALA D 33 -50.47 2.84 8.65
N PRO D 34 -50.46 2.45 7.37
CA PRO D 34 -49.28 2.68 6.53
C PRO D 34 -49.22 4.12 6.05
N GLY D 35 -47.99 4.65 6.00
CA GLY D 35 -47.72 5.99 5.54
C GLY D 35 -47.77 6.16 4.03
N PRO D 36 -47.23 7.26 3.53
CA PRO D 36 -47.24 7.49 2.06
C PRO D 36 -46.28 6.56 1.34
N GLY D 37 -46.77 5.94 0.26
CA GLY D 37 -45.94 5.01 -0.50
C GLY D 37 -45.44 3.84 0.33
N GLN D 38 -46.25 3.37 1.27
CA GLN D 38 -45.85 2.38 2.26
C GLN D 38 -46.76 1.17 2.18
N LEU D 39 -46.29 0.09 2.81
CA LEU D 39 -47.02 -1.16 2.92
C LEU D 39 -46.86 -1.68 4.34
N THR D 40 -47.96 -2.05 4.97
CA THR D 40 -47.91 -2.78 6.24
C THR D 40 -48.29 -4.22 5.93
N LEU D 41 -47.48 -5.15 6.43
CA LEU D 41 -47.65 -6.55 6.07
C LEU D 41 -47.21 -7.44 7.22
N ARG D 42 -47.76 -8.65 7.24
CA ARG D 42 -47.45 -9.66 8.24
C ARG D 42 -46.50 -10.68 7.65
N LEU D 43 -45.44 -10.99 8.38
CA LEU D 43 -44.36 -11.83 7.86
C LEU D 43 -44.60 -13.29 8.23
N ARG D 44 -44.44 -14.16 7.25
CA ARG D 44 -44.47 -15.60 7.48
C ARG D 44 -43.08 -16.17 7.72
N ALA D 45 -42.06 -15.62 7.07
CA ALA D 45 -40.69 -16.08 7.24
C ALA D 45 -39.73 -14.91 7.09
N CYS D 46 -38.58 -15.01 7.76
CA CYS D 46 -37.55 -13.98 7.75
C CYS D 46 -36.19 -14.62 7.53
N GLY D 47 -35.33 -13.95 6.77
CA GLY D 47 -34.05 -14.51 6.43
C GLY D 47 -32.98 -14.15 7.46
N LEU D 48 -32.11 -15.12 7.73
CA LEU D 48 -30.90 -14.91 8.52
C LEU D 48 -29.72 -14.73 7.58
N ASN D 49 -29.04 -13.61 7.70
CA ASN D 49 -27.88 -13.31 6.89
C ASN D 49 -26.67 -13.09 7.78
N PHE D 50 -25.49 -13.25 7.18
CA PHE D 50 -24.25 -12.95 7.89
C PHE D 50 -24.23 -11.50 8.37
N ALA D 51 -24.83 -10.58 7.60
CA ALA D 51 -24.89 -9.20 8.03
C ALA D 51 -25.64 -9.06 9.35
N ASP D 52 -26.60 -9.96 9.62
CA ASP D 52 -27.29 -9.93 10.92
C ASP D 52 -26.33 -10.30 12.06
N LEU D 53 -25.48 -11.30 11.85
CA LEU D 53 -24.45 -11.60 12.84
C LEU D 53 -23.53 -10.41 13.07
N MET D 54 -23.12 -9.76 11.98
CA MET D 54 -22.25 -8.60 12.12
C MET D 54 -22.93 -7.44 12.83
N ALA D 55 -24.20 -7.19 12.53
CA ALA D 55 -24.91 -6.13 13.22
C ALA D 55 -25.08 -6.45 14.71
N ARG D 56 -25.28 -7.72 15.04
CA ARG D 56 -25.34 -8.10 16.45
C ARG D 56 -24.01 -7.85 17.15
N GLN D 57 -22.90 -8.00 16.44
CA GLN D 57 -21.57 -7.72 16.96
C GLN D 57 -21.21 -6.25 16.84
N GLY D 58 -22.10 -5.42 16.30
CA GLY D 58 -21.81 -4.01 16.14
C GLY D 58 -20.90 -3.66 14.99
N LEU D 59 -20.88 -4.46 13.92
CA LEU D 59 -19.97 -4.26 12.79
C LEU D 59 -20.68 -3.96 11.47
N TYR D 60 -21.97 -3.62 11.53
CA TYR D 60 -22.76 -3.30 10.34
C TYR D 60 -23.05 -1.81 10.34
N ASP D 61 -22.52 -1.12 9.33
CA ASP D 61 -22.53 0.34 9.30
C ASP D 61 -23.92 0.92 9.00
N ARG D 62 -24.81 0.15 8.43
CA ARG D 62 -26.13 0.63 8.07
C ARG D 62 -27.16 0.43 9.18
N LEU D 63 -26.74 0.03 10.37
CA LEU D 63 -27.69 -0.30 11.44
C LEU D 63 -28.13 0.96 12.19
N PRO D 64 -29.43 1.14 12.42
CA PRO D 64 -29.89 2.25 13.25
C PRO D 64 -29.41 2.07 14.68
N PRO D 65 -29.45 3.12 15.50
CA PRO D 65 -29.01 2.97 16.88
C PRO D 65 -29.91 2.02 17.64
N LEU D 66 -29.36 1.43 18.70
CA LEU D 66 -30.08 0.44 19.50
C LEU D 66 -31.02 1.13 20.49
N PRO D 67 -32.15 0.47 20.84
CA PRO D 67 -32.55 -0.85 20.35
C PRO D 67 -33.27 -0.79 19.00
N VAL D 68 -33.19 -1.89 18.27
CA VAL D 68 -33.77 -1.99 16.93
C VAL D 68 -34.06 -3.46 16.66
N THR D 69 -35.08 -3.71 15.86
CA THR D 69 -35.37 -5.07 15.42
C THR D 69 -34.45 -5.41 14.26
N PRO D 70 -33.62 -6.44 14.37
CA PRO D 70 -32.72 -6.79 13.27
C PRO D 70 -33.44 -7.46 12.11
N GLY D 71 -32.67 -7.94 11.14
CA GLY D 71 -33.24 -8.64 10.01
C GLY D 71 -33.50 -7.72 8.84
N MET D 72 -33.11 -8.14 7.64
CA MET D 72 -33.17 -7.28 6.48
C MET D 72 -33.96 -7.85 5.31
N GLU D 73 -34.55 -9.03 5.45
CA GLU D 73 -35.35 -9.60 4.37
C GLU D 73 -36.44 -10.47 4.99
N GLY D 74 -37.59 -10.51 4.32
CA GLY D 74 -38.69 -11.33 4.78
C GLY D 74 -39.68 -11.61 3.67
N ALA D 75 -40.65 -12.46 3.99
CA ALA D 75 -41.74 -12.77 3.08
C ALA D 75 -43.04 -12.82 3.88
N GLY D 76 -44.11 -12.28 3.29
CA GLY D 76 -45.37 -12.24 4.00
C GLY D 76 -46.53 -11.82 3.13
N VAL D 77 -47.58 -11.34 3.78
CA VAL D 77 -48.85 -10.99 3.15
C VAL D 77 -49.15 -9.53 3.47
N VAL D 78 -49.47 -8.74 2.43
CA VAL D 78 -49.80 -7.34 2.62
C VAL D 78 -51.16 -7.21 3.31
N ILE D 79 -51.19 -6.51 4.45
CA ILE D 79 -52.42 -6.29 5.19
C ILE D 79 -52.97 -4.87 5.05
N ALA D 80 -52.12 -3.88 4.75
CA ALA D 80 -52.61 -2.51 4.56
C ALA D 80 -51.71 -1.78 3.57
N VAL D 81 -52.32 -0.96 2.72
CA VAL D 81 -51.63 -0.30 1.62
C VAL D 81 -51.69 1.21 1.83
N GLY D 82 -50.54 1.87 1.72
CA GLY D 82 -50.46 3.31 1.82
C GLY D 82 -50.91 4.03 0.55
N GLU D 83 -50.78 5.35 0.56
CA GLU D 83 -51.22 6.17 -0.56
C GLU D 83 -50.20 6.14 -1.70
N GLY D 84 -50.71 6.26 -2.92
CA GLY D 84 -49.88 6.23 -4.12
C GLY D 84 -49.46 4.87 -4.61
N VAL D 85 -49.82 3.79 -3.91
CA VAL D 85 -49.41 2.45 -4.30
C VAL D 85 -50.49 1.84 -5.18
N SER D 86 -50.17 1.61 -6.44
CA SER D 86 -51.10 1.09 -7.44
C SER D 86 -51.00 -0.42 -7.62
N ASP D 87 -49.78 -0.97 -7.56
CA ASP D 87 -49.52 -2.38 -7.87
C ASP D 87 -49.80 -3.34 -6.72
N ARG D 88 -49.98 -2.84 -5.50
CA ARG D 88 -50.15 -3.67 -4.31
C ARG D 88 -51.59 -3.61 -3.81
N LYS D 89 -52.13 -4.77 -3.45
CA LYS D 89 -53.43 -4.88 -2.80
C LYS D 89 -53.27 -5.67 -1.51
N ALA D 90 -54.20 -5.48 -0.58
CA ALA D 90 -54.19 -6.24 0.65
C ALA D 90 -54.37 -7.74 0.37
N GLY D 91 -53.61 -8.57 1.07
CA GLY D 91 -53.64 -10.00 0.86
C GLY D 91 -52.61 -10.53 -0.13
N ASP D 92 -51.93 -9.64 -0.85
CA ASP D 92 -50.91 -10.06 -1.81
C ASP D 92 -49.69 -10.62 -1.08
N ARG D 93 -49.05 -11.59 -1.71
CA ARG D 93 -47.84 -12.21 -1.18
C ARG D 93 -46.63 -11.46 -1.71
N VAL D 94 -45.77 -11.00 -0.80
CA VAL D 94 -44.63 -10.16 -1.18
C VAL D 94 -43.36 -10.61 -0.47
N MET D 95 -42.25 -10.44 -1.18
CA MET D 95 -40.90 -10.48 -0.63
C MET D 95 -40.48 -9.05 -0.36
N VAL D 96 -39.96 -8.80 0.83
CA VAL D 96 -39.59 -7.46 1.25
C VAL D 96 -38.10 -7.46 1.56
N LEU D 97 -37.41 -6.44 1.05
CA LEU D 97 -36.00 -6.22 1.32
C LEU D 97 -35.89 -4.86 2.01
N ASN D 98 -35.29 -4.84 3.20
CA ASN D 98 -35.19 -3.58 3.93
C ASN D 98 -33.93 -3.58 4.78
N ARG D 99 -33.63 -2.42 5.36
CA ARG D 99 -32.37 -2.26 6.06
C ARG D 99 -32.39 -2.91 7.44
N SER D 100 -33.53 -2.87 8.12
CA SER D 100 -33.65 -3.48 9.45
C SER D 100 -35.12 -3.71 9.73
N GLY D 101 -35.41 -4.32 10.87
CA GLY D 101 -36.81 -4.45 11.26
C GLY D 101 -37.53 -5.61 10.64
N MET D 102 -36.83 -6.63 10.16
CA MET D 102 -37.52 -7.73 9.49
C MET D 102 -37.74 -8.95 10.38
N TRP D 103 -37.18 -8.97 11.59
CA TRP D 103 -37.44 -10.07 12.53
C TRP D 103 -38.61 -9.71 13.45
N GLN D 104 -39.78 -9.56 12.84
CA GLN D 104 -40.98 -9.17 13.56
C GLN D 104 -42.21 -9.59 12.77
N GLU D 105 -43.34 -9.67 13.47
CA GLU D 105 -44.55 -10.18 12.84
C GLU D 105 -45.19 -9.17 11.90
N GLU D 106 -45.26 -7.91 12.30
CA GLU D 106 -45.88 -6.86 11.49
C GLU D 106 -44.83 -5.83 11.16
N VAL D 107 -44.73 -5.42 9.89
CA VAL D 107 -43.72 -4.45 9.51
C VAL D 107 -44.31 -3.53 8.44
N THR D 108 -43.88 -2.27 8.46
CA THR D 108 -44.24 -1.29 7.45
C THR D 108 -42.97 -0.85 6.73
N VAL D 109 -43.00 -0.91 5.40
CA VAL D 109 -41.84 -0.64 4.56
C VAL D 109 -42.27 0.09 3.31
N PRO D 110 -41.35 0.81 2.67
CA PRO D 110 -41.68 1.39 1.36
C PRO D 110 -42.12 0.32 0.39
N SER D 111 -43.18 0.63 -0.36
CA SER D 111 -43.73 -0.33 -1.31
C SER D 111 -42.72 -0.71 -2.38
N VAL D 112 -41.80 0.20 -2.71
CA VAL D 112 -40.84 -0.04 -3.78
C VAL D 112 -39.75 -1.03 -3.39
N GLN D 113 -39.64 -1.36 -2.11
CA GLN D 113 -38.71 -2.36 -1.60
C GLN D 113 -39.34 -3.75 -1.49
N THR D 114 -40.52 -3.93 -2.07
CA THR D 114 -41.20 -5.21 -2.08
C THR D 114 -41.36 -5.69 -3.52
N PHE D 115 -41.49 -7.00 -3.66
CA PHE D 115 -41.63 -7.65 -4.95
C PHE D 115 -42.65 -8.76 -4.80
N LEU D 116 -43.61 -8.81 -5.71
CA LEU D 116 -44.70 -9.78 -5.62
C LEU D 116 -44.17 -11.20 -5.75
N ILE D 117 -44.50 -12.05 -4.78
CA ILE D 117 -44.06 -13.45 -4.87
C ILE D 117 -44.86 -14.15 -5.96
N PRO D 118 -44.21 -14.87 -6.88
CA PRO D 118 -44.98 -15.69 -7.81
C PRO D 118 -45.63 -16.86 -7.09
N GLU D 119 -46.74 -17.33 -7.64
CA GLU D 119 -47.38 -18.49 -7.03
C GLU D 119 -46.47 -19.70 -7.25
N ALA D 120 -46.76 -20.79 -6.52
CA ALA D 120 -45.95 -22.00 -6.46
C ALA D 120 -44.61 -21.76 -5.77
N MET D 121 -44.27 -20.52 -5.44
CA MET D 121 -43.11 -20.25 -4.60
C MET D 121 -43.58 -20.18 -3.17
N THR D 122 -42.95 -20.97 -2.30
CA THR D 122 -43.37 -20.94 -0.91
C THR D 122 -42.86 -19.68 -0.22
N PHE D 123 -43.38 -19.42 0.98
CA PHE D 123 -42.89 -18.31 1.76
C PHE D 123 -41.42 -18.51 2.13
N GLU D 124 -41.02 -19.76 2.38
CA GLU D 124 -39.64 -20.02 2.75
C GLU D 124 -38.69 -19.70 1.60
N GLU D 125 -39.02 -20.18 0.40
CA GLU D 125 -38.17 -19.86 -0.75
C GLU D 125 -38.13 -18.36 -0.97
N ALA D 126 -39.28 -17.69 -0.79
CA ALA D 126 -39.35 -16.25 -1.00
C ALA D 126 -38.42 -15.51 -0.03
N ALA D 127 -38.46 -15.91 1.25
CA ALA D 127 -37.58 -15.32 2.25
C ALA D 127 -36.12 -15.67 2.02
N ALA D 128 -35.83 -16.76 1.30
CA ALA D 128 -34.45 -17.14 1.00
C ALA D 128 -33.89 -16.49 -0.27
N LEU D 129 -34.76 -15.97 -1.14
CA LEU D 129 -34.33 -15.59 -2.47
C LEU D 129 -33.50 -14.31 -2.48
N LEU D 130 -34.04 -13.22 -1.93
CA LEU D 130 -33.62 -11.87 -2.28
C LEU D 130 -32.13 -11.60 -2.03
N VAL D 131 -31.70 -11.55 -0.76
CA VAL D 131 -30.33 -11.14 -0.45
C VAL D 131 -29.33 -12.03 -1.16
N ASN D 132 -29.42 -13.35 -0.94
CA ASN D 132 -28.41 -14.25 -1.50
C ASN D 132 -28.38 -14.18 -3.01
N TYR D 133 -29.55 -14.28 -3.66
CA TYR D 133 -29.53 -14.40 -5.12
C TYR D 133 -29.28 -13.08 -5.82
N ILE D 134 -29.75 -11.95 -5.29
CA ILE D 134 -29.34 -10.66 -5.84
C ILE D 134 -27.83 -10.49 -5.75
N THR D 135 -27.27 -10.73 -4.56
CA THR D 135 -25.82 -10.59 -4.42
C THR D 135 -25.07 -11.52 -5.35
N ALA D 136 -25.46 -12.80 -5.42
CA ALA D 136 -24.75 -13.73 -6.30
C ALA D 136 -24.90 -13.33 -7.77
N TYR D 137 -26.10 -12.92 -8.18
CA TYR D 137 -26.30 -12.54 -9.58
C TYR D 137 -25.44 -11.34 -9.94
N MET D 138 -25.44 -10.30 -9.10
CA MET D 138 -24.70 -9.10 -9.45
C MET D 138 -23.19 -9.30 -9.31
N VAL D 139 -22.76 -10.19 -8.43
CA VAL D 139 -21.34 -10.47 -8.33
C VAL D 139 -20.86 -11.23 -9.57
N LEU D 140 -21.64 -12.23 -10.00
CA LEU D 140 -21.18 -13.10 -11.09
C LEU D 140 -21.39 -12.49 -12.47
N PHE D 141 -22.45 -11.71 -12.67
CA PHE D 141 -22.76 -11.23 -14.00
C PHE D 141 -22.53 -9.74 -14.15
N ASP D 142 -23.13 -8.91 -13.31
CA ASP D 142 -22.94 -7.47 -13.47
C ASP D 142 -21.46 -7.09 -13.31
N PHE D 143 -20.80 -7.62 -12.29
CA PHE D 143 -19.37 -7.39 -12.12
C PHE D 143 -18.53 -8.48 -12.78
N GLY D 144 -18.85 -9.74 -12.51
CA GLY D 144 -18.01 -10.84 -12.93
C GLY D 144 -18.07 -11.13 -14.42
N ASN D 145 -19.20 -10.82 -15.06
CA ASN D 145 -19.37 -11.03 -16.49
C ASN D 145 -19.10 -12.49 -16.84
N LEU D 146 -19.75 -13.38 -16.10
CA LEU D 146 -19.55 -14.82 -16.28
C LEU D 146 -19.93 -15.22 -17.70
N GLN D 147 -19.06 -15.99 -18.33
CA GLN D 147 -19.18 -16.44 -19.71
C GLN D 147 -18.90 -17.93 -19.80
N PRO D 148 -19.40 -18.61 -20.83
CA PRO D 148 -19.11 -20.04 -20.99
C PRO D 148 -17.61 -20.31 -21.06
N GLY D 149 -17.19 -21.36 -20.37
CA GLY D 149 -15.80 -21.74 -20.32
C GLY D 149 -14.98 -21.14 -19.20
N HIS D 150 -15.57 -20.26 -18.39
CA HIS D 150 -14.85 -19.62 -17.31
C HIS D 150 -14.75 -20.53 -16.08
N SER D 151 -13.83 -20.16 -15.18
CA SER D 151 -13.65 -20.80 -13.88
C SER D 151 -13.98 -19.79 -12.79
N VAL D 152 -14.75 -20.25 -11.80
CA VAL D 152 -15.22 -19.40 -10.73
C VAL D 152 -14.81 -20.01 -9.40
N LEU D 153 -14.21 -19.20 -8.54
CA LEU D 153 -13.95 -19.56 -7.15
C LEU D 153 -15.05 -18.92 -6.32
N VAL D 154 -15.87 -19.77 -5.70
CA VAL D 154 -16.99 -19.36 -4.86
C VAL D 154 -16.60 -19.70 -3.41
N HIS D 155 -16.17 -18.70 -2.65
CA HIS D 155 -15.93 -18.92 -1.22
C HIS D 155 -17.24 -19.08 -0.46
N MET D 156 -17.18 -19.86 0.62
CA MET D 156 -18.38 -20.20 1.40
C MET D 156 -19.43 -20.79 0.48
N ALA D 157 -19.00 -21.73 -0.37
CA ALA D 157 -19.90 -22.22 -1.41
C ALA D 157 -21.07 -23.02 -0.88
N ALA D 158 -21.04 -23.43 0.38
CA ALA D 158 -22.17 -24.14 0.97
C ALA D 158 -23.12 -23.21 1.70
N GLY D 159 -22.87 -21.89 1.64
CA GLY D 159 -23.72 -20.92 2.28
C GLY D 159 -24.89 -20.47 1.44
N GLY D 160 -25.57 -19.41 1.90
CA GLY D 160 -26.69 -18.86 1.17
C GLY D 160 -26.26 -18.29 -0.17
N VAL D 161 -25.41 -17.25 -0.07
CA VAL D 161 -24.81 -16.66 -1.26
C VAL D 161 -24.08 -17.73 -2.05
N GLY D 162 -23.41 -18.65 -1.36
CA GLY D 162 -22.60 -19.66 -2.03
C GLY D 162 -23.42 -20.59 -2.89
N MET D 163 -24.48 -21.18 -2.33
CA MET D 163 -25.30 -22.09 -3.11
C MET D 163 -26.01 -21.36 -4.23
N ALA D 164 -26.47 -20.14 -3.97
CA ALA D 164 -27.05 -19.34 -5.03
C ALA D 164 -26.07 -19.15 -6.17
N ALA D 165 -24.81 -18.84 -5.84
CA ALA D 165 -23.80 -18.60 -6.86
C ALA D 165 -23.49 -19.85 -7.65
N VAL D 166 -23.49 -21.00 -6.98
CA VAL D 166 -23.25 -22.26 -7.69
C VAL D 166 -24.38 -22.53 -8.68
N GLN D 167 -25.62 -22.30 -8.26
CA GLN D 167 -26.75 -22.49 -9.17
C GLN D 167 -26.68 -21.55 -10.36
N LEU D 168 -26.38 -20.27 -10.10
CA LEU D 168 -26.25 -19.29 -11.16
C LEU D 168 -25.11 -19.65 -12.10
N CYS D 169 -24.04 -20.25 -11.58
CA CYS D 169 -22.99 -20.74 -12.47
C CYS D 169 -23.51 -21.84 -13.38
N ARG D 170 -24.30 -22.78 -12.83
CA ARG D 170 -24.84 -23.84 -13.67
C ARG D 170 -25.76 -23.30 -14.76
N THR D 171 -26.41 -22.15 -14.55
CA THR D 171 -27.19 -21.67 -15.68
C THR D 171 -26.33 -21.20 -16.87
N VAL D 172 -25.00 -21.25 -16.78
CA VAL D 172 -24.11 -20.86 -17.88
C VAL D 172 -23.35 -22.10 -18.31
N GLU D 173 -23.17 -22.23 -19.63
CA GLU D 173 -22.67 -23.48 -20.17
C GLU D 173 -21.21 -23.69 -19.81
N ASN D 174 -20.89 -24.89 -19.29
CA ASN D 174 -19.52 -25.33 -19.07
C ASN D 174 -18.72 -24.34 -18.22
N VAL D 175 -19.15 -24.17 -16.97
CA VAL D 175 -18.46 -23.29 -16.04
C VAL D 175 -17.90 -24.15 -14.92
N THR D 176 -16.58 -24.13 -14.78
CA THR D 176 -15.94 -24.90 -13.73
C THR D 176 -16.04 -24.12 -12.43
N VAL D 177 -16.59 -24.74 -11.39
CA VAL D 177 -16.81 -24.07 -10.13
C VAL D 177 -15.93 -24.71 -9.06
N PHE D 178 -14.98 -23.93 -8.54
CA PHE D 178 -14.24 -24.28 -7.33
C PHE D 178 -15.02 -23.74 -6.14
N GLY D 179 -15.41 -24.63 -5.24
CA GLY D 179 -16.16 -24.22 -4.07
C GLY D 179 -15.47 -24.58 -2.77
N THR D 180 -15.36 -23.61 -1.86
CA THR D 180 -14.72 -23.83 -0.57
C THR D 180 -15.79 -23.94 0.51
N ALA D 181 -15.67 -24.98 1.32
CA ALA D 181 -16.57 -25.23 2.43
C ALA D 181 -15.96 -26.36 3.26
N SER D 182 -16.54 -26.59 4.44
CA SER D 182 -16.08 -27.66 5.31
C SER D 182 -16.25 -29.02 4.64
N ALA D 183 -15.32 -29.94 4.95
CA ALA D 183 -15.29 -31.21 4.23
C ALA D 183 -16.62 -31.93 4.31
N SER D 184 -17.27 -31.87 5.49
CA SER D 184 -18.59 -32.47 5.64
C SER D 184 -19.53 -32.03 4.53
N LYS D 185 -19.71 -30.71 4.39
CA LYS D 185 -20.59 -30.14 3.38
C LYS D 185 -20.23 -30.50 1.94
N HIS D 186 -19.02 -31.04 1.68
CA HIS D 186 -18.56 -31.26 0.31
C HIS D 186 -19.55 -32.03 -0.54
N GLU D 187 -20.13 -33.10 -0.01
CA GLU D 187 -21.07 -33.88 -0.80
C GLU D 187 -22.21 -32.98 -1.29
N ALA D 188 -22.80 -32.20 -0.37
CA ALA D 188 -23.82 -31.24 -0.76
C ALA D 188 -23.33 -30.32 -1.87
N LEU D 189 -22.07 -29.85 -1.79
CA LEU D 189 -21.53 -29.01 -2.86
C LEU D 189 -21.63 -29.70 -4.22
N LYS D 190 -21.18 -30.96 -4.29
CA LYS D 190 -21.24 -31.64 -5.57
C LYS D 190 -22.68 -31.81 -6.03
N GLU D 191 -23.61 -31.94 -5.08
CA GLU D 191 -25.01 -32.05 -5.47
C GLU D 191 -25.52 -30.73 -6.03
N ASN D 192 -24.98 -29.60 -5.58
CA ASN D 192 -25.44 -28.29 -6.04
C ASN D 192 -24.74 -27.85 -7.33
N GLY D 193 -23.58 -28.43 -7.65
CA GLY D 193 -22.90 -28.10 -8.89
C GLY D 193 -21.46 -27.68 -8.77
N VAL D 194 -20.90 -27.79 -7.56
CA VAL D 194 -19.49 -27.50 -7.38
C VAL D 194 -18.68 -28.62 -8.02
N THR D 195 -17.79 -28.27 -8.93
CA THR D 195 -16.98 -29.29 -9.58
C THR D 195 -15.78 -29.69 -8.73
N HIS D 196 -15.20 -28.78 -7.95
CA HIS D 196 -14.03 -29.07 -7.15
C HIS D 196 -14.16 -28.50 -5.75
N PRO D 197 -14.71 -29.27 -4.82
CA PRO D 197 -14.78 -28.81 -3.43
C PRO D 197 -13.39 -28.73 -2.81
N ILE D 198 -13.19 -27.72 -1.97
CA ILE D 198 -11.94 -27.50 -1.25
C ILE D 198 -12.26 -27.09 0.18
N ASP D 199 -11.62 -27.73 1.15
CA ASP D 199 -11.81 -27.40 2.56
C ASP D 199 -10.72 -26.42 2.97
N TYR D 200 -11.03 -25.12 2.94
CA TYR D 200 -10.04 -24.12 3.33
C TYR D 200 -9.76 -24.10 4.82
N HIS D 201 -10.49 -24.87 5.62
CA HIS D 201 -10.18 -24.94 7.04
C HIS D 201 -9.00 -25.85 7.32
N THR D 202 -8.74 -26.81 6.44
CA THR D 202 -7.67 -27.78 6.64
C THR D 202 -6.58 -27.71 5.58
N THR D 203 -6.78 -26.99 4.48
CA THR D 203 -5.74 -26.88 3.47
C THR D 203 -5.72 -25.45 2.93
N ASP D 204 -4.67 -25.15 2.16
CA ASP D 204 -4.53 -23.84 1.53
C ASP D 204 -5.20 -23.88 0.16
N TYR D 205 -6.32 -23.16 0.04
CA TYR D 205 -7.14 -23.26 -1.17
C TYR D 205 -6.40 -22.72 -2.39
N VAL D 206 -5.50 -21.75 -2.22
CA VAL D 206 -4.69 -21.27 -3.34
C VAL D 206 -3.90 -22.42 -3.93
N ASP D 207 -3.22 -23.19 -3.07
CA ASP D 207 -2.42 -24.31 -3.55
C ASP D 207 -3.29 -25.37 -4.21
N GLU D 208 -4.44 -25.68 -3.59
CA GLU D 208 -5.31 -26.71 -4.17
C GLU D 208 -5.80 -26.31 -5.54
N ILE D 209 -6.29 -25.06 -5.69
CA ILE D 209 -6.75 -24.59 -6.98
C ILE D 209 -5.61 -24.64 -7.99
N LYS D 210 -4.46 -24.06 -7.65
CA LYS D 210 -3.40 -23.98 -8.65
C LYS D 210 -2.81 -25.34 -8.98
N LYS D 211 -2.98 -26.33 -8.12
CA LYS D 211 -2.63 -27.68 -8.52
C LYS D 211 -3.67 -28.25 -9.49
N ILE D 212 -4.94 -27.86 -9.35
CA ILE D 212 -5.94 -28.28 -10.34
C ILE D 212 -5.85 -27.43 -11.61
N SER D 213 -5.85 -26.09 -11.45
CA SER D 213 -5.77 -25.17 -12.59
C SER D 213 -4.60 -24.23 -12.35
N PRO D 214 -3.45 -24.46 -13.00
CA PRO D 214 -2.26 -23.67 -12.67
C PRO D 214 -2.38 -22.20 -13.02
N LYS D 215 -3.13 -21.85 -14.06
CA LYS D 215 -3.25 -20.45 -14.43
C LYS D 215 -4.21 -19.68 -13.52
N GLY D 216 -4.99 -20.36 -12.69
CA GLY D 216 -5.95 -19.70 -11.82
C GLY D 216 -7.40 -19.87 -12.26
N VAL D 217 -8.25 -18.90 -11.91
CA VAL D 217 -9.66 -18.90 -12.24
C VAL D 217 -10.00 -17.54 -12.84
N ASP D 218 -11.19 -17.43 -13.41
CA ASP D 218 -11.56 -16.19 -14.09
C ASP D 218 -12.28 -15.22 -13.18
N ILE D 219 -13.10 -15.72 -12.26
CA ILE D 219 -13.80 -14.87 -11.30
C ILE D 219 -13.53 -15.42 -9.91
N VAL D 220 -13.23 -14.54 -8.96
CA VAL D 220 -13.12 -14.91 -7.56
C VAL D 220 -14.15 -14.10 -6.78
N MET D 221 -15.07 -14.81 -6.14
CA MET D 221 -16.00 -14.19 -5.20
C MET D 221 -15.32 -14.13 -3.83
N ASP D 222 -15.11 -12.92 -3.32
CA ASP D 222 -14.35 -12.72 -2.08
C ASP D 222 -15.26 -12.15 -0.99
N PRO D 223 -15.92 -12.99 -0.20
CA PRO D 223 -16.62 -12.52 1.00
C PRO D 223 -15.73 -12.50 2.22
N LEU D 224 -14.54 -13.09 2.11
CA LEU D 224 -13.65 -13.24 3.26
C LEU D 224 -12.99 -11.91 3.62
N GLY D 225 -12.53 -11.15 2.62
CA GLY D 225 -11.85 -9.89 2.88
C GLY D 225 -10.45 -10.10 3.44
N GLY D 226 -9.85 -8.98 3.85
CA GLY D 226 -8.54 -9.05 4.47
C GLY D 226 -7.50 -9.65 3.56
N SER D 227 -6.59 -10.43 4.18
CA SER D 227 -5.50 -11.06 3.43
C SER D 227 -6.01 -11.88 2.25
N ASP D 228 -7.15 -12.54 2.42
CA ASP D 228 -7.70 -13.37 1.35
C ASP D 228 -7.93 -12.57 0.06
N THR D 229 -8.30 -11.29 0.18
CA THR D 229 -8.49 -10.51 -1.04
C THR D 229 -7.27 -10.59 -1.95
N ALA D 230 -6.08 -10.32 -1.40
CA ALA D 230 -4.87 -10.41 -2.23
C ALA D 230 -4.71 -11.81 -2.81
N LYS D 231 -4.99 -12.85 -2.02
CA LYS D 231 -4.93 -14.21 -2.55
C LYS D 231 -5.83 -14.34 -3.77
N GLY D 232 -7.07 -13.89 -3.66
CA GLY D 232 -7.97 -13.92 -4.81
C GLY D 232 -7.39 -13.16 -5.98
N TYR D 233 -6.83 -11.97 -5.73
CA TYR D 233 -6.26 -11.17 -6.80
C TYR D 233 -5.16 -11.93 -7.51
N ASN D 234 -4.40 -12.72 -6.78
CA ASN D 234 -3.30 -13.44 -7.42
C ASN D 234 -3.72 -14.80 -7.95
N LEU D 235 -4.99 -15.16 -7.81
CA LEU D 235 -5.51 -16.36 -8.43
C LEU D 235 -6.12 -16.09 -9.79
N LEU D 236 -6.14 -14.84 -10.25
CA LEU D 236 -6.89 -14.48 -11.44
C LEU D 236 -6.11 -14.75 -12.72
N LYS D 237 -6.75 -15.41 -13.68
CA LYS D 237 -6.23 -15.53 -15.03
C LYS D 237 -6.32 -14.16 -15.69
N PRO D 238 -5.66 -13.96 -16.85
CA PRO D 238 -5.80 -12.68 -17.55
C PRO D 238 -7.26 -12.37 -17.85
N MET D 239 -7.62 -11.09 -17.72
CA MET D 239 -8.99 -10.57 -17.80
C MET D 239 -9.87 -11.05 -16.65
N GLY D 240 -9.25 -11.52 -15.57
CA GLY D 240 -10.02 -12.03 -14.44
C GLY D 240 -10.53 -10.92 -13.54
N LYS D 241 -11.53 -11.25 -12.73
CA LYS D 241 -12.12 -10.29 -11.82
C LYS D 241 -12.26 -10.89 -10.42
N VAL D 242 -11.74 -10.18 -9.43
CA VAL D 242 -12.00 -10.50 -8.04
C VAL D 242 -12.97 -9.45 -7.52
N VAL D 243 -14.17 -9.90 -7.15
CA VAL D 243 -15.20 -9.00 -6.66
C VAL D 243 -15.38 -9.32 -5.17
N THR D 244 -14.96 -8.37 -4.32
CA THR D 244 -15.03 -8.52 -2.89
C THR D 244 -16.34 -7.94 -2.38
N TYR D 245 -17.02 -8.68 -1.50
CA TYR D 245 -18.35 -8.28 -1.03
C TYR D 245 -18.56 -8.66 0.44
N GLY D 246 -17.50 -8.85 1.20
CA GLY D 246 -17.66 -9.12 2.62
C GLY D 246 -16.34 -9.00 3.33
N MET D 247 -16.42 -9.02 4.66
CA MET D 247 -15.26 -9.05 5.54
C MET D 247 -15.47 -10.12 6.59
N ALA D 248 -15.78 -11.32 6.13
CA ALA D 248 -16.13 -12.38 7.07
C ALA D 248 -14.93 -12.79 7.93
N ASN D 249 -13.76 -12.43 7.55
CA ASN D 249 -12.67 -12.74 8.39
C ASN D 249 -12.73 -11.97 9.64
N LEU D 250 -13.43 -10.86 9.63
CA LEU D 250 -13.52 -10.07 10.83
C LEU D 250 -14.20 -10.82 11.93
N LEU D 251 -15.07 -11.76 11.64
CA LEU D 251 -15.66 -12.57 12.69
C LEU D 251 -14.82 -13.78 12.89
N THR D 252 -14.05 -13.74 13.96
CA THR D 252 -13.01 -14.70 14.25
C THR D 252 -13.06 -15.19 15.69
N GLY D 253 -13.91 -16.15 16.00
CA GLY D 253 -14.00 -16.65 17.35
C GLY D 253 -14.36 -18.11 17.48
N ALA D 260 -5.09 -18.80 18.00
CA ALA D 260 -4.58 -17.45 18.19
C ALA D 260 -4.84 -16.66 16.91
N LEU D 261 -4.99 -15.34 17.00
CA LEU D 261 -5.15 -14.54 15.80
C LEU D 261 -3.84 -14.56 15.05
N ALA D 262 -3.87 -14.30 13.75
CA ALA D 262 -2.68 -14.45 12.95
C ALA D 262 -2.12 -13.15 12.44
N ARG D 263 -0.83 -13.12 12.12
CA ARG D 263 -0.21 -11.90 11.66
C ARG D 263 -0.88 -11.44 10.40
N THR D 264 -1.19 -12.37 9.52
CA THR D 264 -1.73 -12.03 8.23
C THR D 264 -3.03 -11.31 8.42
N TRP D 265 -3.66 -11.55 9.55
CA TRP D 265 -5.02 -11.15 9.71
C TRP D 265 -5.12 -9.65 9.55
N TRP D 266 -4.00 -8.97 9.69
CA TRP D 266 -3.99 -7.54 9.59
C TRP D 266 -3.72 -7.02 8.19
N ASN D 267 -3.66 -7.89 7.21
CA ASN D 267 -3.26 -7.51 5.86
C ASN D 267 -4.42 -6.94 5.06
N GLN D 268 -4.42 -5.61 4.88
CA GLN D 268 -5.39 -4.90 4.05
C GLN D 268 -4.95 -4.93 2.59
N PHE D 269 -5.93 -5.00 1.68
CA PHE D 269 -5.65 -5.07 0.25
C PHE D 269 -5.65 -3.70 -0.42
N SER D 270 -4.60 -3.42 -1.17
CA SER D 270 -4.53 -2.17 -1.91
C SER D 270 -3.87 -2.44 -3.26
N VAL D 271 -4.34 -1.74 -4.30
CA VAL D 271 -3.79 -1.96 -5.63
C VAL D 271 -3.74 -0.63 -6.37
N THR D 272 -2.77 -0.51 -7.26
CA THR D 272 -2.63 0.71 -8.04
C THR D 272 -3.01 0.44 -9.48
N ALA D 273 -3.26 1.54 -10.20
CA ALA D 273 -3.72 1.44 -11.57
C ALA D 273 -2.71 0.70 -12.44
N LEU D 274 -1.41 0.94 -12.22
CA LEU D 274 -0.41 0.28 -13.05
C LEU D 274 -0.33 -1.21 -12.76
N GLN D 275 -0.51 -1.61 -11.50
CA GLN D 275 -0.55 -3.03 -11.18
C GLN D 275 -1.67 -3.73 -11.94
N LEU D 276 -2.87 -3.17 -11.89
CA LEU D 276 -4.01 -3.73 -12.63
C LEU D 276 -3.73 -3.71 -14.11
N LEU D 277 -3.11 -2.64 -14.60
CA LEU D 277 -2.88 -2.48 -16.03
C LEU D 277 -1.95 -3.56 -16.54
N GLN D 278 -0.85 -3.81 -15.83
CA GLN D 278 0.13 -4.81 -16.25
C GLN D 278 -0.35 -6.23 -15.97
N ALA D 279 -1.16 -6.45 -14.93
CA ALA D 279 -1.70 -7.77 -14.63
C ALA D 279 -2.96 -8.14 -15.42
N ASN D 280 -3.57 -7.19 -16.13
CA ASN D 280 -4.81 -7.42 -16.87
C ASN D 280 -5.87 -8.02 -15.95
N ARG D 281 -6.10 -7.34 -14.82
CA ARG D 281 -7.03 -7.81 -13.78
C ARG D 281 -7.96 -6.68 -13.37
N ALA D 282 -9.03 -7.07 -12.69
CA ALA D 282 -10.05 -6.16 -12.19
C ALA D 282 -10.33 -6.46 -10.73
N VAL D 283 -10.52 -5.41 -9.95
CA VAL D 283 -10.96 -5.50 -8.56
C VAL D 283 -12.28 -4.74 -8.44
N CYS D 284 -13.28 -5.40 -7.87
CA CYS D 284 -14.62 -4.85 -7.78
C CYS D 284 -15.12 -4.98 -6.35
N GLY D 285 -15.95 -4.03 -5.95
CA GLY D 285 -16.59 -4.08 -4.65
C GLY D 285 -18.09 -3.98 -4.83
N PHE D 286 -18.81 -4.76 -4.03
CA PHE D 286 -20.26 -4.83 -4.12
C PHE D 286 -20.83 -4.77 -2.71
N HIS D 287 -21.79 -3.87 -2.48
CA HIS D 287 -22.49 -3.79 -1.20
C HIS D 287 -23.96 -3.50 -1.46
N LEU D 288 -24.82 -4.50 -1.26
CA LEU D 288 -26.24 -4.33 -1.55
C LEU D 288 -26.89 -3.27 -0.68
N GLY D 289 -26.45 -3.13 0.57
CA GLY D 289 -27.03 -2.13 1.45
C GLY D 289 -26.92 -0.73 0.90
N TYR D 290 -25.84 -0.44 0.19
CA TYR D 290 -25.61 0.85 -0.44
C TYR D 290 -26.27 0.97 -1.81
N LEU D 291 -27.18 0.07 -2.17
CA LEU D 291 -27.92 0.16 -3.42
C LEU D 291 -29.36 0.60 -3.20
N ASP D 292 -29.75 0.90 -1.96
CA ASP D 292 -31.06 1.48 -1.72
C ASP D 292 -31.17 2.82 -2.43
N GLY D 293 -32.35 3.13 -2.93
CA GLY D 293 -32.48 4.25 -3.82
C GLY D 293 -32.05 3.96 -5.25
N GLU D 294 -31.53 2.78 -5.52
CA GLU D 294 -31.28 2.33 -6.88
C GLU D 294 -32.25 1.20 -7.19
N VAL D 295 -33.54 1.52 -7.14
CA VAL D 295 -34.55 0.46 -7.20
C VAL D 295 -34.71 -0.08 -8.60
N GLU D 296 -34.43 0.73 -9.64
CA GLU D 296 -34.55 0.22 -11.00
C GLU D 296 -33.54 -0.90 -11.24
N LEU D 297 -32.30 -0.73 -10.75
CA LEU D 297 -31.27 -1.74 -10.91
C LEU D 297 -31.61 -3.02 -10.16
N VAL D 298 -31.86 -2.90 -8.86
CA VAL D 298 -32.21 -4.05 -8.04
C VAL D 298 -33.49 -4.71 -8.54
N SER D 299 -34.40 -3.91 -9.12
CA SER D 299 -35.64 -4.45 -9.66
C SER D 299 -35.41 -5.27 -10.91
N GLY D 300 -34.51 -4.80 -11.79
CA GLY D 300 -34.15 -5.62 -12.94
C GLY D 300 -33.48 -6.92 -12.54
N VAL D 301 -32.62 -6.87 -11.52
CA VAL D 301 -31.98 -8.09 -11.03
C VAL D 301 -33.02 -9.04 -10.46
N VAL D 302 -33.96 -8.52 -9.66
CA VAL D 302 -35.00 -9.37 -9.07
C VAL D 302 -35.86 -9.98 -10.16
N ALA D 303 -36.15 -9.21 -11.21
CA ALA D 303 -36.94 -9.72 -12.32
C ALA D 303 -36.20 -10.85 -13.02
N ARG D 304 -34.90 -10.68 -13.28
CA ARG D 304 -34.13 -11.76 -13.89
C ARG D 304 -34.14 -13.00 -13.01
N LEU D 305 -34.01 -12.81 -11.70
CA LEU D 305 -34.00 -13.95 -10.78
C LEU D 305 -35.33 -14.68 -10.76
N LEU D 306 -36.44 -13.93 -10.70
CA LEU D 306 -37.75 -14.56 -10.73
C LEU D 306 -38.00 -15.27 -12.05
N ALA D 307 -37.52 -14.71 -13.16
CA ALA D 307 -37.63 -15.39 -14.45
C ALA D 307 -36.89 -16.73 -14.42
N LEU D 308 -35.66 -16.72 -13.90
CA LEU D 308 -34.91 -17.97 -13.79
C LEU D 308 -35.61 -18.96 -12.87
N TYR D 309 -36.29 -18.45 -11.84
CA TYR D 309 -37.02 -19.33 -10.93
C TYR D 309 -38.20 -19.99 -11.60
N ASN D 310 -39.00 -19.20 -12.33
CA ASN D 310 -40.17 -19.74 -13.01
C ASN D 310 -39.78 -20.83 -13.99
N GLN D 311 -38.63 -20.65 -14.66
CA GLN D 311 -38.09 -21.64 -15.56
C GLN D 311 -37.42 -22.81 -14.84
N GLY D 312 -37.36 -22.78 -13.51
CA GLY D 312 -36.79 -23.89 -12.78
C GLY D 312 -35.29 -23.99 -12.84
N HIS D 313 -34.57 -22.88 -13.01
CA HIS D 313 -33.12 -22.93 -13.05
C HIS D 313 -32.48 -22.64 -11.69
N ILE D 314 -33.23 -22.06 -10.76
CA ILE D 314 -32.73 -21.80 -9.41
C ILE D 314 -33.82 -22.18 -8.41
N LYS D 315 -33.41 -22.73 -7.28
CA LYS D 315 -34.32 -23.11 -6.21
C LYS D 315 -33.60 -22.97 -4.88
N PRO D 316 -33.99 -22.00 -4.06
CA PRO D 316 -33.29 -21.77 -2.79
C PRO D 316 -33.35 -23.01 -1.91
N HIS D 317 -32.20 -23.34 -1.33
CA HIS D 317 -32.06 -24.49 -0.45
C HIS D 317 -32.18 -24.02 0.99
N ILE D 318 -33.19 -24.50 1.70
CA ILE D 318 -33.43 -24.12 3.09
C ILE D 318 -32.74 -25.13 4.00
N ASP D 319 -31.78 -24.66 4.80
CA ASP D 319 -31.08 -25.53 5.73
C ASP D 319 -31.93 -25.86 6.95
N SER D 320 -32.52 -24.85 7.57
CA SER D 320 -33.30 -25.07 8.78
C SER D 320 -34.19 -23.87 9.00
N VAL D 321 -35.30 -24.10 9.69
CA VAL D 321 -36.26 -23.06 10.03
C VAL D 321 -36.43 -23.03 11.54
N TRP D 322 -36.39 -21.83 12.12
CA TRP D 322 -36.42 -21.71 13.56
C TRP D 322 -37.48 -20.71 13.98
N PRO D 323 -38.17 -20.95 15.09
CA PRO D 323 -39.06 -19.94 15.67
C PRO D 323 -38.24 -18.85 16.33
N PHE D 324 -38.91 -17.73 16.61
CA PHE D 324 -38.20 -16.62 17.22
C PHE D 324 -37.57 -17.04 18.54
N GLU D 325 -38.28 -17.83 19.35
CA GLU D 325 -37.78 -18.18 20.69
C GLU D 325 -36.48 -18.96 20.66
N LYS D 326 -36.11 -19.58 19.53
CA LYS D 326 -34.82 -20.25 19.40
C LYS D 326 -33.84 -19.48 18.51
N VAL D 327 -34.03 -18.16 18.39
CA VAL D 327 -33.21 -17.34 17.50
C VAL D 327 -31.73 -17.57 17.76
N ALA D 328 -31.35 -17.70 19.04
CA ALA D 328 -29.96 -17.95 19.41
C ALA D 328 -29.41 -19.17 18.68
N ASP D 329 -30.10 -20.30 18.79
CA ASP D 329 -29.71 -21.50 18.05
C ASP D 329 -29.61 -21.21 16.56
N ALA D 330 -30.60 -20.49 16.02
CA ALA D 330 -30.55 -20.12 14.61
C ALA D 330 -29.24 -19.42 14.29
N MET D 331 -28.87 -18.42 15.10
CA MET D 331 -27.62 -17.72 14.84
C MET D 331 -26.44 -18.67 15.00
N LYS D 332 -26.47 -19.53 16.01
CA LYS D 332 -25.43 -20.54 16.14
C LYS D 332 -25.36 -21.38 14.87
N GLN D 333 -26.53 -21.73 14.32
CA GLN D 333 -26.59 -22.53 13.11
C GLN D 333 -25.74 -21.91 12.01
N MET D 334 -25.67 -20.59 11.98
CA MET D 334 -24.81 -19.93 11.00
C MET D 334 -23.41 -19.66 11.56
N GLN D 335 -23.31 -19.29 12.84
CA GLN D 335 -22.01 -18.83 13.35
C GLN D 335 -21.07 -19.97 13.63
N GLU D 336 -21.58 -21.14 13.99
CA GLU D 336 -20.79 -22.33 14.23
C GLU D 336 -20.64 -23.20 12.98
N LYS D 337 -20.84 -22.60 11.80
CA LYS D 337 -20.53 -23.22 10.51
C LYS D 337 -21.37 -24.47 10.25
N LYS D 338 -22.59 -24.53 10.77
CA LYS D 338 -23.40 -25.72 10.54
C LYS D 338 -24.30 -25.64 9.31
N ASN D 339 -24.66 -24.44 8.86
CA ASN D 339 -25.68 -24.33 7.84
C ASN D 339 -25.16 -24.74 6.46
N VAL D 340 -26.06 -25.32 5.68
CA VAL D 340 -25.86 -25.57 4.26
C VAL D 340 -27.10 -24.98 3.59
N GLY D 341 -26.97 -23.77 3.07
CA GLY D 341 -28.09 -23.06 2.52
C GLY D 341 -28.61 -21.97 3.44
N LYS D 342 -29.85 -21.59 3.21
CA LYS D 342 -30.45 -20.45 3.89
C LYS D 342 -31.01 -20.84 5.26
N VAL D 343 -30.76 -20.01 6.25
CA VAL D 343 -31.37 -20.19 7.57
C VAL D 343 -32.52 -19.21 7.69
N LEU D 344 -33.65 -19.69 8.18
CA LEU D 344 -34.86 -18.90 8.24
C LEU D 344 -35.39 -18.84 9.66
N LEU D 345 -36.09 -17.75 9.96
CA LEU D 345 -36.79 -17.57 11.20
C LEU D 345 -38.26 -17.50 10.84
N VAL D 346 -39.08 -18.20 11.62
CA VAL D 346 -40.53 -18.11 11.44
C VAL D 346 -41.14 -17.63 12.74
N PRO D 347 -42.23 -16.86 12.66
CA PRO D 347 -43.01 -16.49 13.83
C PRO D 347 -43.64 -17.73 14.45
N GLY D 348 -43.23 -18.04 15.67
CA GLY D 348 -43.80 -19.17 16.36
C GLY D 348 -44.86 -18.61 17.31
PA NAP E . 0.83 -1.99 31.64
O1A NAP E . 0.85 -2.08 33.13
O2A NAP E . 1.62 -0.87 31.21
O5B NAP E . -0.72 -1.81 31.23
C5B NAP E . -1.67 -1.61 32.26
C4B NAP E . -1.94 -0.28 32.40
O4B NAP E . -2.11 0.40 31.01
C3B NAP E . -3.31 -0.03 33.10
O3B NAP E . -3.11 0.17 34.53
C2B NAP E . -3.75 1.05 32.59
O2B NAP E . -3.23 2.15 33.37
C1B NAP E . -3.09 1.22 31.08
N9A NAP E . -3.95 0.86 30.03
C8A NAP E . -4.08 1.52 28.90
N7A NAP E . -4.90 0.92 28.14
C5A NAP E . -5.32 -0.18 28.76
C6A NAP E . -6.22 -1.23 28.42
N6A NAP E . -6.91 -1.25 27.15
N1A NAP E . -6.43 -2.17 29.28
C2A NAP E . -5.80 -2.14 30.45
N3A NAP E . -4.94 -1.19 30.82
C4A NAP E . -4.71 -0.19 29.96
O3 NAP E . 1.47 -3.35 31.00
PN NAP E . 2.89 -3.44 30.33
O1N NAP E . 3.30 -4.81 30.45
O2N NAP E . 3.92 -2.65 30.99
O5D NAP E . 2.78 -3.18 28.76
C5D NAP E . 2.21 -1.94 28.33
C4D NAP E . 2.28 -1.92 26.82
O4D NAP E . 3.70 -2.30 26.37
C3D NAP E . 1.52 -2.88 26.37
O3D NAP E . 0.83 -2.45 25.22
C2D NAP E . 2.52 -4.09 25.88
O2D NAP E . 1.76 -4.86 24.96
C1D NAP E . 3.49 -3.42 25.33
N1N NAP E . 4.73 -4.13 25.31
C2N NAP E . 5.29 -4.39 24.15
C3N NAP E . 6.48 -5.06 24.09
C7N NAP E . 7.19 -5.35 22.71
O7N NAP E . 8.20 -5.95 22.67
N7N NAP E . 6.63 -4.82 21.51
C4N NAP E . 7.09 -5.45 25.28
C5N NAP E . 6.47 -5.16 26.47
C6N NAP E . 5.28 -4.49 26.44
P2B NAP E . -3.81 3.64 33.18
O1X NAP E . -5.20 3.67 32.62
O2X NAP E . -3.88 4.32 34.49
O3X NAP E . -2.94 4.39 32.33
PA NAP F . 26.02 13.33 -5.87
O1A NAP F . 27.31 13.93 -6.30
O2A NAP F . 26.23 12.53 -4.68
O5B NAP F . 25.41 12.40 -7.07
C5B NAP F . 26.14 12.31 -8.27
C4B NAP F . 26.50 11.01 -8.36
O4B NAP F . 25.26 10.11 -8.17
C3B NAP F . 26.98 10.68 -9.81
O3B NAP F . 28.44 10.61 -9.76
C2B NAP F . 26.61 9.50 -10.02
O2B NAP F . 27.77 8.74 -9.66
C1B NAP F . 25.38 9.11 -8.95
N9A NAP F . 24.10 8.94 -9.52
C8A NAP F . 23.19 8.10 -9.06
N7A NAP F . 22.12 8.20 -9.74
C5A NAP F . 22.29 9.14 -10.66
C6A NAP F . 21.46 9.66 -11.68
N6A NAP F . 20.11 9.16 -11.84
N1A NAP F . 21.94 10.60 -12.45
C2A NAP F . 23.19 11.03 -12.28
N3A NAP F . 24.00 10.57 -11.33
C4A NAP F . 23.56 9.61 -10.51
O3 NAP F . 24.91 14.47 -5.44
PN NAP F . 24.71 14.95 -3.93
O1N NAP F . 24.72 16.39 -3.94
O2N NAP F . 25.78 14.47 -3.07
O5D NAP F . 23.29 14.50 -3.37
C5D NAP F . 22.97 13.10 -3.41
C4D NAP F . 21.54 12.89 -3.00
O4D NAP F . 21.32 13.41 -1.57
C3D NAP F . 20.77 13.59 -3.77
O3D NAP F . 19.65 12.80 -4.09
C2D NAP F . 20.16 14.81 -2.88
O2D NAP F . 18.86 15.05 -3.41
C1D NAP F . 20.08 14.34 -1.69
N1N NAP F . 20.22 15.36 -0.69
C2N NAP F . 19.23 15.58 0.14
C3N NAP F . 19.32 16.54 1.09
C7N NAP F . 18.10 16.72 2.04
O7N NAP F . 18.09 17.58 2.84
N7N NAP F . 17.02 15.81 1.88
C4N NAP F . 20.48 17.30 1.21
C5N NAP F . 21.51 17.05 0.34
C6N NAP F . 21.33 16.07 -0.60
P2B NAP F . 27.67 7.16 -9.64
O1X NAP F . 26.81 6.66 -10.75
O2X NAP F . 29.05 6.70 -9.79
O3X NAP F . 27.19 6.61 -8.42
PA NAP G . -4.86 8.11 -30.51
O1A NAP G . -4.48 8.46 -31.90
O2A NAP G . -6.23 7.72 -30.44
O5B NAP G . -4.56 9.41 -29.59
C5B NAP G . -4.15 10.62 -30.21
C4B NAP G . -5.18 11.46 -30.07
O4B NAP G . -5.55 11.52 -28.56
C3B NAP G . -4.84 12.95 -30.48
O3B NAP G . -5.48 13.24 -31.76
C2B NAP G . -5.39 13.68 -29.63
O2B NAP G . -6.67 14.04 -30.19
C1B NAP G . -5.67 12.76 -28.27
N9A NAP G . -4.68 12.96 -27.31
C8A NAP G . -4.89 12.98 -26.01
N7A NAP G . -3.78 13.16 -25.42
C5A NAP G . -2.82 13.25 -26.32
C6A NAP G . -1.41 13.44 -26.23
N6A NAP G . -0.78 13.58 -24.96
N1A NAP G . -0.73 13.50 -27.34
C2A NAP G . -1.37 13.37 -28.51
N3A NAP G . -2.68 13.17 -28.63
C4A NAP G . -3.41 13.12 -27.52
O3 NAP G . -3.99 6.82 -29.99
PN NAP G . -4.34 5.28 -30.11
O1N NAP G . -3.19 4.65 -30.67
O2N NAP G . -5.52 5.00 -30.93
O5D NAP G . -4.58 4.76 -28.60
C5D NAP G . -4.89 5.74 -27.61
C4D NAP G . -4.53 5.29 -26.20
O4D NAP G . -4.93 3.82 -25.90
C3D NAP G . -3.23 5.31 -26.02
O3D NAP G . -2.99 5.65 -24.67
C2D NAP G . -2.72 3.77 -26.20
O2D NAP G . -1.44 3.63 -25.60
C1D NAP G . -3.60 3.11 -25.53
N1N NAP G . -3.73 1.73 -25.96
C2N NAP G . -3.59 0.78 -25.07
C3N NAP G . -3.71 -0.53 -25.41
C7N NAP G . -3.55 -1.66 -24.31
O7N NAP G . -3.51 -2.80 -24.60
N7N NAP G . -3.48 -1.26 -22.95
C4N NAP G . -4.01 -0.86 -26.73
C5N NAP G . -4.15 0.16 -27.64
C6N NAP G . -4.01 1.45 -27.22
P2B NAP G . -7.52 15.10 -29.39
O1X NAP G . -6.68 15.83 -28.41
O2X NAP G . -8.08 16.07 -30.36
O3X NAP G . -8.62 14.47 -28.70
PA NAP H . -23.12 -17.97 4.91
O1A NAP H . -24.21 -19.01 4.84
O2A NAP H . -22.41 -18.01 3.66
O5B NAP H . -22.12 -18.18 6.19
C5B NAP H . -22.12 -19.41 6.93
C4B NAP H . -21.15 -20.21 6.43
O4B NAP H . -19.84 -19.41 6.37
C3B NAP H . -20.76 -21.33 7.44
O3B NAP H . -21.53 -22.51 7.04
C2B NAP H . -19.52 -21.56 7.26
O2B NAP H . -19.35 -22.80 6.51
C1B NAP H . -18.93 -20.29 6.38
N9A NAP H . -17.90 -19.65 7.07
C8A NAP H . -16.73 -19.29 6.57
N7A NAP H . -16.05 -18.71 7.47
C5A NAP H . -16.77 -18.63 8.59
C6A NAP H . -16.53 -18.09 9.88
N6A NAP H . -15.28 -17.42 10.22
N1A NAP H . -17.48 -18.19 10.77
C2A NAP H . -18.62 -18.79 10.44
N3A NAP H . -18.88 -19.31 9.26
C4A NAP H . -17.95 -19.23 8.30
O3 NAP H . -23.76 -16.44 5.03
PN NAP H . -24.34 -15.58 3.80
O1N NAP H . -25.49 -14.83 4.21
O2N NAP H . -24.75 -16.45 2.71
O5D NAP H . -23.24 -14.58 3.21
C5D NAP H . -21.92 -15.08 2.98
C4D NAP H . -21.02 -13.87 2.85
O4D NAP H . -21.64 -12.96 1.78
C3D NAP H . -21.06 -13.17 3.96
O3D NAP H . -19.75 -12.76 4.30
C2D NAP H . -21.94 -11.83 3.65
O2D NAP H . -21.50 -10.81 4.51
C1D NAP H . -21.65 -11.54 2.42
N1N NAP H . -22.71 -10.80 1.77
C2N NAP H . -22.44 -9.63 1.25
C3N NAP H . -23.42 -8.92 0.61
C7N NAP H . -23.10 -7.53 -0.03
O7N NAP H . -23.88 -7.02 -0.74
N7N NAP H . -21.86 -6.89 0.25
C4N NAP H . -24.69 -9.46 0.49
C5N NAP H . -24.95 -10.68 1.03
C6N NAP H . -23.91 -11.33 1.66
P2B NAP H . -17.94 -23.32 5.97
O1X NAP H . -16.85 -23.14 6.97
O2X NAP H . -18.09 -24.77 5.70
O3X NAP H . -17.59 -22.62 4.77
#